data_4M9O
# 
_entry.id   4M9O 
# 
_audit_conform.dict_name       mmcif_pdbx.dic 
_audit_conform.dict_version    5.397 
_audit_conform.dict_location   http://mmcif.pdb.org/dictionaries/ascii/mmcif_pdbx.dic 
# 
loop_
_database_2.database_id 
_database_2.database_code 
_database_2.pdbx_database_accession 
_database_2.pdbx_DOI 
PDB   4M9O         pdb_00004m9o 10.2210/pdb4m9o/pdb 
RCSB  RCSB081641   ?            ?                   
WWPDB D_1000081641 ?            ?                   
# 
loop_
_pdbx_audit_revision_history.ordinal 
_pdbx_audit_revision_history.data_content_type 
_pdbx_audit_revision_history.major_revision 
_pdbx_audit_revision_history.minor_revision 
_pdbx_audit_revision_history.revision_date 
1 'Structure model' 1 0 2014-09-24 
2 'Structure model' 1 1 2023-09-20 
3 'Structure model' 1 2 2024-10-30 
# 
_pdbx_audit_revision_details.ordinal             1 
_pdbx_audit_revision_details.revision_ordinal    1 
_pdbx_audit_revision_details.data_content_type   'Structure model' 
_pdbx_audit_revision_details.provider            repository 
_pdbx_audit_revision_details.type                'Initial release' 
_pdbx_audit_revision_details.description         ? 
_pdbx_audit_revision_details.details             ? 
# 
loop_
_pdbx_audit_revision_group.ordinal 
_pdbx_audit_revision_group.revision_ordinal 
_pdbx_audit_revision_group.data_content_type 
_pdbx_audit_revision_group.group 
1 2 'Structure model' 'Data collection'        
2 2 'Structure model' 'Database references'    
3 2 'Structure model' 'Refinement description' 
4 3 'Structure model' 'Structure summary'      
# 
loop_
_pdbx_audit_revision_category.ordinal 
_pdbx_audit_revision_category.revision_ordinal 
_pdbx_audit_revision_category.data_content_type 
_pdbx_audit_revision_category.category 
1 2 'Structure model' chem_comp_atom                
2 2 'Structure model' chem_comp_bond                
3 2 'Structure model' database_2                    
4 2 'Structure model' pdbx_initial_refinement_model 
5 2 'Structure model' struct_ref_seq_dif            
6 3 'Structure model' pdbx_entry_details            
7 3 'Structure model' pdbx_modification_feature     
# 
loop_
_pdbx_audit_revision_item.ordinal 
_pdbx_audit_revision_item.revision_ordinal 
_pdbx_audit_revision_item.data_content_type 
_pdbx_audit_revision_item.item 
1 2 'Structure model' '_database_2.pdbx_DOI'                
2 2 'Structure model' '_database_2.pdbx_database_accession' 
3 2 'Structure model' '_struct_ref_seq_dif.details'         
# 
_pdbx_database_status.status_code                     REL 
_pdbx_database_status.entry_id                        4M9O 
_pdbx_database_status.recvd_initial_deposition_date   2013-08-15 
_pdbx_database_status.deposit_site                    RCSB 
_pdbx_database_status.process_site                    RCSB 
_pdbx_database_status.status_code_sf                  REL 
_pdbx_database_status.status_code_mr                  ? 
_pdbx_database_status.SG_entry                        ? 
_pdbx_database_status.status_code_cs                  ? 
_pdbx_database_status.methods_development_category    ? 
_pdbx_database_status.pdb_format_compatible           Y 
_pdbx_database_status.status_code_nmr_data            ? 
# 
loop_
_audit_author.name 
_audit_author.pdbx_ordinal 
'Wu, P.H.'    1 
'Lai, M.H.'   2 
'Li, C.H.'    3 
'Chang, C.C.' 4 
'Chen, C.J.'  5 
# 
_citation.id                        primary 
_citation.title                     'Crystal Structure of monomeric zebrafish beta-2-microglobulin' 
_citation.journal_abbrev            'To be Published' 
_citation.journal_volume            ? 
_citation.page_first                ? 
_citation.page_last                 ? 
_citation.year                      ? 
_citation.journal_id_ASTM           ? 
_citation.country                   ? 
_citation.journal_id_ISSN           ? 
_citation.journal_id_CSD            0353 
_citation.book_publisher            ? 
_citation.pdbx_database_id_PubMed   ? 
_citation.pdbx_database_id_DOI      ? 
# 
loop_
_citation_author.citation_id 
_citation_author.name 
_citation_author.ordinal 
_citation_author.identifier_ORCID 
primary 'Wu, P.H.'    1 ? 
primary 'Lai, M.H.'   2 ? 
primary 'Li, C.H.'    3 ? 
primary 'Chang, C.C.' 4 ? 
primary 'Chen, C.J.'  5 ? 
# 
loop_
_entity.id 
_entity.type 
_entity.src_method 
_entity.pdbx_description 
_entity.formula_weight 
_entity.pdbx_number_of_molecules 
_entity.pdbx_ec 
_entity.pdbx_mutation 
_entity.pdbx_fragment 
_entity.details 
1 polymer man Beta-2-microglobulin 12444.122 1  ? ? ? ? 
2 water   nat water                18.015    51 ? ? ? ? 
# 
_entity_poly.entity_id                      1 
_entity_poly.type                           'polypeptide(L)' 
_entity_poly.nstd_linkage                   no 
_entity_poly.nstd_monomer                   no 
_entity_poly.pdbx_seq_one_letter_code       
;MGKVSTPKVHVYSHFPGEYGKPNTLICYVSSFHPPDISIELLKNGQVMSDTKQTDLAFEKGWQFHLTKSVAFTPEKGDEY
TCSVRHMKETKKFSWEPNMLEHHHHHH
;
_entity_poly.pdbx_seq_one_letter_code_can   
;MGKVSTPKVHVYSHFPGEYGKPNTLICYVSSFHPPDISIELLKNGQVMSDTKQTDLAFEKGWQFHLTKSVAFTPEKGDEY
TCSVRHMKETKKFSWEPNMLEHHHHHH
;
_entity_poly.pdbx_strand_id                 A 
_entity_poly.pdbx_target_identifier         ? 
# 
_pdbx_entity_nonpoly.entity_id   2 
_pdbx_entity_nonpoly.name        water 
_pdbx_entity_nonpoly.comp_id     HOH 
# 
loop_
_entity_poly_seq.entity_id 
_entity_poly_seq.num 
_entity_poly_seq.mon_id 
_entity_poly_seq.hetero 
1 1   MET n 
1 2   GLY n 
1 3   LYS n 
1 4   VAL n 
1 5   SER n 
1 6   THR n 
1 7   PRO n 
1 8   LYS n 
1 9   VAL n 
1 10  HIS n 
1 11  VAL n 
1 12  TYR n 
1 13  SER n 
1 14  HIS n 
1 15  PHE n 
1 16  PRO n 
1 17  GLY n 
1 18  GLU n 
1 19  TYR n 
1 20  GLY n 
1 21  LYS n 
1 22  PRO n 
1 23  ASN n 
1 24  THR n 
1 25  LEU n 
1 26  ILE n 
1 27  CYS n 
1 28  TYR n 
1 29  VAL n 
1 30  SER n 
1 31  SER n 
1 32  PHE n 
1 33  HIS n 
1 34  PRO n 
1 35  PRO n 
1 36  ASP n 
1 37  ILE n 
1 38  SER n 
1 39  ILE n 
1 40  GLU n 
1 41  LEU n 
1 42  LEU n 
1 43  LYS n 
1 44  ASN n 
1 45  GLY n 
1 46  GLN n 
1 47  VAL n 
1 48  MET n 
1 49  SER n 
1 50  ASP n 
1 51  THR n 
1 52  LYS n 
1 53  GLN n 
1 54  THR n 
1 55  ASP n 
1 56  LEU n 
1 57  ALA n 
1 58  PHE n 
1 59  GLU n 
1 60  LYS n 
1 61  GLY n 
1 62  TRP n 
1 63  GLN n 
1 64  PHE n 
1 65  HIS n 
1 66  LEU n 
1 67  THR n 
1 68  LYS n 
1 69  SER n 
1 70  VAL n 
1 71  ALA n 
1 72  PHE n 
1 73  THR n 
1 74  PRO n 
1 75  GLU n 
1 76  LYS n 
1 77  GLY n 
1 78  ASP n 
1 79  GLU n 
1 80  TYR n 
1 81  THR n 
1 82  CYS n 
1 83  SER n 
1 84  VAL n 
1 85  ARG n 
1 86  HIS n 
1 87  MET n 
1 88  LYS n 
1 89  GLU n 
1 90  THR n 
1 91  LYS n 
1 92  LYS n 
1 93  PHE n 
1 94  SER n 
1 95  TRP n 
1 96  GLU n 
1 97  PRO n 
1 98  ASN n 
1 99  MET n 
1 100 LEU n 
1 101 GLU n 
1 102 HIS n 
1 103 HIS n 
1 104 HIS n 
1 105 HIS n 
1 106 HIS n 
1 107 HIS n 
# 
_entity_src_gen.entity_id                          1 
_entity_src_gen.pdbx_src_id                        1 
_entity_src_gen.pdbx_alt_source_flag               sample 
_entity_src_gen.pdbx_seq_type                      ? 
_entity_src_gen.pdbx_beg_seq_num                   ? 
_entity_src_gen.pdbx_end_seq_num                   ? 
_entity_src_gen.gene_src_common_name               'leopard danio,zebra danio,zebra fish' 
_entity_src_gen.gene_src_genus                     ? 
_entity_src_gen.pdbx_gene_src_gene                 'b2m, beta-2-microglobulin' 
_entity_src_gen.gene_src_species                   ? 
_entity_src_gen.gene_src_strain                    AB 
_entity_src_gen.gene_src_tissue                    ? 
_entity_src_gen.gene_src_tissue_fraction           ? 
_entity_src_gen.gene_src_details                   ? 
_entity_src_gen.pdbx_gene_src_fragment             ? 
_entity_src_gen.pdbx_gene_src_scientific_name      'Danio rerio' 
_entity_src_gen.pdbx_gene_src_ncbi_taxonomy_id     7955 
_entity_src_gen.pdbx_gene_src_variant              ? 
_entity_src_gen.pdbx_gene_src_cell_line            ? 
_entity_src_gen.pdbx_gene_src_atcc                 ? 
_entity_src_gen.pdbx_gene_src_organ                ? 
_entity_src_gen.pdbx_gene_src_organelle            ? 
_entity_src_gen.pdbx_gene_src_cell                 ? 
_entity_src_gen.pdbx_gene_src_cellular_location    ? 
_entity_src_gen.host_org_common_name               ? 
_entity_src_gen.pdbx_host_org_scientific_name      'Escherichia coli' 
_entity_src_gen.pdbx_host_org_ncbi_taxonomy_id     469008 
_entity_src_gen.host_org_genus                     ? 
_entity_src_gen.pdbx_host_org_gene                 ? 
_entity_src_gen.pdbx_host_org_organ                ? 
_entity_src_gen.host_org_species                   ? 
_entity_src_gen.pdbx_host_org_tissue               ? 
_entity_src_gen.pdbx_host_org_tissue_fraction      ? 
_entity_src_gen.pdbx_host_org_strain               'BL21(DE3)' 
_entity_src_gen.pdbx_host_org_variant              ? 
_entity_src_gen.pdbx_host_org_cell_line            ? 
_entity_src_gen.pdbx_host_org_atcc                 ? 
_entity_src_gen.pdbx_host_org_culture_collection   ? 
_entity_src_gen.pdbx_host_org_cell                 ? 
_entity_src_gen.pdbx_host_org_organelle            ? 
_entity_src_gen.pdbx_host_org_cellular_location    ? 
_entity_src_gen.pdbx_host_org_vector_type          plasmid 
_entity_src_gen.pdbx_host_org_vector               ? 
_entity_src_gen.host_org_details                   ? 
_entity_src_gen.expression_system_id               ? 
_entity_src_gen.plasmid_name                       'pET28a vector' 
_entity_src_gen.plasmid_details                    ? 
_entity_src_gen.pdbx_description                   ? 
# 
loop_
_chem_comp.id 
_chem_comp.type 
_chem_comp.mon_nstd_flag 
_chem_comp.name 
_chem_comp.pdbx_synonyms 
_chem_comp.formula 
_chem_comp.formula_weight 
ALA 'L-peptide linking' y ALANINE         ? 'C3 H7 N O2'     89.093  
ARG 'L-peptide linking' y ARGININE        ? 'C6 H15 N4 O2 1' 175.209 
ASN 'L-peptide linking' y ASPARAGINE      ? 'C4 H8 N2 O3'    132.118 
ASP 'L-peptide linking' y 'ASPARTIC ACID' ? 'C4 H7 N O4'     133.103 
CYS 'L-peptide linking' y CYSTEINE        ? 'C3 H7 N O2 S'   121.158 
GLN 'L-peptide linking' y GLUTAMINE       ? 'C5 H10 N2 O3'   146.144 
GLU 'L-peptide linking' y 'GLUTAMIC ACID' ? 'C5 H9 N O4'     147.129 
GLY 'peptide linking'   y GLYCINE         ? 'C2 H5 N O2'     75.067  
HIS 'L-peptide linking' y HISTIDINE       ? 'C6 H10 N3 O2 1' 156.162 
HOH non-polymer         . WATER           ? 'H2 O'           18.015  
ILE 'L-peptide linking' y ISOLEUCINE      ? 'C6 H13 N O2'    131.173 
LEU 'L-peptide linking' y LEUCINE         ? 'C6 H13 N O2'    131.173 
LYS 'L-peptide linking' y LYSINE          ? 'C6 H15 N2 O2 1' 147.195 
MET 'L-peptide linking' y METHIONINE      ? 'C5 H11 N O2 S'  149.211 
PHE 'L-peptide linking' y PHENYLALANINE   ? 'C9 H11 N O2'    165.189 
PRO 'L-peptide linking' y PROLINE         ? 'C5 H9 N O2'     115.130 
SER 'L-peptide linking' y SERINE          ? 'C3 H7 N O3'     105.093 
THR 'L-peptide linking' y THREONINE       ? 'C4 H9 N O3'     119.119 
TRP 'L-peptide linking' y TRYPTOPHAN      ? 'C11 H12 N2 O2'  204.225 
TYR 'L-peptide linking' y TYROSINE        ? 'C9 H11 N O3'    181.189 
VAL 'L-peptide linking' y VALINE          ? 'C5 H11 N O2'    117.146 
# 
loop_
_pdbx_poly_seq_scheme.asym_id 
_pdbx_poly_seq_scheme.entity_id 
_pdbx_poly_seq_scheme.seq_id 
_pdbx_poly_seq_scheme.mon_id 
_pdbx_poly_seq_scheme.ndb_seq_num 
_pdbx_poly_seq_scheme.pdb_seq_num 
_pdbx_poly_seq_scheme.auth_seq_num 
_pdbx_poly_seq_scheme.pdb_mon_id 
_pdbx_poly_seq_scheme.auth_mon_id 
_pdbx_poly_seq_scheme.pdb_strand_id 
_pdbx_poly_seq_scheme.pdb_ins_code 
_pdbx_poly_seq_scheme.hetero 
A 1 1   MET 1   -1  ?  ?   ?   A . n 
A 1 2   GLY 2   0   ?  ?   ?   A . n 
A 1 3   LYS 3   1   1  LYS LYS A . n 
A 1 4   VAL 4   2   2  VAL VAL A . n 
A 1 5   SER 5   3   3  SER SER A . n 
A 1 6   THR 6   4   4  THR THR A . n 
A 1 7   PRO 7   5   5  PRO PRO A . n 
A 1 8   LYS 8   6   6  LYS LYS A . n 
A 1 9   VAL 9   7   7  VAL VAL A . n 
A 1 10  HIS 10  8   8  HIS HIS A . n 
A 1 11  VAL 11  9   9  VAL VAL A . n 
A 1 12  TYR 12  10  10 TYR TYR A . n 
A 1 13  SER 13  11  11 SER SER A . n 
A 1 14  HIS 14  12  12 HIS HIS A . n 
A 1 15  PHE 15  13  13 PHE PHE A . n 
A 1 16  PRO 16  14  14 PRO PRO A . n 
A 1 17  GLY 17  15  15 GLY GLY A . n 
A 1 18  GLU 18  16  16 GLU GLU A . n 
A 1 19  TYR 19  17  17 TYR TYR A . n 
A 1 20  GLY 20  18  18 GLY GLY A . n 
A 1 21  LYS 21  19  19 LYS LYS A . n 
A 1 22  PRO 22  20  20 PRO PRO A . n 
A 1 23  ASN 23  21  21 ASN ASN A . n 
A 1 24  THR 24  22  22 THR THR A . n 
A 1 25  LEU 25  23  23 LEU LEU A . n 
A 1 26  ILE 26  24  24 ILE ILE A . n 
A 1 27  CYS 27  25  25 CYS CYS A . n 
A 1 28  TYR 28  26  26 TYR TYR A . n 
A 1 29  VAL 29  27  27 VAL VAL A . n 
A 1 30  SER 30  28  28 SER SER A . n 
A 1 31  SER 31  29  29 SER SER A . n 
A 1 32  PHE 32  30  30 PHE PHE A . n 
A 1 33  HIS 33  31  31 HIS HIS A . n 
A 1 34  PRO 34  32  32 PRO PRO A . n 
A 1 35  PRO 35  33  33 PRO PRO A . n 
A 1 36  ASP 36  34  34 ASP ASP A . n 
A 1 37  ILE 37  35  35 ILE ILE A . n 
A 1 38  SER 38  36  36 SER SER A . n 
A 1 39  ILE 39  37  37 ILE ILE A . n 
A 1 40  GLU 40  38  38 GLU GLU A . n 
A 1 41  LEU 41  39  39 LEU LEU A . n 
A 1 42  LEU 42  40  40 LEU LEU A . n 
A 1 43  LYS 43  41  41 LYS LYS A . n 
A 1 44  ASN 44  42  42 ASN ASN A . n 
A 1 45  GLY 45  43  43 GLY GLY A . n 
A 1 46  GLN 46  44  44 GLN GLN A . n 
A 1 47  VAL 47  45  45 VAL VAL A . n 
A 1 48  MET 48  46  46 MET MET A . n 
A 1 49  SER 49  47  47 SER SER A . n 
A 1 50  ASP 50  48  48 ASP ASP A . n 
A 1 51  THR 51  49  49 THR THR A . n 
A 1 52  LYS 52  50  50 LYS LYS A . n 
A 1 53  GLN 53  51  51 GLN GLN A . n 
A 1 54  THR 54  52  52 THR THR A . n 
A 1 55  ASP 55  53  53 ASP ASP A . n 
A 1 56  LEU 56  54  54 LEU LEU A . n 
A 1 57  ALA 57  55  55 ALA ALA A . n 
A 1 58  PHE 58  56  56 PHE PHE A . n 
A 1 59  GLU 59  57  57 GLU GLU A . n 
A 1 60  LYS 60  58  58 LYS LYS A . n 
A 1 61  GLY 61  59  59 GLY GLY A . n 
A 1 62  TRP 62  60  60 TRP TRP A . n 
A 1 63  GLN 63  61  61 GLN GLN A . n 
A 1 64  PHE 64  62  62 PHE PHE A . n 
A 1 65  HIS 65  63  63 HIS HIS A . n 
A 1 66  LEU 66  64  64 LEU LEU A . n 
A 1 67  THR 67  65  65 THR THR A . n 
A 1 68  LYS 68  66  66 LYS LYS A . n 
A 1 69  SER 69  67  67 SER SER A . n 
A 1 70  VAL 70  68  68 VAL VAL A . n 
A 1 71  ALA 71  69  69 ALA ALA A . n 
A 1 72  PHE 72  70  70 PHE PHE A . n 
A 1 73  THR 73  71  71 THR THR A . n 
A 1 74  PRO 74  72  72 PRO PRO A . n 
A 1 75  GLU 75  73  73 GLU GLU A . n 
A 1 76  LYS 76  74  74 LYS LYS A . n 
A 1 77  GLY 77  75  75 GLY GLY A . n 
A 1 78  ASP 78  76  76 ASP ASP A . n 
A 1 79  GLU 79  77  77 GLU GLU A . n 
A 1 80  TYR 80  78  78 TYR TYR A . n 
A 1 81  THR 81  79  79 THR THR A . n 
A 1 82  CYS 82  80  80 CYS CYS A . n 
A 1 83  SER 83  81  81 SER SER A . n 
A 1 84  VAL 84  82  82 VAL VAL A . n 
A 1 85  ARG 85  83  83 ARG ARG A . n 
A 1 86  HIS 86  84  84 HIS HIS A . n 
A 1 87  MET 87  85  85 MET MET A . n 
A 1 88  LYS 88  86  86 LYS LYS A . n 
A 1 89  GLU 89  87  87 GLU GLU A . n 
A 1 90  THR 90  88  88 THR THR A . n 
A 1 91  LYS 91  89  89 LYS LYS A . n 
A 1 92  LYS 92  90  90 LYS LYS A . n 
A 1 93  PHE 93  91  91 PHE PHE A . n 
A 1 94  SER 94  92  92 SER SER A . n 
A 1 95  TRP 95  93  93 TRP TRP A . n 
A 1 96  GLU 96  94  94 GLU GLU A . n 
A 1 97  PRO 97  95  95 PRO PRO A . n 
A 1 98  ASN 98  96  96 ASN ASN A . n 
A 1 99  MET 99  97  97 MET MET A . n 
A 1 100 LEU 100 98  ?  ?   ?   A . n 
A 1 101 GLU 101 99  ?  ?   ?   A . n 
A 1 102 HIS 102 100 ?  ?   ?   A . n 
A 1 103 HIS 103 101 ?  ?   ?   A . n 
A 1 104 HIS 104 102 ?  ?   ?   A . n 
A 1 105 HIS 105 103 ?  ?   ?   A . n 
A 1 106 HIS 106 104 ?  ?   ?   A . n 
A 1 107 HIS 107 105 ?  ?   ?   A . n 
# 
loop_
_pdbx_nonpoly_scheme.asym_id 
_pdbx_nonpoly_scheme.entity_id 
_pdbx_nonpoly_scheme.mon_id 
_pdbx_nonpoly_scheme.ndb_seq_num 
_pdbx_nonpoly_scheme.pdb_seq_num 
_pdbx_nonpoly_scheme.auth_seq_num 
_pdbx_nonpoly_scheme.pdb_mon_id 
_pdbx_nonpoly_scheme.auth_mon_id 
_pdbx_nonpoly_scheme.pdb_strand_id 
_pdbx_nonpoly_scheme.pdb_ins_code 
B 2 HOH 1  201 1  HOH HOH A . 
B 2 HOH 2  202 2  HOH HOH A . 
B 2 HOH 3  203 3  HOH HOH A . 
B 2 HOH 4  204 4  HOH HOH A . 
B 2 HOH 5  205 5  HOH HOH A . 
B 2 HOH 6  206 6  HOH HOH A . 
B 2 HOH 7  207 7  HOH HOH A . 
B 2 HOH 8  208 8  HOH HOH A . 
B 2 HOH 9  209 9  HOH HOH A . 
B 2 HOH 10 210 10 HOH HOH A . 
B 2 HOH 11 211 11 HOH HOH A . 
B 2 HOH 12 212 12 HOH HOH A . 
B 2 HOH 13 213 13 HOH HOH A . 
B 2 HOH 14 214 14 HOH HOH A . 
B 2 HOH 15 215 15 HOH HOH A . 
B 2 HOH 16 216 16 HOH HOH A . 
B 2 HOH 17 217 17 HOH HOH A . 
B 2 HOH 18 218 18 HOH HOH A . 
B 2 HOH 19 219 19 HOH HOH A . 
B 2 HOH 20 220 20 HOH HOH A . 
B 2 HOH 21 221 21 HOH HOH A . 
B 2 HOH 22 222 22 HOH HOH A . 
B 2 HOH 23 223 23 HOH HOH A . 
B 2 HOH 24 224 24 HOH HOH A . 
B 2 HOH 25 225 25 HOH HOH A . 
B 2 HOH 26 226 26 HOH HOH A . 
B 2 HOH 27 227 27 HOH HOH A . 
B 2 HOH 28 228 28 HOH HOH A . 
B 2 HOH 29 229 29 HOH HOH A . 
B 2 HOH 30 230 30 HOH HOH A . 
B 2 HOH 31 231 31 HOH HOH A . 
B 2 HOH 32 232 32 HOH HOH A . 
B 2 HOH 33 233 33 HOH HOH A . 
B 2 HOH 34 234 34 HOH HOH A . 
B 2 HOH 35 235 35 HOH HOH A . 
B 2 HOH 36 236 36 HOH HOH A . 
B 2 HOH 37 237 37 HOH HOH A . 
B 2 HOH 38 238 38 HOH HOH A . 
B 2 HOH 39 239 39 HOH HOH A . 
B 2 HOH 40 240 40 HOH HOH A . 
B 2 HOH 41 241 41 HOH HOH A . 
B 2 HOH 42 242 42 HOH HOH A . 
B 2 HOH 43 243 43 HOH HOH A . 
B 2 HOH 44 244 44 HOH HOH A . 
B 2 HOH 45 245 45 HOH HOH A . 
B 2 HOH 46 246 46 HOH HOH A . 
B 2 HOH 47 247 47 HOH HOH A . 
B 2 HOH 48 248 48 HOH HOH A . 
B 2 HOH 49 249 49 HOH HOH A . 
B 2 HOH 50 250 50 HOH HOH A . 
B 2 HOH 51 251 51 HOH HOH A . 
# 
loop_
_software.name 
_software.classification 
_software.version 
_software.citation_id 
_software.pdbx_ordinal 
HKL-2000 'data collection' .        ? 1 
AMoRE    phasing           .        ? 2 
REFMAC   refinement        5.5.0109 ? 3 
HKL-2000 'data reduction'  .        ? 4 
HKL-2000 'data scaling'    .        ? 5 
# 
_cell.entry_id           4M9O 
_cell.length_a           38.084 
_cell.length_b           50.926 
_cell.length_c           54.070 
_cell.angle_alpha        90.00 
_cell.angle_beta         90.00 
_cell.angle_gamma        90.00 
_cell.Z_PDB              4 
_cell.pdbx_unique_axis   ? 
_cell.length_a_esd       ? 
_cell.length_b_esd       ? 
_cell.length_c_esd       ? 
_cell.angle_alpha_esd    ? 
_cell.angle_beta_esd     ? 
_cell.angle_gamma_esd    ? 
# 
_symmetry.entry_id                         4M9O 
_symmetry.space_group_name_H-M             'P 21 21 21' 
_symmetry.pdbx_full_space_group_name_H-M   ? 
_symmetry.cell_setting                     ? 
_symmetry.Int_Tables_number                19 
_symmetry.space_group_name_Hall            ? 
# 
_exptl.entry_id          4M9O 
_exptl.method            'X-RAY DIFFRACTION' 
_exptl.crystals_number   1 
# 
_exptl_crystal.id                    1 
_exptl_crystal.density_meas          ? 
_exptl_crystal.density_Matthews      2.11 
_exptl_crystal.density_percent_sol   41.62 
_exptl_crystal.description           ? 
_exptl_crystal.F_000                 ? 
_exptl_crystal.preparation           ? 
# 
_exptl_crystal_grow.crystal_id      1 
_exptl_crystal_grow.method          'VAPOR DIFFUSION, HANGING DROP' 
_exptl_crystal_grow.temp            291 
_exptl_crystal_grow.temp_details    ? 
_exptl_crystal_grow.pH              5.6 
_exptl_crystal_grow.pdbx_details    
;30% w/v polyethylene glycol 8,000, 0.2 M sodium acetate trihydrate in 0.1 M sodium cacodylate trihydrate, pH 6.5, VAPOR DIFFUSION, HANGING DROP, temperature 291K
;
_exptl_crystal_grow.pdbx_pH_range   ? 
# 
_diffrn.id                     1 
_diffrn.ambient_temp           110 
_diffrn.ambient_temp_details   ? 
_diffrn.crystal_id             1 
# 
_diffrn_detector.diffrn_id              1 
_diffrn_detector.detector               CCD 
_diffrn_detector.type                   'ADSC QUANTUM 315r' 
_diffrn_detector.pdbx_collection_date   2011-03-31 
_diffrn_detector.details                
'Vertically Collimating Premirror, LN2-Cooled Fixed-Exit Double Crystal Si(111) Monochromator, Toroidal Focusing Mirror' 
# 
_diffrn_radiation.diffrn_id                        1 
_diffrn_radiation.wavelength_id                    1 
_diffrn_radiation.pdbx_monochromatic_or_laue_m_l   M 
_diffrn_radiation.monochromator                    'LN2-Cooled, Fixed-Exit Double Crystal Monochromator' 
_diffrn_radiation.pdbx_diffrn_protocol             'SINGLE WAVELENGTH' 
_diffrn_radiation.pdbx_scattering_type             x-ray 
# 
_diffrn_radiation_wavelength.id           1 
_diffrn_radiation_wavelength.wavelength   1.00 
_diffrn_radiation_wavelength.wt           1.0 
# 
_diffrn_source.diffrn_id                   1 
_diffrn_source.source                      SYNCHROTRON 
_diffrn_source.type                        'NSRRC BEAMLINE BL13B1' 
_diffrn_source.pdbx_synchrotron_site       NSRRC 
_diffrn_source.pdbx_synchrotron_beamline   BL13B1 
_diffrn_source.pdbx_wavelength             ? 
_diffrn_source.pdbx_wavelength_list        1.00 
# 
_reflns.entry_id                     4M9O 
_reflns.observed_criterion_sigma_I   1 
_reflns.observed_criterion_sigma_F   1 
_reflns.d_resolution_low             30.00 
_reflns.d_resolution_high            2.14 
_reflns.number_obs                   6117 
_reflns.number_all                   6117 
_reflns.percent_possible_obs         98.9 
_reflns.pdbx_Rmerge_I_obs            0.056 
_reflns.pdbx_Rsym_value              0.044 
_reflns.pdbx_netI_over_sigmaI        27.5 
_reflns.B_iso_Wilson_estimate        ? 
_reflns.pdbx_redundancy              5.9 
_reflns.R_free_details               ? 
_reflns.limit_h_max                  ? 
_reflns.limit_h_min                  ? 
_reflns.limit_k_max                  ? 
_reflns.limit_k_min                  ? 
_reflns.limit_l_max                  ? 
_reflns.limit_l_min                  ? 
_reflns.observed_criterion_F_max     ? 
_reflns.observed_criterion_F_min     ? 
_reflns.pdbx_chi_squared             ? 
_reflns.pdbx_scaling_rejects         ? 
_reflns.pdbx_ordinal                 1 
_reflns.pdbx_diffrn_id               1 
# 
_reflns_shell.d_res_high             2.14 
_reflns_shell.d_res_low              2.17 
_reflns_shell.percent_possible_all   99.0 
_reflns_shell.Rmerge_I_obs           0.216 
_reflns_shell.pdbx_Rsym_value        0.197 
_reflns_shell.meanI_over_sigI_obs    6.9 
_reflns_shell.pdbx_redundancy        5.8 
_reflns_shell.percent_possible_obs   ? 
_reflns_shell.number_unique_all      300 
_reflns_shell.number_measured_all    ? 
_reflns_shell.number_measured_obs    ? 
_reflns_shell.number_unique_obs      ? 
_reflns_shell.pdbx_chi_squared       ? 
_reflns_shell.pdbx_ordinal           1 
_reflns_shell.pdbx_diffrn_id         1 
# 
_refine.entry_id                                 4M9O 
_refine.ls_number_reflns_obs                     5795 
_refine.ls_number_reflns_all                     5795 
_refine.pdbx_ls_sigma_I                          ? 
_refine.pdbx_ls_sigma_F                          1 
_refine.pdbx_data_cutoff_high_absF               ? 
_refine.pdbx_data_cutoff_low_absF                ? 
_refine.pdbx_data_cutoff_high_rms_absF           ? 
_refine.ls_d_res_low                             30.00 
_refine.ls_d_res_high                            2.14 
_refine.ls_percent_reflns_obs                    98.68 
_refine.ls_R_factor_obs                          0.17486 
_refine.ls_R_factor_all                          ? 
_refine.ls_R_factor_R_work                       0.17213 
_refine.ls_R_factor_R_free                       0.23085 
_refine.ls_R_factor_R_free_error                 ? 
_refine.ls_R_factor_R_free_error_details         ? 
_refine.ls_percent_reflns_R_free                 4.6 
_refine.ls_number_reflns_R_free                  282 
_refine.ls_number_parameters                     ? 
_refine.ls_number_restraints                     ? 
_refine.occupancy_min                            ? 
_refine.occupancy_max                            ? 
_refine.correlation_coeff_Fo_to_Fc               0.960 
_refine.correlation_coeff_Fo_to_Fc_free          0.925 
_refine.B_iso_mean                               27.251 
_refine.aniso_B[1][1]                            -0.75 
_refine.aniso_B[2][2]                            1.56 
_refine.aniso_B[3][3]                            -0.81 
_refine.aniso_B[1][2]                            0.00 
_refine.aniso_B[1][3]                            0.00 
_refine.aniso_B[2][3]                            0.00 
_refine.solvent_model_details                    MASK 
_refine.solvent_model_param_ksol                 ? 
_refine.solvent_model_param_bsol                 ? 
_refine.pdbx_solvent_vdw_probe_radii             1.40 
_refine.pdbx_solvent_ion_probe_radii             0.80 
_refine.pdbx_solvent_shrinkage_radii             0.80 
_refine.pdbx_ls_cross_valid_method               THROUGHOUT 
_refine.details                                  'HYDROGENS HAVE BEEN ADDED IN THE RIDING POSITIONS' 
_refine.pdbx_starting_model                      'PDB ENTRY 3GBL' 
_refine.pdbx_method_to_determine_struct          'MOLECULAR REPLACEMENT' 
_refine.pdbx_isotropic_thermal_model             ? 
_refine.pdbx_stereochemistry_target_values       'MAXIMUM LIKELIHOOD' 
_refine.pdbx_stereochem_target_val_spec_case     ? 
_refine.pdbx_R_Free_selection_details            RANDOM 
_refine.pdbx_overall_ESU_R                       0.224 
_refine.pdbx_overall_ESU_R_Free                  0.193 
_refine.overall_SU_ML                            0.137 
_refine.pdbx_overall_phase_error                 ? 
_refine.overall_SU_B                             5.344 
_refine.overall_SU_R_Cruickshank_DPI             ? 
_refine.ls_redundancy_reflns_obs                 ? 
_refine.B_iso_min                                ? 
_refine.B_iso_max                                ? 
_refine.overall_SU_R_free                        ? 
_refine.ls_wR_factor_R_free                      ? 
_refine.ls_wR_factor_R_work                      ? 
_refine.overall_FOM_free_R_set                   ? 
_refine.overall_FOM_work_R_set                   ? 
_refine.pdbx_diffrn_id                           1 
_refine.pdbx_refine_id                           'X-RAY DIFFRACTION' 
_refine.pdbx_TLS_residual_ADP_flag               ? 
_refine.pdbx_overall_SU_R_free_Cruickshank_DPI   ? 
_refine.pdbx_overall_SU_R_Blow_DPI               ? 
_refine.pdbx_overall_SU_R_free_Blow_DPI          ? 
# 
_refine_hist.pdbx_refine_id                   'X-RAY DIFFRACTION' 
_refine_hist.cycle_id                         LAST 
_refine_hist.pdbx_number_atoms_protein        786 
_refine_hist.pdbx_number_atoms_nucleic_acid   0 
_refine_hist.pdbx_number_atoms_ligand         0 
_refine_hist.number_atoms_solvent             51 
_refine_hist.number_atoms_total               837 
_refine_hist.d_res_high                       2.14 
_refine_hist.d_res_low                        30.00 
# 
loop_
_refine_ls_restr.type 
_refine_ls_restr.dev_ideal 
_refine_ls_restr.dev_ideal_target 
_refine_ls_restr.weight 
_refine_ls_restr.number 
_refine_ls_restr.pdbx_restraint_function 
_refine_ls_restr.pdbx_refine_id 
r_bond_refined_d       0.021  0.022  ? 820  ? 'X-RAY DIFFRACTION' 
r_angle_refined_deg    2.074  1.944  ? 1110 ? 'X-RAY DIFFRACTION' 
r_dihedral_angle_1_deg 6.798  5.000  ? 97   ? 'X-RAY DIFFRACTION' 
r_dihedral_angle_2_deg 38.772 24.571 ? 35   ? 'X-RAY DIFFRACTION' 
r_dihedral_angle_3_deg 17.160 15.000 ? 144  ? 'X-RAY DIFFRACTION' 
r_dihedral_angle_4_deg 7.927  15.000 ? 1    ? 'X-RAY DIFFRACTION' 
r_chiral_restr         0.151  0.200  ? 117  ? 'X-RAY DIFFRACTION' 
r_gen_planes_refined   0.009  0.021  ? 613  ? 'X-RAY DIFFRACTION' 
r_mcbond_it            1.194  1.500  ? 491  ? 'X-RAY DIFFRACTION' 
r_mcangle_it           2.368  2.000  ? 803  ? 'X-RAY DIFFRACTION' 
r_scbond_it            3.931  3.000  ? 329  ? 'X-RAY DIFFRACTION' 
r_scangle_it           6.683  4.500  ? 307  ? 'X-RAY DIFFRACTION' 
# 
_refine_ls_shell.pdbx_total_number_of_bins_used   20 
_refine_ls_shell.d_res_high                       2.140 
_refine_ls_shell.d_res_low                        2.196 
_refine_ls_shell.number_reflns_R_work             404 
_refine_ls_shell.R_factor_R_work                  0.164 
_refine_ls_shell.percent_reflns_obs               96.83 
_refine_ls_shell.R_factor_R_free                  0.318 
_refine_ls_shell.R_factor_R_free_error            ? 
_refine_ls_shell.percent_reflns_R_free            ? 
_refine_ls_shell.number_reflns_R_free             24 
_refine_ls_shell.number_reflns_all                ? 
_refine_ls_shell.R_factor_all                     ? 
_refine_ls_shell.number_reflns_obs                ? 
_refine_ls_shell.redundancy_reflns_obs            ? 
_refine_ls_shell.pdbx_refine_id                   'X-RAY DIFFRACTION' 
# 
_struct.entry_id                  4M9O 
_struct.title                     'Crystal Structure of monomeric zebrafish beta-2-microglobulin' 
_struct.pdbx_model_details        ? 
_struct.pdbx_CASP_flag            ? 
_struct.pdbx_model_type_details   ? 
# 
_struct_keywords.entry_id        4M9O 
_struct_keywords.pdbx_keywords   'IMMUNE SYSTEM' 
_struct_keywords.text            
;complex partner of MHC class I, beta-2-microglobulin family, Ig-like C1-type (immunoglobulin-like) domain. Heterodimer, Immune system
;
# 
loop_
_struct_asym.id 
_struct_asym.pdbx_blank_PDB_chainid_flag 
_struct_asym.pdbx_modified 
_struct_asym.entity_id 
_struct_asym.details 
A N N 1 ? 
B N N 2 ? 
# 
_struct_ref.id                         1 
_struct_ref.db_name                    UNP 
_struct_ref.db_code                    B0UYS1_DANRE 
_struct_ref.pdbx_db_accession          B0UYS1 
_struct_ref.entity_id                  1 
_struct_ref.pdbx_seq_one_letter_code   
;GKVSTPKVHVYSHFPGEYGKPNTLICYVSSFHPPDISIELLKNGQVMSDTKQTDLAFEKGWQFHLTKSVAFTPEKGDEYT
CSVRHMKETKKFSWEPNM
;
_struct_ref.pdbx_align_begin           19 
_struct_ref.pdbx_db_isoform            ? 
# 
_struct_ref_seq.align_id                      1 
_struct_ref_seq.ref_id                        1 
_struct_ref_seq.pdbx_PDB_id_code              4M9O 
_struct_ref_seq.pdbx_strand_id                A 
_struct_ref_seq.seq_align_beg                 2 
_struct_ref_seq.pdbx_seq_align_beg_ins_code   ? 
_struct_ref_seq.seq_align_end                 99 
_struct_ref_seq.pdbx_seq_align_end_ins_code   ? 
_struct_ref_seq.pdbx_db_accession             B0UYS1 
_struct_ref_seq.db_align_beg                  19 
_struct_ref_seq.pdbx_db_align_beg_ins_code    ? 
_struct_ref_seq.db_align_end                  116 
_struct_ref_seq.pdbx_db_align_end_ins_code    ? 
_struct_ref_seq.pdbx_auth_seq_align_beg       0 
_struct_ref_seq.pdbx_auth_seq_align_end       97 
# 
loop_
_struct_ref_seq_dif.align_id 
_struct_ref_seq_dif.pdbx_pdb_id_code 
_struct_ref_seq_dif.mon_id 
_struct_ref_seq_dif.pdbx_pdb_strand_id 
_struct_ref_seq_dif.seq_num 
_struct_ref_seq_dif.pdbx_pdb_ins_code 
_struct_ref_seq_dif.pdbx_seq_db_name 
_struct_ref_seq_dif.pdbx_seq_db_accession_code 
_struct_ref_seq_dif.db_mon_id 
_struct_ref_seq_dif.pdbx_seq_db_seq_num 
_struct_ref_seq_dif.details 
_struct_ref_seq_dif.pdbx_auth_seq_num 
_struct_ref_seq_dif.pdbx_ordinal 
1 4M9O MET A 1   ? UNP B0UYS1 ? ? 'expression tag' -1  1 
1 4M9O LEU A 100 ? UNP B0UYS1 ? ? 'expression tag' 98  2 
1 4M9O GLU A 101 ? UNP B0UYS1 ? ? 'expression tag' 99  3 
1 4M9O HIS A 102 ? UNP B0UYS1 ? ? 'expression tag' 100 4 
1 4M9O HIS A 103 ? UNP B0UYS1 ? ? 'expression tag' 101 5 
1 4M9O HIS A 104 ? UNP B0UYS1 ? ? 'expression tag' 102 6 
1 4M9O HIS A 105 ? UNP B0UYS1 ? ? 'expression tag' 103 7 
1 4M9O HIS A 106 ? UNP B0UYS1 ? ? 'expression tag' 104 8 
1 4M9O HIS A 107 ? UNP B0UYS1 ? ? 'expression tag' 105 9 
# 
_pdbx_struct_assembly.id                   1 
_pdbx_struct_assembly.details              author_and_software_defined_assembly 
_pdbx_struct_assembly.method_details       PISA 
_pdbx_struct_assembly.oligomeric_details   monomeric 
_pdbx_struct_assembly.oligomeric_count     1 
# 
_pdbx_struct_assembly_gen.assembly_id       1 
_pdbx_struct_assembly_gen.oper_expression   1 
_pdbx_struct_assembly_gen.asym_id_list      A,B 
# 
_pdbx_struct_oper_list.id                   1 
_pdbx_struct_oper_list.type                 'identity operation' 
_pdbx_struct_oper_list.name                 1_555 
_pdbx_struct_oper_list.symmetry_operation   x,y,z 
_pdbx_struct_oper_list.matrix[1][1]         1.0000000000 
_pdbx_struct_oper_list.matrix[1][2]         0.0000000000 
_pdbx_struct_oper_list.matrix[1][3]         0.0000000000 
_pdbx_struct_oper_list.vector[1]            0.0000000000 
_pdbx_struct_oper_list.matrix[2][1]         0.0000000000 
_pdbx_struct_oper_list.matrix[2][2]         1.0000000000 
_pdbx_struct_oper_list.matrix[2][3]         0.0000000000 
_pdbx_struct_oper_list.vector[2]            0.0000000000 
_pdbx_struct_oper_list.matrix[3][1]         0.0000000000 
_pdbx_struct_oper_list.matrix[3][2]         0.0000000000 
_pdbx_struct_oper_list.matrix[3][3]         1.0000000000 
_pdbx_struct_oper_list.vector[3]            0.0000000000 
# 
_struct_biol.id        1 
_struct_biol.details   ? 
# 
_struct_conn.id                            disulf1 
_struct_conn.conn_type_id                  disulf 
_struct_conn.pdbx_leaving_atom_flag        ? 
_struct_conn.pdbx_PDB_id                   ? 
_struct_conn.ptnr1_label_asym_id           A 
_struct_conn.ptnr1_label_comp_id           CYS 
_struct_conn.ptnr1_label_seq_id            27 
_struct_conn.ptnr1_label_atom_id           SG 
_struct_conn.pdbx_ptnr1_label_alt_id       ? 
_struct_conn.pdbx_ptnr1_PDB_ins_code       ? 
_struct_conn.pdbx_ptnr1_standard_comp_id   ? 
_struct_conn.ptnr1_symmetry                1_555 
_struct_conn.ptnr2_label_asym_id           A 
_struct_conn.ptnr2_label_comp_id           CYS 
_struct_conn.ptnr2_label_seq_id            82 
_struct_conn.ptnr2_label_atom_id           SG 
_struct_conn.pdbx_ptnr2_label_alt_id       ? 
_struct_conn.pdbx_ptnr2_PDB_ins_code       ? 
_struct_conn.ptnr1_auth_asym_id            A 
_struct_conn.ptnr1_auth_comp_id            CYS 
_struct_conn.ptnr1_auth_seq_id             25 
_struct_conn.ptnr2_auth_asym_id            A 
_struct_conn.ptnr2_auth_comp_id            CYS 
_struct_conn.ptnr2_auth_seq_id             80 
_struct_conn.ptnr2_symmetry                1_555 
_struct_conn.pdbx_ptnr3_label_atom_id      ? 
_struct_conn.pdbx_ptnr3_label_seq_id       ? 
_struct_conn.pdbx_ptnr3_label_comp_id      ? 
_struct_conn.pdbx_ptnr3_label_asym_id      ? 
_struct_conn.pdbx_ptnr3_label_alt_id       ? 
_struct_conn.pdbx_ptnr3_PDB_ins_code       ? 
_struct_conn.details                       ? 
_struct_conn.pdbx_dist_value               1.898 
_struct_conn.pdbx_value_order              ? 
_struct_conn.pdbx_role                     ? 
# 
_struct_conn_type.id          disulf 
_struct_conn_type.criteria    ? 
_struct_conn_type.reference   ? 
# 
_pdbx_modification_feature.ordinal                            1 
_pdbx_modification_feature.label_comp_id                      CYS 
_pdbx_modification_feature.label_asym_id                      A 
_pdbx_modification_feature.label_seq_id                       27 
_pdbx_modification_feature.label_alt_id                       ? 
_pdbx_modification_feature.modified_residue_label_comp_id     CYS 
_pdbx_modification_feature.modified_residue_label_asym_id     A 
_pdbx_modification_feature.modified_residue_label_seq_id      82 
_pdbx_modification_feature.modified_residue_label_alt_id      ? 
_pdbx_modification_feature.auth_comp_id                       CYS 
_pdbx_modification_feature.auth_asym_id                       A 
_pdbx_modification_feature.auth_seq_id                        25 
_pdbx_modification_feature.PDB_ins_code                       ? 
_pdbx_modification_feature.symmetry                           1_555 
_pdbx_modification_feature.modified_residue_auth_comp_id      CYS 
_pdbx_modification_feature.modified_residue_auth_asym_id      A 
_pdbx_modification_feature.modified_residue_auth_seq_id       80 
_pdbx_modification_feature.modified_residue_PDB_ins_code      ? 
_pdbx_modification_feature.modified_residue_symmetry          1_555 
_pdbx_modification_feature.comp_id_linking_atom               SG 
_pdbx_modification_feature.modified_residue_id_linking_atom   SG 
_pdbx_modification_feature.modified_residue_id                . 
_pdbx_modification_feature.ref_pcm_id                         . 
_pdbx_modification_feature.ref_comp_id                        . 
_pdbx_modification_feature.type                               None 
_pdbx_modification_feature.category                           'Disulfide bridge' 
# 
_struct_mon_prot_cis.pdbx_id                1 
_struct_mon_prot_cis.label_comp_id          HIS 
_struct_mon_prot_cis.label_seq_id           33 
_struct_mon_prot_cis.label_asym_id          A 
_struct_mon_prot_cis.label_alt_id           . 
_struct_mon_prot_cis.pdbx_PDB_ins_code      ? 
_struct_mon_prot_cis.auth_comp_id           HIS 
_struct_mon_prot_cis.auth_seq_id            31 
_struct_mon_prot_cis.auth_asym_id           A 
_struct_mon_prot_cis.pdbx_label_comp_id_2   PRO 
_struct_mon_prot_cis.pdbx_label_seq_id_2    34 
_struct_mon_prot_cis.pdbx_label_asym_id_2   A 
_struct_mon_prot_cis.pdbx_PDB_ins_code_2    ? 
_struct_mon_prot_cis.pdbx_auth_comp_id_2    PRO 
_struct_mon_prot_cis.pdbx_auth_seq_id_2     32 
_struct_mon_prot_cis.pdbx_auth_asym_id_2    A 
_struct_mon_prot_cis.pdbx_PDB_model_num     1 
_struct_mon_prot_cis.pdbx_omega_angle       -1.56 
# 
loop_
_struct_sheet.id 
_struct_sheet.type 
_struct_sheet.number_strands 
_struct_sheet.details 
A ? 4 ? 
B ? 4 ? 
C ? 4 ? 
# 
loop_
_struct_sheet_order.sheet_id 
_struct_sheet_order.range_id_1 
_struct_sheet_order.range_id_2 
_struct_sheet_order.offset 
_struct_sheet_order.sense 
A 1 2 ? anti-parallel 
A 2 3 ? anti-parallel 
A 3 4 ? anti-parallel 
B 1 2 ? anti-parallel 
B 2 3 ? anti-parallel 
B 3 4 ? anti-parallel 
C 1 2 ? anti-parallel 
C 2 3 ? anti-parallel 
C 3 4 ? anti-parallel 
# 
loop_
_struct_sheet_range.sheet_id 
_struct_sheet_range.id 
_struct_sheet_range.beg_label_comp_id 
_struct_sheet_range.beg_label_asym_id 
_struct_sheet_range.beg_label_seq_id 
_struct_sheet_range.pdbx_beg_PDB_ins_code 
_struct_sheet_range.end_label_comp_id 
_struct_sheet_range.end_label_asym_id 
_struct_sheet_range.end_label_seq_id 
_struct_sheet_range.pdbx_end_PDB_ins_code 
_struct_sheet_range.beg_auth_comp_id 
_struct_sheet_range.beg_auth_asym_id 
_struct_sheet_range.beg_auth_seq_id 
_struct_sheet_range.end_auth_comp_id 
_struct_sheet_range.end_auth_asym_id 
_struct_sheet_range.end_auth_seq_id 
A 1 LYS A 8  ? SER A 13 ? LYS A 6  SER A 11 
A 2 ASN A 23 ? SER A 30 ? ASN A 21 SER A 28 
A 3 GLN A 63 ? PHE A 72 ? GLN A 61 PHE A 70 
A 4 LYS A 52 ? GLN A 53 ? LYS A 50 GLN A 51 
B 1 LYS A 8  ? SER A 13 ? LYS A 6  SER A 11 
B 2 ASN A 23 ? SER A 30 ? ASN A 21 SER A 28 
B 3 GLN A 63 ? PHE A 72 ? GLN A 61 PHE A 70 
B 4 ALA A 57 ? GLU A 59 ? ALA A 55 GLU A 57 
C 1 GLN A 46 ? VAL A 47 ? GLN A 44 VAL A 45 
C 2 SER A 38 ? LYS A 43 ? SER A 36 LYS A 41 
C 3 TYR A 80 ? HIS A 86 ? TYR A 78 HIS A 84 
C 4 GLU A 89 ? SER A 94 ? GLU A 87 SER A 92 
# 
loop_
_pdbx_struct_sheet_hbond.sheet_id 
_pdbx_struct_sheet_hbond.range_id_1 
_pdbx_struct_sheet_hbond.range_id_2 
_pdbx_struct_sheet_hbond.range_1_label_atom_id 
_pdbx_struct_sheet_hbond.range_1_label_comp_id 
_pdbx_struct_sheet_hbond.range_1_label_asym_id 
_pdbx_struct_sheet_hbond.range_1_label_seq_id 
_pdbx_struct_sheet_hbond.range_1_PDB_ins_code 
_pdbx_struct_sheet_hbond.range_1_auth_atom_id 
_pdbx_struct_sheet_hbond.range_1_auth_comp_id 
_pdbx_struct_sheet_hbond.range_1_auth_asym_id 
_pdbx_struct_sheet_hbond.range_1_auth_seq_id 
_pdbx_struct_sheet_hbond.range_2_label_atom_id 
_pdbx_struct_sheet_hbond.range_2_label_comp_id 
_pdbx_struct_sheet_hbond.range_2_label_asym_id 
_pdbx_struct_sheet_hbond.range_2_label_seq_id 
_pdbx_struct_sheet_hbond.range_2_PDB_ins_code 
_pdbx_struct_sheet_hbond.range_2_auth_atom_id 
_pdbx_struct_sheet_hbond.range_2_auth_comp_id 
_pdbx_struct_sheet_hbond.range_2_auth_asym_id 
_pdbx_struct_sheet_hbond.range_2_auth_seq_id 
A 1 2 N LYS A 8  ? N LYS A 6  O SER A 30 ? O SER A 28 
A 2 3 N LEU A 25 ? N LEU A 23 O VAL A 70 ? O VAL A 68 
A 3 4 O SER A 69 ? O SER A 67 N LYS A 52 ? N LYS A 50 
B 1 2 N LYS A 8  ? N LYS A 6  O SER A 30 ? O SER A 28 
B 2 3 N LEU A 25 ? N LEU A 23 O VAL A 70 ? O VAL A 68 
B 3 4 O GLN A 63 ? O GLN A 61 N GLU A 59 ? N GLU A 57 
C 1 2 O GLN A 46 ? O GLN A 44 N LYS A 43 ? N LYS A 41 
C 2 3 N LEU A 42 ? N LEU A 40 O THR A 81 ? O THR A 79 
C 3 4 N VAL A 84 ? N VAL A 82 O LYS A 91 ? O LYS A 89 
# 
_pdbx_entry_details.entry_id                   4M9O 
_pdbx_entry_details.compound_details           ? 
_pdbx_entry_details.source_details             ? 
_pdbx_entry_details.nonpolymer_details         ? 
_pdbx_entry_details.sequence_details           ? 
_pdbx_entry_details.has_ligand_of_interest     ? 
_pdbx_entry_details.has_protein_modification   Y 
# 
_pdbx_validate_torsion.id              1 
_pdbx_validate_torsion.PDB_model_num   1 
_pdbx_validate_torsion.auth_comp_id    TRP 
_pdbx_validate_torsion.auth_asym_id    A 
_pdbx_validate_torsion.auth_seq_id     60 
_pdbx_validate_torsion.PDB_ins_code    ? 
_pdbx_validate_torsion.label_alt_id    ? 
_pdbx_validate_torsion.phi             -149.62 
_pdbx_validate_torsion.psi             -29.79 
# 
loop_
_pdbx_unobs_or_zero_occ_residues.id 
_pdbx_unobs_or_zero_occ_residues.PDB_model_num 
_pdbx_unobs_or_zero_occ_residues.polymer_flag 
_pdbx_unobs_or_zero_occ_residues.occupancy_flag 
_pdbx_unobs_or_zero_occ_residues.auth_asym_id 
_pdbx_unobs_or_zero_occ_residues.auth_comp_id 
_pdbx_unobs_or_zero_occ_residues.auth_seq_id 
_pdbx_unobs_or_zero_occ_residues.PDB_ins_code 
_pdbx_unobs_or_zero_occ_residues.label_asym_id 
_pdbx_unobs_or_zero_occ_residues.label_comp_id 
_pdbx_unobs_or_zero_occ_residues.label_seq_id 
1  1 Y 1 A MET -1  ? A MET 1   
2  1 Y 1 A GLY 0   ? A GLY 2   
3  1 Y 1 A LEU 98  ? A LEU 100 
4  1 Y 1 A GLU 99  ? A GLU 101 
5  1 Y 1 A HIS 100 ? A HIS 102 
6  1 Y 1 A HIS 101 ? A HIS 103 
7  1 Y 1 A HIS 102 ? A HIS 104 
8  1 Y 1 A HIS 103 ? A HIS 105 
9  1 Y 1 A HIS 104 ? A HIS 106 
10 1 Y 1 A HIS 105 ? A HIS 107 
# 
loop_
_chem_comp_atom.comp_id 
_chem_comp_atom.atom_id 
_chem_comp_atom.type_symbol 
_chem_comp_atom.pdbx_aromatic_flag 
_chem_comp_atom.pdbx_stereo_config 
_chem_comp_atom.pdbx_ordinal 
ALA N    N N N 1   
ALA CA   C N S 2   
ALA C    C N N 3   
ALA O    O N N 4   
ALA CB   C N N 5   
ALA OXT  O N N 6   
ALA H    H N N 7   
ALA H2   H N N 8   
ALA HA   H N N 9   
ALA HB1  H N N 10  
ALA HB2  H N N 11  
ALA HB3  H N N 12  
ALA HXT  H N N 13  
ARG N    N N N 14  
ARG CA   C N S 15  
ARG C    C N N 16  
ARG O    O N N 17  
ARG CB   C N N 18  
ARG CG   C N N 19  
ARG CD   C N N 20  
ARG NE   N N N 21  
ARG CZ   C N N 22  
ARG NH1  N N N 23  
ARG NH2  N N N 24  
ARG OXT  O N N 25  
ARG H    H N N 26  
ARG H2   H N N 27  
ARG HA   H N N 28  
ARG HB2  H N N 29  
ARG HB3  H N N 30  
ARG HG2  H N N 31  
ARG HG3  H N N 32  
ARG HD2  H N N 33  
ARG HD3  H N N 34  
ARG HE   H N N 35  
ARG HH11 H N N 36  
ARG HH12 H N N 37  
ARG HH21 H N N 38  
ARG HH22 H N N 39  
ARG HXT  H N N 40  
ASN N    N N N 41  
ASN CA   C N S 42  
ASN C    C N N 43  
ASN O    O N N 44  
ASN CB   C N N 45  
ASN CG   C N N 46  
ASN OD1  O N N 47  
ASN ND2  N N N 48  
ASN OXT  O N N 49  
ASN H    H N N 50  
ASN H2   H N N 51  
ASN HA   H N N 52  
ASN HB2  H N N 53  
ASN HB3  H N N 54  
ASN HD21 H N N 55  
ASN HD22 H N N 56  
ASN HXT  H N N 57  
ASP N    N N N 58  
ASP CA   C N S 59  
ASP C    C N N 60  
ASP O    O N N 61  
ASP CB   C N N 62  
ASP CG   C N N 63  
ASP OD1  O N N 64  
ASP OD2  O N N 65  
ASP OXT  O N N 66  
ASP H    H N N 67  
ASP H2   H N N 68  
ASP HA   H N N 69  
ASP HB2  H N N 70  
ASP HB3  H N N 71  
ASP HD2  H N N 72  
ASP HXT  H N N 73  
CYS N    N N N 74  
CYS CA   C N R 75  
CYS C    C N N 76  
CYS O    O N N 77  
CYS CB   C N N 78  
CYS SG   S N N 79  
CYS OXT  O N N 80  
CYS H    H N N 81  
CYS H2   H N N 82  
CYS HA   H N N 83  
CYS HB2  H N N 84  
CYS HB3  H N N 85  
CYS HG   H N N 86  
CYS HXT  H N N 87  
GLN N    N N N 88  
GLN CA   C N S 89  
GLN C    C N N 90  
GLN O    O N N 91  
GLN CB   C N N 92  
GLN CG   C N N 93  
GLN CD   C N N 94  
GLN OE1  O N N 95  
GLN NE2  N N N 96  
GLN OXT  O N N 97  
GLN H    H N N 98  
GLN H2   H N N 99  
GLN HA   H N N 100 
GLN HB2  H N N 101 
GLN HB3  H N N 102 
GLN HG2  H N N 103 
GLN HG3  H N N 104 
GLN HE21 H N N 105 
GLN HE22 H N N 106 
GLN HXT  H N N 107 
GLU N    N N N 108 
GLU CA   C N S 109 
GLU C    C N N 110 
GLU O    O N N 111 
GLU CB   C N N 112 
GLU CG   C N N 113 
GLU CD   C N N 114 
GLU OE1  O N N 115 
GLU OE2  O N N 116 
GLU OXT  O N N 117 
GLU H    H N N 118 
GLU H2   H N N 119 
GLU HA   H N N 120 
GLU HB2  H N N 121 
GLU HB3  H N N 122 
GLU HG2  H N N 123 
GLU HG3  H N N 124 
GLU HE2  H N N 125 
GLU HXT  H N N 126 
GLY N    N N N 127 
GLY CA   C N N 128 
GLY C    C N N 129 
GLY O    O N N 130 
GLY OXT  O N N 131 
GLY H    H N N 132 
GLY H2   H N N 133 
GLY HA2  H N N 134 
GLY HA3  H N N 135 
GLY HXT  H N N 136 
HIS N    N N N 137 
HIS CA   C N S 138 
HIS C    C N N 139 
HIS O    O N N 140 
HIS CB   C N N 141 
HIS CG   C Y N 142 
HIS ND1  N Y N 143 
HIS CD2  C Y N 144 
HIS CE1  C Y N 145 
HIS NE2  N Y N 146 
HIS OXT  O N N 147 
HIS H    H N N 148 
HIS H2   H N N 149 
HIS HA   H N N 150 
HIS HB2  H N N 151 
HIS HB3  H N N 152 
HIS HD1  H N N 153 
HIS HD2  H N N 154 
HIS HE1  H N N 155 
HIS HE2  H N N 156 
HIS HXT  H N N 157 
HOH O    O N N 158 
HOH H1   H N N 159 
HOH H2   H N N 160 
ILE N    N N N 161 
ILE CA   C N S 162 
ILE C    C N N 163 
ILE O    O N N 164 
ILE CB   C N S 165 
ILE CG1  C N N 166 
ILE CG2  C N N 167 
ILE CD1  C N N 168 
ILE OXT  O N N 169 
ILE H    H N N 170 
ILE H2   H N N 171 
ILE HA   H N N 172 
ILE HB   H N N 173 
ILE HG12 H N N 174 
ILE HG13 H N N 175 
ILE HG21 H N N 176 
ILE HG22 H N N 177 
ILE HG23 H N N 178 
ILE HD11 H N N 179 
ILE HD12 H N N 180 
ILE HD13 H N N 181 
ILE HXT  H N N 182 
LEU N    N N N 183 
LEU CA   C N S 184 
LEU C    C N N 185 
LEU O    O N N 186 
LEU CB   C N N 187 
LEU CG   C N N 188 
LEU CD1  C N N 189 
LEU CD2  C N N 190 
LEU OXT  O N N 191 
LEU H    H N N 192 
LEU H2   H N N 193 
LEU HA   H N N 194 
LEU HB2  H N N 195 
LEU HB3  H N N 196 
LEU HG   H N N 197 
LEU HD11 H N N 198 
LEU HD12 H N N 199 
LEU HD13 H N N 200 
LEU HD21 H N N 201 
LEU HD22 H N N 202 
LEU HD23 H N N 203 
LEU HXT  H N N 204 
LYS N    N N N 205 
LYS CA   C N S 206 
LYS C    C N N 207 
LYS O    O N N 208 
LYS CB   C N N 209 
LYS CG   C N N 210 
LYS CD   C N N 211 
LYS CE   C N N 212 
LYS NZ   N N N 213 
LYS OXT  O N N 214 
LYS H    H N N 215 
LYS H2   H N N 216 
LYS HA   H N N 217 
LYS HB2  H N N 218 
LYS HB3  H N N 219 
LYS HG2  H N N 220 
LYS HG3  H N N 221 
LYS HD2  H N N 222 
LYS HD3  H N N 223 
LYS HE2  H N N 224 
LYS HE3  H N N 225 
LYS HZ1  H N N 226 
LYS HZ2  H N N 227 
LYS HZ3  H N N 228 
LYS HXT  H N N 229 
MET N    N N N 230 
MET CA   C N S 231 
MET C    C N N 232 
MET O    O N N 233 
MET CB   C N N 234 
MET CG   C N N 235 
MET SD   S N N 236 
MET CE   C N N 237 
MET OXT  O N N 238 
MET H    H N N 239 
MET H2   H N N 240 
MET HA   H N N 241 
MET HB2  H N N 242 
MET HB3  H N N 243 
MET HG2  H N N 244 
MET HG3  H N N 245 
MET HE1  H N N 246 
MET HE2  H N N 247 
MET HE3  H N N 248 
MET HXT  H N N 249 
PHE N    N N N 250 
PHE CA   C N S 251 
PHE C    C N N 252 
PHE O    O N N 253 
PHE CB   C N N 254 
PHE CG   C Y N 255 
PHE CD1  C Y N 256 
PHE CD2  C Y N 257 
PHE CE1  C Y N 258 
PHE CE2  C Y N 259 
PHE CZ   C Y N 260 
PHE OXT  O N N 261 
PHE H    H N N 262 
PHE H2   H N N 263 
PHE HA   H N N 264 
PHE HB2  H N N 265 
PHE HB3  H N N 266 
PHE HD1  H N N 267 
PHE HD2  H N N 268 
PHE HE1  H N N 269 
PHE HE2  H N N 270 
PHE HZ   H N N 271 
PHE HXT  H N N 272 
PRO N    N N N 273 
PRO CA   C N S 274 
PRO C    C N N 275 
PRO O    O N N 276 
PRO CB   C N N 277 
PRO CG   C N N 278 
PRO CD   C N N 279 
PRO OXT  O N N 280 
PRO H    H N N 281 
PRO HA   H N N 282 
PRO HB2  H N N 283 
PRO HB3  H N N 284 
PRO HG2  H N N 285 
PRO HG3  H N N 286 
PRO HD2  H N N 287 
PRO HD3  H N N 288 
PRO HXT  H N N 289 
SER N    N N N 290 
SER CA   C N S 291 
SER C    C N N 292 
SER O    O N N 293 
SER CB   C N N 294 
SER OG   O N N 295 
SER OXT  O N N 296 
SER H    H N N 297 
SER H2   H N N 298 
SER HA   H N N 299 
SER HB2  H N N 300 
SER HB3  H N N 301 
SER HG   H N N 302 
SER HXT  H N N 303 
THR N    N N N 304 
THR CA   C N S 305 
THR C    C N N 306 
THR O    O N N 307 
THR CB   C N R 308 
THR OG1  O N N 309 
THR CG2  C N N 310 
THR OXT  O N N 311 
THR H    H N N 312 
THR H2   H N N 313 
THR HA   H N N 314 
THR HB   H N N 315 
THR HG1  H N N 316 
THR HG21 H N N 317 
THR HG22 H N N 318 
THR HG23 H N N 319 
THR HXT  H N N 320 
TRP N    N N N 321 
TRP CA   C N S 322 
TRP C    C N N 323 
TRP O    O N N 324 
TRP CB   C N N 325 
TRP CG   C Y N 326 
TRP CD1  C Y N 327 
TRP CD2  C Y N 328 
TRP NE1  N Y N 329 
TRP CE2  C Y N 330 
TRP CE3  C Y N 331 
TRP CZ2  C Y N 332 
TRP CZ3  C Y N 333 
TRP CH2  C Y N 334 
TRP OXT  O N N 335 
TRP H    H N N 336 
TRP H2   H N N 337 
TRP HA   H N N 338 
TRP HB2  H N N 339 
TRP HB3  H N N 340 
TRP HD1  H N N 341 
TRP HE1  H N N 342 
TRP HE3  H N N 343 
TRP HZ2  H N N 344 
TRP HZ3  H N N 345 
TRP HH2  H N N 346 
TRP HXT  H N N 347 
TYR N    N N N 348 
TYR CA   C N S 349 
TYR C    C N N 350 
TYR O    O N N 351 
TYR CB   C N N 352 
TYR CG   C Y N 353 
TYR CD1  C Y N 354 
TYR CD2  C Y N 355 
TYR CE1  C Y N 356 
TYR CE2  C Y N 357 
TYR CZ   C Y N 358 
TYR OH   O N N 359 
TYR OXT  O N N 360 
TYR H    H N N 361 
TYR H2   H N N 362 
TYR HA   H N N 363 
TYR HB2  H N N 364 
TYR HB3  H N N 365 
TYR HD1  H N N 366 
TYR HD2  H N N 367 
TYR HE1  H N N 368 
TYR HE2  H N N 369 
TYR HH   H N N 370 
TYR HXT  H N N 371 
VAL N    N N N 372 
VAL CA   C N S 373 
VAL C    C N N 374 
VAL O    O N N 375 
VAL CB   C N N 376 
VAL CG1  C N N 377 
VAL CG2  C N N 378 
VAL OXT  O N N 379 
VAL H    H N N 380 
VAL H2   H N N 381 
VAL HA   H N N 382 
VAL HB   H N N 383 
VAL HG11 H N N 384 
VAL HG12 H N N 385 
VAL HG13 H N N 386 
VAL HG21 H N N 387 
VAL HG22 H N N 388 
VAL HG23 H N N 389 
VAL HXT  H N N 390 
# 
loop_
_chem_comp_bond.comp_id 
_chem_comp_bond.atom_id_1 
_chem_comp_bond.atom_id_2 
_chem_comp_bond.value_order 
_chem_comp_bond.pdbx_aromatic_flag 
_chem_comp_bond.pdbx_stereo_config 
_chem_comp_bond.pdbx_ordinal 
ALA N   CA   sing N N 1   
ALA N   H    sing N N 2   
ALA N   H2   sing N N 3   
ALA CA  C    sing N N 4   
ALA CA  CB   sing N N 5   
ALA CA  HA   sing N N 6   
ALA C   O    doub N N 7   
ALA C   OXT  sing N N 8   
ALA CB  HB1  sing N N 9   
ALA CB  HB2  sing N N 10  
ALA CB  HB3  sing N N 11  
ALA OXT HXT  sing N N 12  
ARG N   CA   sing N N 13  
ARG N   H    sing N N 14  
ARG N   H2   sing N N 15  
ARG CA  C    sing N N 16  
ARG CA  CB   sing N N 17  
ARG CA  HA   sing N N 18  
ARG C   O    doub N N 19  
ARG C   OXT  sing N N 20  
ARG CB  CG   sing N N 21  
ARG CB  HB2  sing N N 22  
ARG CB  HB3  sing N N 23  
ARG CG  CD   sing N N 24  
ARG CG  HG2  sing N N 25  
ARG CG  HG3  sing N N 26  
ARG CD  NE   sing N N 27  
ARG CD  HD2  sing N N 28  
ARG CD  HD3  sing N N 29  
ARG NE  CZ   sing N N 30  
ARG NE  HE   sing N N 31  
ARG CZ  NH1  sing N N 32  
ARG CZ  NH2  doub N N 33  
ARG NH1 HH11 sing N N 34  
ARG NH1 HH12 sing N N 35  
ARG NH2 HH21 sing N N 36  
ARG NH2 HH22 sing N N 37  
ARG OXT HXT  sing N N 38  
ASN N   CA   sing N N 39  
ASN N   H    sing N N 40  
ASN N   H2   sing N N 41  
ASN CA  C    sing N N 42  
ASN CA  CB   sing N N 43  
ASN CA  HA   sing N N 44  
ASN C   O    doub N N 45  
ASN C   OXT  sing N N 46  
ASN CB  CG   sing N N 47  
ASN CB  HB2  sing N N 48  
ASN CB  HB3  sing N N 49  
ASN CG  OD1  doub N N 50  
ASN CG  ND2  sing N N 51  
ASN ND2 HD21 sing N N 52  
ASN ND2 HD22 sing N N 53  
ASN OXT HXT  sing N N 54  
ASP N   CA   sing N N 55  
ASP N   H    sing N N 56  
ASP N   H2   sing N N 57  
ASP CA  C    sing N N 58  
ASP CA  CB   sing N N 59  
ASP CA  HA   sing N N 60  
ASP C   O    doub N N 61  
ASP C   OXT  sing N N 62  
ASP CB  CG   sing N N 63  
ASP CB  HB2  sing N N 64  
ASP CB  HB3  sing N N 65  
ASP CG  OD1  doub N N 66  
ASP CG  OD2  sing N N 67  
ASP OD2 HD2  sing N N 68  
ASP OXT HXT  sing N N 69  
CYS N   CA   sing N N 70  
CYS N   H    sing N N 71  
CYS N   H2   sing N N 72  
CYS CA  C    sing N N 73  
CYS CA  CB   sing N N 74  
CYS CA  HA   sing N N 75  
CYS C   O    doub N N 76  
CYS C   OXT  sing N N 77  
CYS CB  SG   sing N N 78  
CYS CB  HB2  sing N N 79  
CYS CB  HB3  sing N N 80  
CYS SG  HG   sing N N 81  
CYS OXT HXT  sing N N 82  
GLN N   CA   sing N N 83  
GLN N   H    sing N N 84  
GLN N   H2   sing N N 85  
GLN CA  C    sing N N 86  
GLN CA  CB   sing N N 87  
GLN CA  HA   sing N N 88  
GLN C   O    doub N N 89  
GLN C   OXT  sing N N 90  
GLN CB  CG   sing N N 91  
GLN CB  HB2  sing N N 92  
GLN CB  HB3  sing N N 93  
GLN CG  CD   sing N N 94  
GLN CG  HG2  sing N N 95  
GLN CG  HG3  sing N N 96  
GLN CD  OE1  doub N N 97  
GLN CD  NE2  sing N N 98  
GLN NE2 HE21 sing N N 99  
GLN NE2 HE22 sing N N 100 
GLN OXT HXT  sing N N 101 
GLU N   CA   sing N N 102 
GLU N   H    sing N N 103 
GLU N   H2   sing N N 104 
GLU CA  C    sing N N 105 
GLU CA  CB   sing N N 106 
GLU CA  HA   sing N N 107 
GLU C   O    doub N N 108 
GLU C   OXT  sing N N 109 
GLU CB  CG   sing N N 110 
GLU CB  HB2  sing N N 111 
GLU CB  HB3  sing N N 112 
GLU CG  CD   sing N N 113 
GLU CG  HG2  sing N N 114 
GLU CG  HG3  sing N N 115 
GLU CD  OE1  doub N N 116 
GLU CD  OE2  sing N N 117 
GLU OE2 HE2  sing N N 118 
GLU OXT HXT  sing N N 119 
GLY N   CA   sing N N 120 
GLY N   H    sing N N 121 
GLY N   H2   sing N N 122 
GLY CA  C    sing N N 123 
GLY CA  HA2  sing N N 124 
GLY CA  HA3  sing N N 125 
GLY C   O    doub N N 126 
GLY C   OXT  sing N N 127 
GLY OXT HXT  sing N N 128 
HIS N   CA   sing N N 129 
HIS N   H    sing N N 130 
HIS N   H2   sing N N 131 
HIS CA  C    sing N N 132 
HIS CA  CB   sing N N 133 
HIS CA  HA   sing N N 134 
HIS C   O    doub N N 135 
HIS C   OXT  sing N N 136 
HIS CB  CG   sing N N 137 
HIS CB  HB2  sing N N 138 
HIS CB  HB3  sing N N 139 
HIS CG  ND1  sing Y N 140 
HIS CG  CD2  doub Y N 141 
HIS ND1 CE1  doub Y N 142 
HIS ND1 HD1  sing N N 143 
HIS CD2 NE2  sing Y N 144 
HIS CD2 HD2  sing N N 145 
HIS CE1 NE2  sing Y N 146 
HIS CE1 HE1  sing N N 147 
HIS NE2 HE2  sing N N 148 
HIS OXT HXT  sing N N 149 
HOH O   H1   sing N N 150 
HOH O   H2   sing N N 151 
ILE N   CA   sing N N 152 
ILE N   H    sing N N 153 
ILE N   H2   sing N N 154 
ILE CA  C    sing N N 155 
ILE CA  CB   sing N N 156 
ILE CA  HA   sing N N 157 
ILE C   O    doub N N 158 
ILE C   OXT  sing N N 159 
ILE CB  CG1  sing N N 160 
ILE CB  CG2  sing N N 161 
ILE CB  HB   sing N N 162 
ILE CG1 CD1  sing N N 163 
ILE CG1 HG12 sing N N 164 
ILE CG1 HG13 sing N N 165 
ILE CG2 HG21 sing N N 166 
ILE CG2 HG22 sing N N 167 
ILE CG2 HG23 sing N N 168 
ILE CD1 HD11 sing N N 169 
ILE CD1 HD12 sing N N 170 
ILE CD1 HD13 sing N N 171 
ILE OXT HXT  sing N N 172 
LEU N   CA   sing N N 173 
LEU N   H    sing N N 174 
LEU N   H2   sing N N 175 
LEU CA  C    sing N N 176 
LEU CA  CB   sing N N 177 
LEU CA  HA   sing N N 178 
LEU C   O    doub N N 179 
LEU C   OXT  sing N N 180 
LEU CB  CG   sing N N 181 
LEU CB  HB2  sing N N 182 
LEU CB  HB3  sing N N 183 
LEU CG  CD1  sing N N 184 
LEU CG  CD2  sing N N 185 
LEU CG  HG   sing N N 186 
LEU CD1 HD11 sing N N 187 
LEU CD1 HD12 sing N N 188 
LEU CD1 HD13 sing N N 189 
LEU CD2 HD21 sing N N 190 
LEU CD2 HD22 sing N N 191 
LEU CD2 HD23 sing N N 192 
LEU OXT HXT  sing N N 193 
LYS N   CA   sing N N 194 
LYS N   H    sing N N 195 
LYS N   H2   sing N N 196 
LYS CA  C    sing N N 197 
LYS CA  CB   sing N N 198 
LYS CA  HA   sing N N 199 
LYS C   O    doub N N 200 
LYS C   OXT  sing N N 201 
LYS CB  CG   sing N N 202 
LYS CB  HB2  sing N N 203 
LYS CB  HB3  sing N N 204 
LYS CG  CD   sing N N 205 
LYS CG  HG2  sing N N 206 
LYS CG  HG3  sing N N 207 
LYS CD  CE   sing N N 208 
LYS CD  HD2  sing N N 209 
LYS CD  HD3  sing N N 210 
LYS CE  NZ   sing N N 211 
LYS CE  HE2  sing N N 212 
LYS CE  HE3  sing N N 213 
LYS NZ  HZ1  sing N N 214 
LYS NZ  HZ2  sing N N 215 
LYS NZ  HZ3  sing N N 216 
LYS OXT HXT  sing N N 217 
MET N   CA   sing N N 218 
MET N   H    sing N N 219 
MET N   H2   sing N N 220 
MET CA  C    sing N N 221 
MET CA  CB   sing N N 222 
MET CA  HA   sing N N 223 
MET C   O    doub N N 224 
MET C   OXT  sing N N 225 
MET CB  CG   sing N N 226 
MET CB  HB2  sing N N 227 
MET CB  HB3  sing N N 228 
MET CG  SD   sing N N 229 
MET CG  HG2  sing N N 230 
MET CG  HG3  sing N N 231 
MET SD  CE   sing N N 232 
MET CE  HE1  sing N N 233 
MET CE  HE2  sing N N 234 
MET CE  HE3  sing N N 235 
MET OXT HXT  sing N N 236 
PHE N   CA   sing N N 237 
PHE N   H    sing N N 238 
PHE N   H2   sing N N 239 
PHE CA  C    sing N N 240 
PHE CA  CB   sing N N 241 
PHE CA  HA   sing N N 242 
PHE C   O    doub N N 243 
PHE C   OXT  sing N N 244 
PHE CB  CG   sing N N 245 
PHE CB  HB2  sing N N 246 
PHE CB  HB3  sing N N 247 
PHE CG  CD1  doub Y N 248 
PHE CG  CD2  sing Y N 249 
PHE CD1 CE1  sing Y N 250 
PHE CD1 HD1  sing N N 251 
PHE CD2 CE2  doub Y N 252 
PHE CD2 HD2  sing N N 253 
PHE CE1 CZ   doub Y N 254 
PHE CE1 HE1  sing N N 255 
PHE CE2 CZ   sing Y N 256 
PHE CE2 HE2  sing N N 257 
PHE CZ  HZ   sing N N 258 
PHE OXT HXT  sing N N 259 
PRO N   CA   sing N N 260 
PRO N   CD   sing N N 261 
PRO N   H    sing N N 262 
PRO CA  C    sing N N 263 
PRO CA  CB   sing N N 264 
PRO CA  HA   sing N N 265 
PRO C   O    doub N N 266 
PRO C   OXT  sing N N 267 
PRO CB  CG   sing N N 268 
PRO CB  HB2  sing N N 269 
PRO CB  HB3  sing N N 270 
PRO CG  CD   sing N N 271 
PRO CG  HG2  sing N N 272 
PRO CG  HG3  sing N N 273 
PRO CD  HD2  sing N N 274 
PRO CD  HD3  sing N N 275 
PRO OXT HXT  sing N N 276 
SER N   CA   sing N N 277 
SER N   H    sing N N 278 
SER N   H2   sing N N 279 
SER CA  C    sing N N 280 
SER CA  CB   sing N N 281 
SER CA  HA   sing N N 282 
SER C   O    doub N N 283 
SER C   OXT  sing N N 284 
SER CB  OG   sing N N 285 
SER CB  HB2  sing N N 286 
SER CB  HB3  sing N N 287 
SER OG  HG   sing N N 288 
SER OXT HXT  sing N N 289 
THR N   CA   sing N N 290 
THR N   H    sing N N 291 
THR N   H2   sing N N 292 
THR CA  C    sing N N 293 
THR CA  CB   sing N N 294 
THR CA  HA   sing N N 295 
THR C   O    doub N N 296 
THR C   OXT  sing N N 297 
THR CB  OG1  sing N N 298 
THR CB  CG2  sing N N 299 
THR CB  HB   sing N N 300 
THR OG1 HG1  sing N N 301 
THR CG2 HG21 sing N N 302 
THR CG2 HG22 sing N N 303 
THR CG2 HG23 sing N N 304 
THR OXT HXT  sing N N 305 
TRP N   CA   sing N N 306 
TRP N   H    sing N N 307 
TRP N   H2   sing N N 308 
TRP CA  C    sing N N 309 
TRP CA  CB   sing N N 310 
TRP CA  HA   sing N N 311 
TRP C   O    doub N N 312 
TRP C   OXT  sing N N 313 
TRP CB  CG   sing N N 314 
TRP CB  HB2  sing N N 315 
TRP CB  HB3  sing N N 316 
TRP CG  CD1  doub Y N 317 
TRP CG  CD2  sing Y N 318 
TRP CD1 NE1  sing Y N 319 
TRP CD1 HD1  sing N N 320 
TRP CD2 CE2  doub Y N 321 
TRP CD2 CE3  sing Y N 322 
TRP NE1 CE2  sing Y N 323 
TRP NE1 HE1  sing N N 324 
TRP CE2 CZ2  sing Y N 325 
TRP CE3 CZ3  doub Y N 326 
TRP CE3 HE3  sing N N 327 
TRP CZ2 CH2  doub Y N 328 
TRP CZ2 HZ2  sing N N 329 
TRP CZ3 CH2  sing Y N 330 
TRP CZ3 HZ3  sing N N 331 
TRP CH2 HH2  sing N N 332 
TRP OXT HXT  sing N N 333 
TYR N   CA   sing N N 334 
TYR N   H    sing N N 335 
TYR N   H2   sing N N 336 
TYR CA  C    sing N N 337 
TYR CA  CB   sing N N 338 
TYR CA  HA   sing N N 339 
TYR C   O    doub N N 340 
TYR C   OXT  sing N N 341 
TYR CB  CG   sing N N 342 
TYR CB  HB2  sing N N 343 
TYR CB  HB3  sing N N 344 
TYR CG  CD1  doub Y N 345 
TYR CG  CD2  sing Y N 346 
TYR CD1 CE1  sing Y N 347 
TYR CD1 HD1  sing N N 348 
TYR CD2 CE2  doub Y N 349 
TYR CD2 HD2  sing N N 350 
TYR CE1 CZ   doub Y N 351 
TYR CE1 HE1  sing N N 352 
TYR CE2 CZ   sing Y N 353 
TYR CE2 HE2  sing N N 354 
TYR CZ  OH   sing N N 355 
TYR OH  HH   sing N N 356 
TYR OXT HXT  sing N N 357 
VAL N   CA   sing N N 358 
VAL N   H    sing N N 359 
VAL N   H2   sing N N 360 
VAL CA  C    sing N N 361 
VAL CA  CB   sing N N 362 
VAL CA  HA   sing N N 363 
VAL C   O    doub N N 364 
VAL C   OXT  sing N N 365 
VAL CB  CG1  sing N N 366 
VAL CB  CG2  sing N N 367 
VAL CB  HB   sing N N 368 
VAL CG1 HG11 sing N N 369 
VAL CG1 HG12 sing N N 370 
VAL CG1 HG13 sing N N 371 
VAL CG2 HG21 sing N N 372 
VAL CG2 HG22 sing N N 373 
VAL CG2 HG23 sing N N 374 
VAL OXT HXT  sing N N 375 
# 
_pdbx_initial_refinement_model.id               1 
_pdbx_initial_refinement_model.entity_id_list   ? 
_pdbx_initial_refinement_model.type             'experimental model' 
_pdbx_initial_refinement_model.source_name      PDB 
_pdbx_initial_refinement_model.accession_code   3GBL 
_pdbx_initial_refinement_model.details          'PDB ENTRY 3GBL' 
# 
_atom_sites.entry_id                    4M9O 
_atom_sites.fract_transf_matrix[1][1]   -0.01569194 
_atom_sites.fract_transf_matrix[1][2]   0.01896532 
_atom_sites.fract_transf_matrix[1][3]   -0.00914123 
_atom_sites.fract_transf_matrix[2][1]   -0.01571762 
_atom_sites.fract_transf_matrix[2][2]   -0.01104592 
_atom_sites.fract_transf_matrix[2][3]   0.00406407 
_atom_sites.fract_transf_matrix[3][1]   -0.00085720 
_atom_sites.fract_transf_matrix[3][2]   0.00744143 
_atom_sites.fract_transf_matrix[3][3]   0.01691021 
_atom_sites.fract_transf_vector[1]      0.104476 
_atom_sites.fract_transf_vector[2]      -0.333208 
_atom_sites.fract_transf_vector[3]      -0.176185 
# 
loop_
_atom_type.symbol 
C 
N 
O 
S 
# 
loop_
_atom_site.group_PDB 
_atom_site.id 
_atom_site.type_symbol 
_atom_site.label_atom_id 
_atom_site.label_alt_id 
_atom_site.label_comp_id 
_atom_site.label_asym_id 
_atom_site.label_entity_id 
_atom_site.label_seq_id 
_atom_site.pdbx_PDB_ins_code 
_atom_site.Cartn_x 
_atom_site.Cartn_y 
_atom_site.Cartn_z 
_atom_site.occupancy 
_atom_site.B_iso_or_equiv 
_atom_site.pdbx_formal_charge 
_atom_site.auth_seq_id 
_atom_site.auth_comp_id 
_atom_site.auth_asym_id 
_atom_site.auth_atom_id 
_atom_site.pdbx_PDB_model_num 
ATOM   1   N N   . LYS A 1 3  ? -6.866  18.166  15.096  1.00 30.00 ? 1   LYS A N   1 
ATOM   2   C CA  . LYS A 1 3  ? -7.661  17.991  13.899  1.00 29.64 ? 1   LYS A CA  1 
ATOM   3   C C   . LYS A 1 3  ? -7.111  17.060  12.786  1.00 28.41 ? 1   LYS A C   1 
ATOM   4   O O   . LYS A 1 3  ? -7.795  16.230  12.330  1.00 29.03 ? 1   LYS A O   1 
ATOM   5   C CB  . LYS A 1 3  ? -8.064  19.356  13.395  1.00 31.50 ? 1   LYS A CB  1 
ATOM   6   C CG  . LYS A 1 3  ? -8.856  19.405  12.191  1.00 31.49 ? 1   LYS A CG  1 
ATOM   7   C CD  . LYS A 1 3  ? -9.782  20.601  12.173  1.00 37.38 ? 1   LYS A CD  1 
ATOM   8   C CE  . LYS A 1 3  ? -9.103  21.900  11.710  1.00 40.29 ? 1   LYS A CE  1 
ATOM   9   N NZ  . LYS A 1 3  ? -9.760  23.150  12.257  1.00 45.50 ? 1   LYS A NZ  1 
ATOM   10  N N   . VAL A 1 4  ? -5.871  17.182  12.393  1.00 26.80 ? 2   VAL A N   1 
ATOM   11  C CA  . VAL A 1 4  ? -5.306  16.394  11.330  1.00 26.17 ? 2   VAL A CA  1 
ATOM   12  C C   . VAL A 1 4  ? -4.253  15.403  11.764  1.00 25.50 ? 2   VAL A C   1 
ATOM   13  O O   . VAL A 1 4  ? -3.427  15.706  12.568  1.00 26.20 ? 2   VAL A O   1 
ATOM   14  C CB  . VAL A 1 4  ? -4.740  17.282  10.239  1.00 25.56 ? 2   VAL A CB  1 
ATOM   15  C CG1 . VAL A 1 4  ? -3.903  16.530  9.308   1.00 26.71 ? 2   VAL A CG1 1 
ATOM   16  C CG2 . VAL A 1 4  ? -5.808  18.055  9.543   1.00 26.38 ? 2   VAL A CG2 1 
ATOM   17  N N   . SER A 1 5  ? -4.322  14.201  11.227  1.00 23.54 ? 3   SER A N   1 
ATOM   18  C CA  . SER A 1 5  ? -3.326  13.185  11.442  1.00 20.96 ? 3   SER A CA  1 
ATOM   19  C C   . SER A 1 5  ? -2.798  12.605  10.166  1.00 20.25 ? 3   SER A C   1 
ATOM   20  O O   . SER A 1 5  ? -3.521  12.172  9.346   1.00 16.84 ? 3   SER A O   1 
ATOM   21  C CB  . SER A 1 5  ? -3.913  12.040  12.238  1.00 21.31 ? 3   SER A CB  1 
ATOM   22  O OG  . SER A 1 5  ? -4.386  12.420  13.458  1.00 26.26 ? 3   SER A OG  1 
ATOM   23  N N   . THR A 1 6  ? -1.498  12.562  10.043  1.00 30.00 ? 4   THR A N   1 
ATOM   24  C CA  . THR A 1 6  ? -0.876  11.956  8.890   1.00 30.00 ? 4   THR A CA  1 
ATOM   25  C C   . THR A 1 6  ? -0.992  10.388  8.884   1.00 30.00 ? 4   THR A C   1 
ATOM   26  O O   . THR A 1 6  ? -0.926  9.773   9.880   1.00 30.00 ? 4   THR A O   1 
ATOM   27  C CB  . THR A 1 6  ? 0.572   12.480  8.735   1.00 20.00 ? 4   THR A CB  1 
ATOM   28  O OG1 . THR A 1 6  ? 0.971   12.490  7.376   1.00 20.00 ? 4   THR A OG1 1 
ATOM   29  C CG2 . THR A 1 6  ? 1.507   11.698  9.507   1.00 20.00 ? 4   THR A CG2 1 
ATOM   30  N N   . PRO A 1 7  ? -1.195  9.798   7.732   1.00 18.05 ? 5   PRO A N   1 
ATOM   31  C CA  . PRO A 1 7  ? -1.330  8.365   7.607   1.00 18.37 ? 5   PRO A CA  1 
ATOM   32  C C   . PRO A 1 7  ? -0.086  7.624   8.043   1.00 19.22 ? 5   PRO A C   1 
ATOM   33  O O   . PRO A 1 7  ? 0.980   8.086   7.838   1.00 19.61 ? 5   PRO A O   1 
ATOM   34  C CB  . PRO A 1 7  ? -1.581  8.179   6.125   1.00 17.18 ? 5   PRO A CB  1 
ATOM   35  C CG  . PRO A 1 7  ? -1.708  9.484   5.554   1.00 19.61 ? 5   PRO A CG  1 
ATOM   36  C CD  . PRO A 1 7  ? -1.098  10.435  6.432   1.00 19.10 ? 5   PRO A CD  1 
ATOM   37  N N   . LYS A 1 8  ? -0.257  6.486   8.664   1.00 19.12 ? 6   LYS A N   1 
ATOM   38  C CA  . LYS A 1 8  ? 0.832   5.565   8.898   1.00 19.50 ? 6   LYS A CA  1 
ATOM   39  C C   . LYS A 1 8  ? 0.701   4.525   7.807   1.00 18.56 ? 6   LYS A C   1 
ATOM   40  O O   . LYS A 1 8  ? -0.305  3.939   7.671   1.00 18.50 ? 6   LYS A O   1 
ATOM   41  C CB  . LYS A 1 8  ? 0.750   4.900   10.267  1.00 19.91 ? 6   LYS A CB  1 
ATOM   42  C CG  . LYS A 1 8  ? 0.679   5.827   11.414  1.00 23.52 ? 6   LYS A CG  1 
ATOM   43  C CD  . LYS A 1 8  ? 0.421   5.135   12.677  1.00 30.61 ? 6   LYS A CD  1 
ATOM   44  C CE  . LYS A 1 8  ? 0.753   5.971   13.910  1.00 36.43 ? 6   LYS A CE  1 
ATOM   45  N NZ  . LYS A 1 8  ? 1.560   7.197   13.719  1.00 39.50 ? 6   LYS A NZ  1 
ATOM   46  N N   . VAL A 1 9  ? 1.746   4.339   7.035   1.00 18.15 ? 7   VAL A N   1 
ATOM   47  C CA  . VAL A 1 9  ? 1.751   3.463   5.890   1.00 17.02 ? 7   VAL A CA  1 
ATOM   48  C C   . VAL A 1 9  ? 2.811   2.386   5.954   1.00 17.82 ? 7   VAL A C   1 
ATOM   49  O O   . VAL A 1 9  ? 3.931   2.651   6.291   1.00 15.57 ? 7   VAL A O   1 
ATOM   50  C CB  . VAL A 1 9  ? 1.997   4.249   4.603   1.00 16.77 ? 7   VAL A CB  1 
ATOM   51  C CG1 . VAL A 1 9  ? 1.955   3.394   3.415   1.00 17.71 ? 7   VAL A CG1 1 
ATOM   52  C CG2 . VAL A 1 9  ? 1.083   5.392   4.474   1.00 16.68 ? 7   VAL A CG2 1 
ATOM   53  N N   . HIS A 1 10 ? 2.400   1.178   5.630   1.00 17.69 ? 8   HIS A N   1 
ATOM   54  C CA  . HIS A 1 10 ? 3.256   0.035   5.524   1.00 19.35 ? 8   HIS A CA  1 
ATOM   55  C C   . HIS A 1 10 ? 3.071   -0.727  4.215   1.00 18.81 ? 8   HIS A C   1 
ATOM   56  O O   . HIS A 1 10 ? 1.996   -1.032  3.846   1.00 17.92 ? 8   HIS A O   1 
ATOM   57  C CB  . HIS A 1 10 ? 3.030   -0.888  6.700   1.00 20.49 ? 8   HIS A CB  1 
ATOM   58  C CG  . HIS A 1 10 ? 3.101   -0.217  8.029   1.00 21.79 ? 8   HIS A CG  1 
ATOM   59  N ND1 . HIS A 1 10 ? 4.261   -0.130  8.740   1.00 24.44 ? 8   HIS A ND1 1 
ATOM   60  C CD2 . HIS A 1 10 ? 2.169   0.426   8.756   1.00 26.60 ? 8   HIS A CD2 1 
ATOM   61  C CE1 . HIS A 1 10 ? 4.045   0.526   9.852   1.00 25.66 ? 8   HIS A CE1 1 
ATOM   62  N NE2 . HIS A 1 10 ? 2.779   0.856   9.897   1.00 28.11 ? 8   HIS A NE2 1 
ATOM   63  N N   . VAL A 1 11 ? 4.161   -1.008  3.535   1.00 30.00 ? 9   VAL A N   1 
ATOM   64  C CA  . VAL A 1 11 ? 4.190   -1.873  2.365   1.00 30.00 ? 9   VAL A CA  1 
ATOM   65  C C   . VAL A 1 11 ? 4.928   -3.185  2.655   1.00 30.00 ? 9   VAL A C   1 
ATOM   66  O O   . VAL A 1 11 ? 6.000   -3.171  3.156   1.00 30.00 ? 9   VAL A O   1 
ATOM   67  C CB  . VAL A 1 11 ? 4.780   -1.190  1.164   1.00 20.00 ? 9   VAL A CB  1 
ATOM   68  C CG1 . VAL A 1 11 ? 4.444   -1.901  -0.071  1.00 20.00 ? 9   VAL A CG1 1 
ATOM   69  C CG2 . VAL A 1 11 ? 4.338   0.170   1.088   1.00 20.00 ? 9   VAL A CG2 1 
ATOM   70  N N   . TYR A 1 12 ? 4.300   -4.299  2.361   1.00 16.89 ? 10  TYR A N   1 
ATOM   71  C CA  . TYR A 1 12 ? 4.779   -5.594  2.711   1.00 15.42 ? 10  TYR A CA  1 
ATOM   72  C C   . TYR A 1 12 ? 4.187   -6.669  1.840   1.00 15.39 ? 10  TYR A C   1 
ATOM   73  O O   . TYR A 1 12 ? 3.149   -6.512  1.304   1.00 15.32 ? 10  TYR A O   1 
ATOM   74  C CB  . TYR A 1 12 ? 4.527   -5.905  4.199   1.00 15.18 ? 10  TYR A CB  1 
ATOM   75  C CG  . TYR A 1 12 ? 3.127   -5.725  4.665   1.00 13.24 ? 10  TYR A CG  1 
ATOM   76  C CD1 . TYR A 1 12 ? 2.717   -4.545  5.198   1.00 10.91 ? 10  TYR A CD1 1 
ATOM   77  C CD2 . TYR A 1 12 ? 2.211   -6.735  4.561   1.00 12.83 ? 10  TYR A CD2 1 
ATOM   78  C CE1 . TYR A 1 12 ? 1.473   -4.365  5.616   1.00 11.79 ? 10  TYR A CE1 1 
ATOM   79  C CE2 . TYR A 1 12 ? 0.916   -6.557  4.987   1.00 12.13 ? 10  TYR A CE2 1 
ATOM   80  C CZ  . TYR A 1 12 ? 0.552   -5.355  5.503   1.00 15.28 ? 10  TYR A CZ  1 
ATOM   81  O OH  . TYR A 1 12 ? -0.689  -5.143  5.940   1.00 17.70 ? 10  TYR A OH  1 
ATOM   82  N N   . SER A 1 13 ? 4.879   -7.780  1.744   1.00 15.42 ? 11  SER A N   1 
ATOM   83  C CA  . SER A 1 13 ? 4.352   -8.971  1.133   1.00 17.52 ? 11  SER A CA  1 
ATOM   84  C C   . SER A 1 13 ? 3.754   -9.921  2.162   1.00 18.70 ? 11  SER A C   1 
ATOM   85  O O   . SER A 1 13 ? 4.142   -9.930  3.281   1.00 18.61 ? 11  SER A O   1 
ATOM   86  C CB  . SER A 1 13 ? 5.370   -9.707  0.269   1.00 16.76 ? 11  SER A CB  1 
ATOM   87  O OG  . SER A 1 13 ? 6.488   -10.082 0.982   1.00 19.82 ? 11  SER A OG  1 
ATOM   88  N N   . HIS A 1 14 ? 2.793   -10.706 1.727   1.00 20.12 ? 12  HIS A N   1 
ATOM   89  C CA  . HIS A 1 14 ? 2.141   -11.697 2.522   1.00 22.87 ? 12  HIS A CA  1 
ATOM   90  C C   . HIS A 1 14 ? 3.093   -12.807 2.942   1.00 24.43 ? 12  HIS A C   1 
ATOM   91  O O   . HIS A 1 14 ? 3.108   -13.211 4.053   1.00 23.72 ? 12  HIS A O   1 
ATOM   92  C CB  . HIS A 1 14 ? 0.938   -12.263 1.805   1.00 23.54 ? 12  HIS A CB  1 
ATOM   93  C CG  . HIS A 1 14 ? 0.004   -12.994 2.696   1.00 25.83 ? 12  HIS A CG  1 
ATOM   94  N ND1 . HIS A 1 14 ? -0.314  -12.555 3.952   1.00 29.92 ? 12  HIS A ND1 1 
ATOM   95  C CD2 . HIS A 1 14 ? -0.640  -14.161 2.537   1.00 28.78 ? 12  HIS A CD2 1 
ATOM   96  C CE1 . HIS A 1 14 ? -1.129  -13.411 4.518   1.00 29.08 ? 12  HIS A CE1 1 
ATOM   97  N NE2 . HIS A 1 14 ? -1.348  -14.390 3.677   1.00 30.51 ? 12  HIS A NE2 1 
ATOM   98  N N   . PHE A 1 15 ? 3.930   -13.215 2.016   1.00 24.66 ? 13  PHE A N   1 
ATOM   99  C CA  . PHE A 1 15 ? 4.906   -14.236 2.194   1.00 25.66 ? 13  PHE A CA  1 
ATOM   100 C C   . PHE A 1 15 ? 6.274   -13.683 1.966   1.00 25.12 ? 13  PHE A C   1 
ATOM   101 O O   . PHE A 1 15 ? 6.430   -12.684 1.378   1.00 24.67 ? 13  PHE A O   1 
ATOM   102 C CB  . PHE A 1 15 ? 4.675   -15.322 1.194   1.00 25.75 ? 13  PHE A CB  1 
ATOM   103 C CG  . PHE A 1 15 ? 3.500   -16.103 1.461   1.00 29.53 ? 13  PHE A CG  1 
ATOM   104 C CD1 . PHE A 1 15 ? 3.365   -16.719 2.626   1.00 34.58 ? 13  PHE A CD1 1 
ATOM   105 C CD2 . PHE A 1 15 ? 2.492   -16.192 0.554   1.00 37.70 ? 13  PHE A CD2 1 
ATOM   106 C CE1 . PHE A 1 15 ? 2.290   -17.438 2.882   1.00 39.47 ? 13  PHE A CE1 1 
ATOM   107 C CE2 . PHE A 1 15 ? 1.413   -16.903 0.815   1.00 39.78 ? 13  PHE A CE2 1 
ATOM   108 C CZ  . PHE A 1 15 ? 1.313   -17.541 1.973   1.00 40.86 ? 13  PHE A CZ  1 
ATOM   109 N N   . PRO A 1 16 ? 7.269   -14.367 2.445   1.00 25.70 ? 14  PRO A N   1 
ATOM   110 C CA  . PRO A 1 16 ? 8.617   -13.906 2.253   1.00 26.49 ? 14  PRO A CA  1 
ATOM   111 C C   . PRO A 1 16 ? 8.866   -13.898 0.777   1.00 27.25 ? 14  PRO A C   1 
ATOM   112 O O   . PRO A 1 16 ? 8.478   -14.771 0.091   1.00 28.15 ? 14  PRO A O   1 
ATOM   113 C CB  . PRO A 1 16 ? 9.426   -14.974 2.927   1.00 26.21 ? 14  PRO A CB  1 
ATOM   114 C CG  . PRO A 1 16 ? 8.573   -15.588 3.786   1.00 26.79 ? 14  PRO A CG  1 
ATOM   115 C CD  . PRO A 1 16 ? 7.205   -15.377 3.479   1.00 26.01 ? 14  PRO A CD  1 
ATOM   116 N N   . GLY A 1 17 ? 9.438   -12.841 0.296   1.00 28.76 ? 15  GLY A N   1 
ATOM   117 C CA  . GLY A 1 17 ? 9.628   -12.687 -1.117  1.00 29.96 ? 15  GLY A CA  1 
ATOM   118 C C   . GLY A 1 17 ? 10.661  -13.643 -1.635  1.00 31.26 ? 15  GLY A C   1 
ATOM   119 O O   . GLY A 1 17 ? 11.662  -13.843 -1.022  1.00 31.67 ? 15  GLY A O   1 
ATOM   120 N N   . GLU A 1 18 ? 10.375  -14.269 -2.742  1.00 30.64 ? 16  GLU A N   1 
ATOM   121 C CA  . GLU A 1 18 ? 11.362  -15.068 -3.401  1.00 30.31 ? 16  GLU A CA  1 
ATOM   122 C C   . GLU A 1 18 ? 11.200  -14.846 -4.866  1.00 28.68 ? 16  GLU A C   1 
ATOM   123 O O   . GLU A 1 18 ? 10.127  -14.909 -5.365  1.00 28.49 ? 16  GLU A O   1 
ATOM   124 C CB  . GLU A 1 18 ? 11.187  -16.515 -3.028  1.00 31.55 ? 16  GLU A CB  1 
ATOM   125 C CG  . GLU A 1 18 ? 12.233  -17.411 -3.502  1.00 40.40 ? 16  GLU A CG  1 
ATOM   126 C CD  . GLU A 1 18 ? 11.692  -18.757 -3.812  1.00 49.89 ? 16  GLU A CD  1 
ATOM   127 O OE1 . GLU A 1 18 ? 11.944  -19.233 -4.935  1.00 54.04 ? 16  GLU A OE1 1 
ATOM   128 O OE2 . GLU A 1 18 ? 10.991  -19.312 -2.949  1.00 51.82 ? 16  GLU A OE2 1 
ATOM   129 N N   . TYR A 1 19 ? 12.290  -14.617 -5.552  1.00 27.17 ? 17  TYR A N   1 
ATOM   130 C CA  . TYR A 1 19 ? 12.209  -14.282 -6.946  1.00 27.83 ? 17  TYR A CA  1 
ATOM   131 C C   . TYR A 1 19 ? 11.536  -15.351 -7.762  1.00 27.94 ? 17  TYR A C   1 
ATOM   132 O O   . TYR A 1 19 ? 11.774  -16.471 -7.592  1.00 27.29 ? 17  TYR A O   1 
ATOM   133 C CB  . TYR A 1 19 ? 13.579  -13.986 -7.514  1.00 27.34 ? 17  TYR A CB  1 
ATOM   134 C CG  . TYR A 1 19 ? 14.166  -12.704 -7.091  1.00 24.32 ? 17  TYR A CG  1 
ATOM   135 C CD1 . TYR A 1 19 ? 13.565  -11.535 -7.374  1.00 23.62 ? 17  TYR A CD1 1 
ATOM   136 C CD2 . TYR A 1 19 ? 15.340  -12.676 -6.413  1.00 25.27 ? 17  TYR A CD2 1 
ATOM   137 C CE1 . TYR A 1 19 ? 14.094  -10.387 -6.993  1.00 25.08 ? 17  TYR A CE1 1 
ATOM   138 C CE2 . TYR A 1 19 ? 15.880  -11.535 -6.023  1.00 29.62 ? 17  TYR A CE2 1 
ATOM   139 C CZ  . TYR A 1 19 ? 15.264  -10.375 -6.312  1.00 31.42 ? 17  TYR A CZ  1 
ATOM   140 O OH  . TYR A 1 19 ? 15.842  -9.212  -5.901  1.00 31.29 ? 17  TYR A OH  1 
ATOM   141 N N   . GLY A 1 20 ? 10.630  -14.941 -8.617  1.00 28.79 ? 18  GLY A N   1 
ATOM   142 C CA  . GLY A 1 20 ? 9.878   -15.834 -9.457  1.00 29.08 ? 18  GLY A CA  1 
ATOM   143 C C   . GLY A 1 20 ? 8.737   -16.557 -8.784  1.00 30.41 ? 18  GLY A C   1 
ATOM   144 O O   . GLY A 1 20 ? 8.078   -17.334 -9.372  1.00 31.05 ? 18  GLY A O   1 
ATOM   145 N N   . LYS A 1 21 ? 8.495   -16.285 -7.531  1.00 30.39 ? 19  LYS A N   1 
ATOM   146 C CA  . LYS A 1 21 ? 7.418   -16.967 -6.856  1.00 30.84 ? 19  LYS A CA  1 
ATOM   147 C C   . LYS A 1 21 ? 6.237   -16.033 -6.635  1.00 30.31 ? 19  LYS A C   1 
ATOM   148 O O   . LYS A 1 21 ? 6.403   -14.981 -6.133  1.00 29.36 ? 19  LYS A O   1 
ATOM   149 C CB  . LYS A 1 21 ? 7.912   -17.612 -5.555  1.00 31.69 ? 19  LYS A CB  1 
ATOM   150 C CG  . LYS A 1 21 ? 6.832   -18.014 -4.553  1.00 36.96 ? 19  LYS A CG  1 
ATOM   151 C CD  . LYS A 1 21 ? 7.341   -18.211 -3.117  1.00 44.43 ? 19  LYS A CD  1 
ATOM   152 C CE  . LYS A 1 21 ? 7.016   -16.991 -2.131  1.00 46.14 ? 19  LYS A CE  1 
ATOM   153 N NZ  . LYS A 1 21 ? 5.590   -16.780 -1.842  1.00 46.72 ? 19  LYS A NZ  1 
ATOM   154 N N   . PRO A 1 22 ? 5.052   -16.472 -7.015  1.00 29.46 ? 20  PRO A N   1 
ATOM   155 C CA  . PRO A 1 22 ? 3.828   -15.710 -6.819  1.00 28.88 ? 20  PRO A CA  1 
ATOM   156 C C   . PRO A 1 22 ? 3.546   -15.433 -5.380  1.00 26.96 ? 20  PRO A C   1 
ATOM   157 O O   . PRO A 1 22 ? 3.675   -16.308 -4.570  1.00 28.03 ? 20  PRO A O   1 
ATOM   158 C CB  . PRO A 1 22 ? 2.761   -16.651 -7.327  1.00 26.87 ? 20  PRO A CB  1 
ATOM   159 C CG  . PRO A 1 22 ? 3.424   -17.533 -8.151  1.00 30.15 ? 20  PRO A CG  1 
ATOM   160 C CD  . PRO A 1 22 ? 4.755   -17.763 -7.616  1.00 30.19 ? 20  PRO A CD  1 
ATOM   161 N N   . ASN A 1 23 ? 3.148   -14.202 -5.110  1.00 25.25 ? 21  ASN A N   1 
ATOM   162 C CA  . ASN A 1 23 ? 2.964   -13.639 -3.803  1.00 21.59 ? 21  ASN A CA  1 
ATOM   163 C C   . ASN A 1 23 ? 1.878   -12.576 -3.841  1.00 21.55 ? 21  ASN A C   1 
ATOM   164 O O   . ASN A 1 23 ? 1.299   -12.352 -4.833  1.00 22.25 ? 21  ASN A O   1 
ATOM   165 C CB  . ASN A 1 23 ? 4.273   -13.028 -3.330  1.00 20.92 ? 21  ASN A CB  1 
ATOM   166 C CG  . ASN A 1 23 ? 4.426   -12.978 -1.815  1.00 19.10 ? 21  ASN A CG  1 
ATOM   167 O OD1 . ASN A 1 23 ? 3.502   -12.861 -1.077  1.00 20.33 ? 21  ASN A OD1 1 
ATOM   168 N ND2 . ASN A 1 23 ? 5.625   -13.023 -1.391  1.00 16.84 ? 21  ASN A ND2 1 
ATOM   169 N N   . THR A 1 24 ? 1.604   -11.960 -2.717  1.00 18.85 ? 22  THR A N   1 
ATOM   170 C CA  . THR A 1 24 ? 0.682   -10.857 -2.629  1.00 18.38 ? 22  THR A CA  1 
ATOM   171 C C   . THR A 1 24 ? 1.404   -9.640  -2.088  1.00 17.45 ? 22  THR A C   1 
ATOM   172 O O   . THR A 1 24 ? 2.073   -9.719  -1.100  1.00 15.14 ? 22  THR A O   1 
ATOM   173 C CB  . THR A 1 24 ? -0.494  -11.157 -1.732  1.00 18.25 ? 22  THR A CB  1 
ATOM   174 O OG1 . THR A 1 24 ? -1.109  -12.347 -2.135  1.00 20.75 ? 22  THR A OG1 1 
ATOM   175 C CG2 . THR A 1 24 ? -1.479  -10.089 -1.806  1.00 19.00 ? 22  THR A CG2 1 
ATOM   176 N N   . LEU A 1 25 ? 1.231   -8.529  -2.769  1.00 17.49 ? 23  LEU A N   1 
ATOM   177 C CA  . LEU A 1 25 ? 1.753   -7.248  -2.370  1.00 17.45 ? 23  LEU A CA  1 
ATOM   178 C C   . LEU A 1 25 ? 0.656   -6.459  -1.648  1.00 18.27 ? 23  LEU A C   1 
ATOM   179 O O   . LEU A 1 25 ? -0.437  -6.378  -2.109  1.00 17.75 ? 23  LEU A O   1 
ATOM   180 C CB  . LEU A 1 25 ? 2.372   -6.480  -3.542  1.00 18.79 ? 23  LEU A CB  1 
ATOM   181 C CG  . LEU A 1 25 ? 3.082   -5.150  -3.247  1.00 19.23 ? 23  LEU A CG  1 
ATOM   182 C CD1 . LEU A 1 25 ? 4.275   -5.271  -2.433  1.00 17.82 ? 23  LEU A CD1 1 
ATOM   183 C CD2 . LEU A 1 25 ? 3.357   -4.287  -4.451  1.00 23.22 ? 23  LEU A CD2 1 
ATOM   184 N N   . ILE A 1 26 ? 0.980   -5.934  -0.491  1.00 18.58 ? 24  ILE A N   1 
ATOM   185 C CA  . ILE A 1 26 ? 0.040   -5.244  0.385   1.00 17.34 ? 24  ILE A CA  1 
ATOM   186 C C   . ILE A 1 26 ? 0.466   -3.859  0.846   1.00 19.15 ? 24  ILE A C   1 
ATOM   187 O O   . ILE A 1 26 ? 1.556   -3.687  1.251   1.00 19.02 ? 24  ILE A O   1 
ATOM   188 C CB  . ILE A 1 26 ? -0.262  -6.098  1.628   1.00 16.94 ? 24  ILE A CB  1 
ATOM   189 C CG1 . ILE A 1 26 ? -0.609  -7.520  1.240   1.00 17.53 ? 24  ILE A CG1 1 
ATOM   190 C CG2 . ILE A 1 26 ? -1.312  -5.485  2.466   1.00 15.96 ? 24  ILE A CG2 1 
ATOM   191 C CD1 . ILE A 1 26 ? -0.290  -8.537  2.232   1.00 21.44 ? 24  ILE A CD1 1 
ATOM   192 N N   . CYS A 1 27 ? -0.425  -2.889  0.782   1.00 18.46 ? 25  CYS A N   1 
ATOM   193 C CA  . CYS A 1 27 ? -0.213  -1.564  1.322   1.00 19.16 ? 25  CYS A CA  1 
ATOM   194 C C   . CYS A 1 27 ? -1.291  -1.261  2.322   1.00 18.68 ? 25  CYS A C   1 
ATOM   195 O O   . CYS A 1 27 ? -2.402  -1.199  1.988   1.00 19.29 ? 25  CYS A O   1 
ATOM   196 C CB  . CYS A 1 27 ? -0.234  -0.496  0.247   1.00 20.13 ? 25  CYS A CB  1 
ATOM   197 S SG  . CYS A 1 27 ? 0.139   1.187   0.744   1.00 26.79 ? 25  CYS A SG  1 
ATOM   198 N N   . TYR A 1 28 ? -0.915  -1.055  3.549   1.00 17.66 ? 26  TYR A N   1 
ATOM   199 C CA  . TYR A 1 28 ? -1.824  -0.815  4.641   1.00 17.11 ? 26  TYR A CA  1 
ATOM   200 C C   . TYR A 1 28 ? -1.673  0.586   5.163   1.00 17.11 ? 26  TYR A C   1 
ATOM   201 O O   . TYR A 1 28 ? -0.606  1.009   5.487   1.00 17.23 ? 26  TYR A O   1 
ATOM   202 C CB  . TYR A 1 28 ? -1.603  -1.818  5.740   1.00 15.94 ? 26  TYR A CB  1 
ATOM   203 C CG  . TYR A 1 28 ? -2.415  -1.628  6.981   1.00 17.81 ? 26  TYR A CG  1 
ATOM   204 C CD1 . TYR A 1 28 ? -3.714  -2.014  7.032   1.00 17.24 ? 26  TYR A CD1 1 
ATOM   205 C CD2 . TYR A 1 28 ? -1.847  -1.130  8.131   1.00 17.28 ? 26  TYR A CD2 1 
ATOM   206 C CE1 . TYR A 1 28 ? -4.426  -1.879  8.155   1.00 19.35 ? 26  TYR A CE1 1 
ATOM   207 C CE2 . TYR A 1 28 ? -2.560  -0.983  9.252   1.00 15.12 ? 26  TYR A CE2 1 
ATOM   208 C CZ  . TYR A 1 28 ? -3.850  -1.365  9.261   1.00 17.25 ? 26  TYR A CZ  1 
ATOM   209 O OH  . TYR A 1 28 ? -4.596  -1.247  10.333  1.00 17.12 ? 26  TYR A OH  1 
ATOM   210 N N   . VAL A 1 29 ? -2.783  1.293   5.208   1.00 15.90 ? 27  VAL A N   1 
ATOM   211 C CA  . VAL A 1 29 ? -2.822  2.664   5.604   1.00 15.68 ? 27  VAL A CA  1 
ATOM   212 C C   . VAL A 1 29 ? -3.759  2.901   6.779   1.00 16.20 ? 27  VAL A C   1 
ATOM   213 O O   . VAL A 1 29 ? -4.854  2.461   6.805   1.00 13.21 ? 27  VAL A O   1 
ATOM   214 C CB  . VAL A 1 29 ? -3.178  3.576   4.470   1.00 17.77 ? 27  VAL A CB  1 
ATOM   215 C CG1 . VAL A 1 29 ? -3.099  4.956   4.920   1.00 20.82 ? 27  VAL A CG1 1 
ATOM   216 C CG2 . VAL A 1 29 ? -2.303  3.375   3.316   1.00 17.75 ? 27  VAL A CG2 1 
ATOM   217 N N   . SER A 1 30 ? -3.256  3.599   7.764   1.00 15.87 ? 28  SER A N   1 
ATOM   218 C CA  . SER A 1 30 ? -3.925  3.701   9.007   1.00 17.25 ? 28  SER A CA  1 
ATOM   219 C C   . SER A 1 30 ? -3.729  4.998   9.759   1.00 16.17 ? 28  SER A C   1 
ATOM   220 O O   . SER A 1 30 ? -2.805  5.660   9.553   1.00 16.17 ? 28  SER A O   1 
ATOM   221 C CB  . SER A 1 30 ? -3.469  2.533   9.874   1.00 17.70 ? 28  SER A CB  1 
ATOM   222 O OG  . SER A 1 30 ? -4.134  2.538   11.073  1.00 27.05 ? 28  SER A OG  1 
ATOM   223 N N   . SER A 1 31 ? -4.628  5.270   10.674  1.00 17.15 ? 29  SER A N   1 
ATOM   224 C CA  . SER A 1 31 ? -4.588  6.376   11.622  1.00 18.41 ? 29  SER A CA  1 
ATOM   225 C C   . SER A 1 31 ? -4.539  7.797   11.081  1.00 18.09 ? 29  SER A C   1 
ATOM   226 O O   . SER A 1 31 ? -3.905  8.614   11.631  1.00 19.47 ? 29  SER A O   1 
ATOM   227 C CB  . SER A 1 31 ? -3.440  6.182   12.591  1.00 18.44 ? 29  SER A CB  1 
ATOM   228 O OG  . SER A 1 31 ? -3.401  4.898   13.073  1.00 24.89 ? 29  SER A OG  1 
ATOM   229 N N   . PHE A 1 32 ? -5.226  8.048   9.999   1.00 15.72 ? 30  PHE A N   1 
ATOM   230 C CA  . PHE A 1 32 ? -5.215  9.319   9.348   1.00 14.70 ? 30  PHE A CA  1 
ATOM   231 C C   . PHE A 1 32 ? -6.517  9.997   9.631   1.00 13.88 ? 30  PHE A C   1 
ATOM   232 O O   . PHE A 1 32 ? -7.470  9.348   9.821   1.00 15.26 ? 30  PHE A O   1 
ATOM   233 C CB  . PHE A 1 32 ? -5.030  9.164   7.843   1.00 11.95 ? 30  PHE A CB  1 
ATOM   234 C CG  . PHE A 1 32 ? -5.862  8.083   7.258   1.00 13.90 ? 30  PHE A CG  1 
ATOM   235 C CD1 . PHE A 1 32 ? -7.081  8.343   6.760   1.00 12.86 ? 30  PHE A CD1 1 
ATOM   236 C CD2 . PHE A 1 32 ? -5.433  6.779   7.256   1.00 12.17 ? 30  PHE A CD2 1 
ATOM   237 C CE1 . PHE A 1 32 ? -7.837  7.354   6.249   1.00 10.21 ? 30  PHE A CE1 1 
ATOM   238 C CE2 . PHE A 1 32 ? -6.199  5.822   6.769   1.00 7.74  ? 30  PHE A CE2 1 
ATOM   239 C CZ  . PHE A 1 32 ? -7.411  6.122   6.270   1.00 12.80 ? 30  PHE A CZ  1 
ATOM   240 N N   . HIS A 1 33 ? -6.478  11.319  9.696   1.00 12.46 ? 31  HIS A N   1 
ATOM   241 C CA  . HIS A 1 33 ? -7.608  12.243  9.810   1.00 14.10 ? 31  HIS A CA  1 
ATOM   242 C C   . HIS A 1 33 ? -7.311  13.450  8.894   1.00 14.50 ? 31  HIS A C   1 
ATOM   243 O O   . HIS A 1 33 ? -6.285  14.020  9.006   1.00 15.24 ? 31  HIS A O   1 
ATOM   244 C CB  . HIS A 1 33 ? -7.708  12.834  11.201  1.00 12.73 ? 31  HIS A CB  1 
ATOM   245 C CG  . HIS A 1 33 ? -7.891  11.867  12.303  1.00 16.24 ? 31  HIS A CG  1 
ATOM   246 N ND1 . HIS A 1 33 ? -8.885  10.936  12.322  1.00 22.20 ? 31  HIS A ND1 1 
ATOM   247 C CD2 . HIS A 1 33 ? -7.269  11.764  13.485  1.00 21.00 ? 31  HIS A CD2 1 
ATOM   248 C CE1 . HIS A 1 33 ? -8.856  10.281  13.451  1.00 18.64 ? 31  HIS A CE1 1 
ATOM   249 N NE2 . HIS A 1 33 ? -7.868  10.750  14.168  1.00 24.01 ? 31  HIS A NE2 1 
ATOM   250 N N   . PRO A 1 34 ? -8.219  13.875  8.034   1.00 15.33 ? 32  PRO A N   1 
ATOM   251 C CA  . PRO A 1 34 ? -9.526  13.286  7.819   1.00 15.08 ? 32  PRO A CA  1 
ATOM   252 C C   . PRO A 1 34 ? -9.545  11.977  7.026   1.00 17.54 ? 32  PRO A C   1 
ATOM   253 O O   . PRO A 1 34 ? -8.570  11.739  6.395   1.00 17.67 ? 32  PRO A O   1 
ATOM   254 C CB  . PRO A 1 34 ? -10.231 14.393  7.033   1.00 14.47 ? 32  PRO A CB  1 
ATOM   255 C CG  . PRO A 1 34 ? -9.203  15.055  6.348   1.00 13.18 ? 32  PRO A CG  1 
ATOM   256 C CD  . PRO A 1 34 ? -8.020  15.039  7.167   1.00 13.29 ? 32  PRO A CD  1 
ATOM   257 N N   . PRO A 1 35 ? -10.682 11.357  6.922   1.00 30.00 ? 33  PRO A N   1 
ATOM   258 C CA  . PRO A 1 35 ? -10.791 10.069  6.281   1.00 30.00 ? 33  PRO A CA  1 
ATOM   259 C C   . PRO A 1 35 ? -10.781 10.102  4.763   1.00 30.00 ? 33  PRO A C   1 
ATOM   260 O O   . PRO A 1 35 ? -11.143 9.141   4.228   1.00 30.00 ? 33  PRO A O   1 
ATOM   261 C CB  . PRO A 1 35 ? -12.088 9.507   6.845   1.00 20.00 ? 33  PRO A CB  1 
ATOM   262 C CG  . PRO A 1 35 ? -12.802 10.636  7.271   1.00 20.00 ? 33  PRO A CG  1 
ATOM   263 C CD  . PRO A 1 35 ? -11.836 11.605  7.773   1.00 20.00 ? 33  PRO A CD  1 
ATOM   264 N N   . ASP A 1 36 ? -10.453 11.188  4.103   1.00 26.74 ? 34  ASP A N   1 
ATOM   265 C CA  . ASP A 1 36 ? -10.330 11.177  2.659   1.00 28.56 ? 34  ASP A CA  1 
ATOM   266 C C   . ASP A 1 36 ? -8.917  10.844  2.269   1.00 26.79 ? 34  ASP A C   1 
ATOM   267 O O   . ASP A 1 36 ? -8.016  11.529  2.609   1.00 26.41 ? 34  ASP A O   1 
ATOM   268 C CB  . ASP A 1 36 ? -10.737 12.512  2.052   1.00 30.34 ? 34  ASP A CB  1 
ATOM   269 C CG  . ASP A 1 36 ? -12.208 12.584  1.726   1.00 38.48 ? 34  ASP A CG  1 
ATOM   270 O OD1 . ASP A 1 36 ? -12.804 11.572  1.382   1.00 44.75 ? 34  ASP A OD1 1 
ATOM   271 O OD2 . ASP A 1 36 ? -12.784 13.660  1.769   1.00 43.72 ? 34  ASP A OD2 1 
ATOM   272 N N   . ILE A 1 37 ? -8.769  9.762   1.551   1.00 25.70 ? 35  ILE A N   1 
ATOM   273 C CA  . ILE A 1 37 ? -7.488  9.256   1.199   1.00 24.25 ? 35  ILE A CA  1 
ATOM   274 C C   . ILE A 1 37 ? -7.504  8.526   -0.152  1.00 22.67 ? 35  ILE A C   1 
ATOM   275 O O   . ILE A 1 37 ? -8.502  8.075   -0.577  1.00 21.25 ? 35  ILE A O   1 
ATOM   276 C CB  . ILE A 1 37 ? -6.935  8.381   2.340   1.00 24.03 ? 35  ILE A CB  1 
ATOM   277 C CG1 . ILE A 1 37 ? -5.420  8.375   2.338   1.00 23.40 ? 35  ILE A CG1 1 
ATOM   278 C CG2 . ILE A 1 37 ? -7.507  7.018   2.291   1.00 24.18 ? 35  ILE A CG2 1 
ATOM   279 C CD1 . ILE A 1 37 ? -4.822  8.062   3.593   1.00 24.04 ? 35  ILE A CD1 1 
ATOM   280 N N   . SER A 1 38 ? -6.371  8.412   -0.790  1.00 30.00 ? 36  SER A N   1 
ATOM   281 C CA  . SER A 1 38 ? -6.259  7.522   -1.918  1.00 30.00 ? 36  SER A CA  1 
ATOM   282 C C   . SER A 1 38 ? -4.927  6.830   -2.112  1.00 30.00 ? 36  SER A C   1 
ATOM   283 O O   . SER A 1 38 ? -3.899  7.378   -1.851  1.00 30.00 ? 36  SER A O   1 
ATOM   284 C CB  . SER A 1 38 ? -6.789  8.166   -3.177  1.00 20.00 ? 36  SER A CB  1 
ATOM   285 O OG  . SER A 1 38 ? -5.821  8.583   -4.007  1.00 20.00 ? 36  SER A OG  1 
ATOM   286 N N   . ILE A 1 39 ? -5.001  5.598   -2.537  1.00 22.18 ? 37  ILE A N   1 
ATOM   287 C CA  . ILE A 1 39 ? -3.895  4.683   -2.563  1.00 22.24 ? 37  ILE A CA  1 
ATOM   288 C C   . ILE A 1 39 ? -3.757  3.999   -3.916  1.00 23.11 ? 37  ILE A C   1 
ATOM   289 O O   . ILE A 1 39 ? -4.709  3.566   -4.465  1.00 21.39 ? 37  ILE A O   1 
ATOM   290 C CB  . ILE A 1 39 ? -4.102  3.556   -1.550  1.00 22.08 ? 37  ILE A CB  1 
ATOM   291 C CG1 . ILE A 1 39 ? -4.299  4.076   -0.154  1.00 25.82 ? 37  ILE A CG1 1 
ATOM   292 C CG2 . ILE A 1 39 ? -3.013  2.548   -1.587  1.00 20.64 ? 37  ILE A CG2 1 
ATOM   293 C CD1 . ILE A 1 39 ? -4.718  3.070   0.742   1.00 25.41 ? 37  ILE A CD1 1 
ATOM   294 N N   . GLU A 1 40 ? -2.542  3.880   -4.401  1.00 23.47 ? 38  GLU A N   1 
ATOM   295 C CA  . GLU A 1 40 ? -2.236  3.108   -5.607  1.00 25.70 ? 38  GLU A CA  1 
ATOM   296 C C   . GLU A 1 40 ? -1.012  2.261   -5.424  1.00 24.94 ? 38  GLU A C   1 
ATOM   297 O O   . GLU A 1 40 ? -0.130  2.615   -4.713  1.00 25.52 ? 38  GLU A O   1 
ATOM   298 C CB  . GLU A 1 40 ? -2.028  3.947   -6.858  1.00 26.61 ? 38  GLU A CB  1 
ATOM   299 C CG  . GLU A 1 40 ? -3.170  4.790   -7.322  1.00 33.70 ? 38  GLU A CG  1 
ATOM   300 C CD  . GLU A 1 40 ? -4.429  4.033   -7.630  1.00 44.85 ? 38  GLU A CD  1 
ATOM   301 O OE1 . GLU A 1 40 ? -4.399  2.891   -8.120  1.00 48.49 ? 38  GLU A OE1 1 
ATOM   302 O OE2 . GLU A 1 40 ? -5.479  4.606   -7.384  1.00 50.00 ? 38  GLU A OE2 1 
ATOM   303 N N   . LEU A 1 41 ? -0.984  1.126   -6.078  1.00 23.71 ? 39  LEU A N   1 
ATOM   304 C CA  . LEU A 1 41 ? 0.141   0.228   -6.033  1.00 22.84 ? 39  LEU A CA  1 
ATOM   305 C C   . LEU A 1 41 ? 0.821   0.338   -7.378  1.00 23.11 ? 39  LEU A C   1 
ATOM   306 O O   . LEU A 1 41 ? 0.187   0.331   -8.366  1.00 23.55 ? 39  LEU A O   1 
ATOM   307 C CB  . LEU A 1 41 ? -0.289  -1.199  -5.752  1.00 21.63 ? 39  LEU A CB  1 
ATOM   308 C CG  . LEU A 1 41 ? -0.682  -1.593  -4.337  1.00 23.40 ? 39  LEU A CG  1 
ATOM   309 C CD1 . LEU A 1 41 ? -1.230  -2.986  -4.214  1.00 19.22 ? 39  LEU A CD1 1 
ATOM   310 C CD2 . LEU A 1 41 ? 0.454   -1.403  -3.478  1.00 21.93 ? 39  LEU A CD2 1 
ATOM   311 N N   . LEU A 1 42 ? 2.119   0.486   -7.384  1.00 22.95 ? 40  LEU A N   1 
ATOM   312 C CA  . LEU A 1 42 ? 2.856   0.709   -8.604  1.00 22.28 ? 40  LEU A CA  1 
ATOM   313 C C   . LEU A 1 42 ? 3.956   -0.282  -8.877  1.00 20.89 ? 40  LEU A C   1 
ATOM   314 O O   . LEU A 1 42 ? 4.652   -0.666  -8.012  1.00 18.65 ? 40  LEU A O   1 
ATOM   315 C CB  . LEU A 1 42 ? 3.413   2.111   -8.613  1.00 21.60 ? 40  LEU A CB  1 
ATOM   316 C CG  . LEU A 1 42 ? 2.414   3.239   -8.753  1.00 25.10 ? 40  LEU A CG  1 
ATOM   317 C CD1 . LEU A 1 42 ? 2.264   3.938   -7.530  1.00 26.39 ? 40  LEU A CD1 1 
ATOM   318 C CD2 . LEU A 1 42 ? 2.716   4.162   -9.829  1.00 25.65 ? 40  LEU A CD2 1 
ATOM   319 N N   . LYS A 1 43 ? 4.061   -0.698  -10.116 1.00 20.86 ? 41  LYS A N   1 
ATOM   320 C CA  . LYS A 1 43 ? 5.155   -1.531  -10.570 1.00 20.98 ? 41  LYS A CA  1 
ATOM   321 C C   . LYS A 1 43 ? 5.956   -0.851  -11.665 1.00 21.65 ? 41  LYS A C   1 
ATOM   322 O O   . LYS A 1 43 ? 5.438   -0.515  -12.680 1.00 21.95 ? 41  LYS A O   1 
ATOM   323 C CB  . LYS A 1 43 ? 4.675   -2.876  -11.049 1.00 22.31 ? 41  LYS A CB  1 
ATOM   324 C CG  . LYS A 1 43 ? 5.761   -3.718  -11.673 1.00 21.33 ? 41  LYS A CG  1 
ATOM   325 C CD  . LYS A 1 43 ? 5.177   -4.844  -12.386 1.00 23.10 ? 41  LYS A CD  1 
ATOM   326 C CE  . LYS A 1 43 ? 6.204   -5.769  -12.915 1.00 28.67 ? 41  LYS A CE  1 
ATOM   327 N NZ  . LYS A 1 43 ? 5.620   -6.828  -13.691 1.00 33.37 ? 41  LYS A NZ  1 
ATOM   328 N N   . ASN A 1 44 ? 7.228   -0.642  -11.418 1.00 21.95 ? 42  ASN A N   1 
ATOM   329 C CA  . ASN A 1 44 ? 8.132   -0.103  -12.408 1.00 23.17 ? 42  ASN A CA  1 
ATOM   330 C C   . ASN A 1 44 ? 7.542   1.190   -12.949 1.00 22.96 ? 42  ASN A C   1 
ATOM   331 O O   . ASN A 1 44 ? 7.624   1.505   -14.091 1.00 21.04 ? 42  ASN A O   1 
ATOM   332 C CB  . ASN A 1 44 ? 8.474   -1.150  -13.492 1.00 21.45 ? 42  ASN A CB  1 
ATOM   333 C CG  . ASN A 1 44 ? 9.332   -2.271  -12.959 1.00 24.96 ? 42  ASN A CG  1 
ATOM   334 O OD1 . ASN A 1 44 ? 9.976   -2.130  -11.962 1.00 22.18 ? 42  ASN A OD1 1 
ATOM   335 N ND2 . ASN A 1 44 ? 9.325   -3.375  -13.623 1.00 24.32 ? 42  ASN A ND2 1 
ATOM   336 N N   . GLY A 1 45 ? 6.955   1.907   -12.012 1.00 30.00 ? 43  GLY A N   1 
ATOM   337 C CA  . GLY A 1 45 ? 6.294   3.134   -12.150 1.00 30.00 ? 43  GLY A CA  1 
ATOM   338 C C   . GLY A 1 45 ? 5.032   3.091   -12.944 1.00 30.00 ? 43  GLY A C   1 
ATOM   339 O O   . GLY A 1 45 ? 4.610   4.112   -13.338 1.00 30.00 ? 43  GLY A O   1 
ATOM   340 N N   . GLN A 1 46 ? 4.316   2.034   -13.054 1.00 30.00 ? 44  GLN A N   1 
ATOM   341 C CA  . GLN A 1 46 ? 3.019   2.148   -13.652 1.00 30.00 ? 44  GLN A CA  1 
ATOM   342 C C   . GLN A 1 46 ? 2.016   1.665   -12.656 1.00 30.00 ? 44  GLN A C   1 
ATOM   343 O O   . GLN A 1 46 ? 2.291   0.754   -11.951 1.00 30.00 ? 44  GLN A O   1 
ATOM   344 C CB  . GLN A 1 46 ? 2.934   1.285   -14.887 1.00 20.00 ? 44  GLN A CB  1 
ATOM   345 C CG  . GLN A 1 46 ? 3.920   1.640   -15.909 1.00 20.00 ? 44  GLN A CG  1 
ATOM   346 C CD  . GLN A 1 46 ? 3.729   0.850   -17.112 1.00 20.00 ? 44  GLN A CD  1 
ATOM   347 O OE1 . GLN A 1 46 ? 4.560   0.071   -17.475 1.00 20.00 ? 44  GLN A OE1 1 
ATOM   348 N NE2 . GLN A 1 46 ? 2.613   1.027   -17.746 1.00 20.00 ? 44  GLN A NE2 1 
ATOM   349 N N   . VAL A 1 47 ? 0.857   2.284   -12.630 1.00 26.42 ? 45  VAL A N   1 
ATOM   350 C CA  . VAL A 1 47 ? -0.190  1.826   -11.771 1.00 26.46 ? 45  VAL A CA  1 
ATOM   351 C C   . VAL A 1 47 ? -0.602  0.406   -12.131 1.00 27.98 ? 45  VAL A C   1 
ATOM   352 O O   . VAL A 1 47 ? -0.835  0.089   -13.256 1.00 27.50 ? 45  VAL A O   1 
ATOM   353 C CB  . VAL A 1 47 ? -1.388  2.752   -11.804 1.00 26.01 ? 45  VAL A CB  1 
ATOM   354 C CG1 . VAL A 1 47 ? -2.448  2.243   -10.957 1.00 25.03 ? 45  VAL A CG1 1 
ATOM   355 C CG2 . VAL A 1 47 ? -1.013  4.092   -11.382 1.00 26.07 ? 45  VAL A CG2 1 
ATOM   356 N N   . MET A 1 48 ? -0.617  -0.434  -11.121 1.00 27.92 ? 46  MET A N   1 
ATOM   357 C CA  . MET A 1 48 ? -0.953  -1.807  -11.252 1.00 27.88 ? 46  MET A CA  1 
ATOM   358 C C   . MET A 1 48 ? -2.419  -1.980  -11.396 1.00 29.38 ? 46  MET A C   1 
ATOM   359 O O   . MET A 1 48 ? -3.173  -1.277  -10.804 1.00 28.80 ? 46  MET A O   1 
ATOM   360 C CB  . MET A 1 48 ? -0.421  -2.618  -10.100 1.00 27.64 ? 46  MET A CB  1 
ATOM   361 C CG  . MET A 1 48 ? 1.081   -2.526  -9.952  1.00 26.74 ? 46  MET A CG  1 
ATOM   362 S SD  . MET A 1 48 ? 1.864   -3.507  -8.734  1.00 28.25 ? 46  MET A SD  1 
ATOM   363 C CE  . MET A 1 48 ? 1.529   -5.101  -9.288  1.00 17.42 ? 46  MET A CE  1 
ATOM   364 N N   . SER A 1 49 ? -2.779  -2.955  -12.198 1.00 29.92 ? 47  SER A N   1 
ATOM   365 C CA  . SER A 1 49 ? -4.138  -3.293  -12.463 1.00 32.98 ? 47  SER A CA  1 
ATOM   366 C C   . SER A 1 49 ? -4.593  -4.478  -11.668 1.00 33.17 ? 47  SER A C   1 
ATOM   367 O O   . SER A 1 49 ? -3.805  -5.225  -11.175 1.00 34.36 ? 47  SER A O   1 
ATOM   368 C CB  . SER A 1 49 ? -4.361  -3.546  -13.945 1.00 33.36 ? 47  SER A CB  1 
ATOM   369 O OG  . SER A 1 49 ? -3.948  -4.815  -14.321 1.00 35.68 ? 47  SER A OG  1 
ATOM   370 N N   . ASP A 1 50 ? -5.883  -4.639  -11.567 1.00 32.71 ? 48  ASP A N   1 
ATOM   371 C CA  . ASP A 1 50 ? -6.412  -5.738  -10.818 1.00 33.52 ? 48  ASP A CA  1 
ATOM   372 C C   . ASP A 1 50 ? -6.058  -5.722  -9.325  1.00 31.39 ? 48  ASP A C   1 
ATOM   373 O O   . ASP A 1 50 ? -5.860  -6.731  -8.737  1.00 31.17 ? 48  ASP A O   1 
ATOM   374 C CB  . ASP A 1 50 ? -5.938  -7.011  -11.433 1.00 34.46 ? 48  ASP A CB  1 
ATOM   375 C CG  . ASP A 1 50 ? -6.314  -7.126  -12.878 1.00 41.33 ? 48  ASP A CG  1 
ATOM   376 O OD1 . ASP A 1 50 ? -5.425  -7.344  -13.689 1.00 46.87 ? 48  ASP A OD1 1 
ATOM   377 O OD2 . ASP A 1 50 ? -7.495  -7.012  -13.201 1.00 47.40 ? 48  ASP A OD2 1 
ATOM   378 N N   . THR A 1 51 ? -5.947  -4.544  -8.760  1.00 29.36 ? 49  THR A N   1 
ATOM   379 C CA  . THR A 1 51 ? -5.731  -4.381  -7.355  1.00 28.34 ? 49  THR A CA  1 
ATOM   380 C C   . THR A 1 51 ? -7.065  -4.487  -6.661  1.00 27.60 ? 49  THR A C   1 
ATOM   381 O O   . THR A 1 51 ? -8.079  -4.316  -7.250  1.00 27.08 ? 49  THR A O   1 
ATOM   382 C CB  . THR A 1 51 ? -5.031  -3.062  -6.993  1.00 27.78 ? 49  THR A CB  1 
ATOM   383 O OG1 . THR A 1 51 ? -5.883  -1.987  -7.270  1.00 29.85 ? 49  THR A OG1 1 
ATOM   384 C CG2 . THR A 1 51 ? -3.784  -2.880  -7.749  1.00 23.74 ? 49  THR A CG2 1 
ATOM   385 N N   . LYS A 1 52 ? -7.013  -4.804  -5.403  1.00 26.77 ? 50  LYS A N   1 
ATOM   386 C CA  . LYS A 1 52 ? -8.151  -4.929  -4.551  1.00 26.90 ? 50  LYS A CA  1 
ATOM   387 C C   . LYS A 1 52 ? -8.028  -3.947  -3.405  1.00 26.77 ? 50  LYS A C   1 
ATOM   388 O O   . LYS A 1 52 ? -6.984  -3.795  -2.859  1.00 26.70 ? 50  LYS A O   1 
ATOM   389 C CB  . LYS A 1 52 ? -8.218  -6.319  -3.998  1.00 27.36 ? 50  LYS A CB  1 
ATOM   390 C CG  . LYS A 1 52 ? -8.369  -7.383  -5.020  1.00 33.35 ? 50  LYS A CG  1 
ATOM   391 C CD  . LYS A 1 52 ? -9.798  -7.689  -5.260  1.00 44.22 ? 50  LYS A CD  1 
ATOM   392 C CE  . LYS A 1 52 ? -10.067 -8.363  -6.614  1.00 48.92 ? 50  LYS A CE  1 
ATOM   393 N NZ  . LYS A 1 52 ? -11.469 -8.790  -6.767  1.00 48.42 ? 50  LYS A NZ  1 
ATOM   394 N N   . GLN A 1 53 ? -9.109  -3.279  -3.075  1.00 25.19 ? 51  GLN A N   1 
ATOM   395 C CA  . GLN A 1 53 ? -9.158  -2.369  -1.958  1.00 24.58 ? 51  GLN A CA  1 
ATOM   396 C C   . GLN A 1 53 ? -10.303 -2.696  -0.982  1.00 23.98 ? 51  GLN A C   1 
ATOM   397 O O   . GLN A 1 53 ? -11.405 -2.931  -1.375  1.00 23.47 ? 51  GLN A O   1 
ATOM   398 C CB  . GLN A 1 53 ? -9.218  -0.925  -2.458  1.00 25.26 ? 51  GLN A CB  1 
ATOM   399 C CG  . GLN A 1 53 ? -9.171  0.166   -1.428  1.00 25.54 ? 51  GLN A CG  1 
ATOM   400 C CD  . GLN A 1 53 ? -9.074  1.522   -2.047  1.00 27.22 ? 51  GLN A CD  1 
ATOM   401 O OE1 . GLN A 1 53 ? -8.096  1.873   -2.612  1.00 32.70 ? 51  GLN A OE1 1 
ATOM   402 N NE2 . GLN A 1 53 ? -10.103 2.235   -1.993  1.00 28.84 ? 51  GLN A NE2 1 
ATOM   403 N N   . THR A 1 54 ? -9.996  -2.714  0.295   1.00 22.55 ? 52  THR A N   1 
ATOM   404 C CA  . THR A 1 54 ? -11.005 -2.907  1.310   1.00 22.82 ? 52  THR A CA  1 
ATOM   405 C C   . THR A 1 54 ? -11.850 -1.643  1.447   1.00 23.13 ? 52  THR A C   1 
ATOM   406 O O   . THR A 1 54 ? -11.441 -0.616  1.067   1.00 22.74 ? 52  THR A O   1 
ATOM   407 C CB  . THR A 1 54 ? -10.430 -3.359  2.681   1.00 22.08 ? 52  THR A CB  1 
ATOM   408 O OG1 . THR A 1 54 ? -9.593  -2.364  3.216   1.00 19.51 ? 52  THR A OG1 1 
ATOM   409 C CG2 . THR A 1 54 ? -9.660  -4.646  2.547   1.00 22.17 ? 52  THR A CG2 1 
ATOM   410 N N   . ASP A 1 55 ? -13.057 -1.782  1.938   1.00 24.49 ? 53  ASP A N   1 
ATOM   411 C CA  . ASP A 1 55 ? -13.880 -0.651  2.267   1.00 25.32 ? 53  ASP A CA  1 
ATOM   412 C C   . ASP A 1 55 ? -13.277 -0.015  3.509   1.00 24.06 ? 53  ASP A C   1 
ATOM   413 O O   . ASP A 1 55 ? -12.806 -0.694  4.330   1.00 24.92 ? 53  ASP A O   1 
ATOM   414 C CB  . ASP A 1 55 ? -15.320 -1.048  2.458   1.00 26.31 ? 53  ASP A CB  1 
ATOM   415 C CG  . ASP A 1 55 ? -15.994 -1.428  1.152   1.00 33.39 ? 53  ASP A CG  1 
ATOM   416 O OD1 . ASP A 1 55 ? -15.966 -0.645  0.214   1.00 36.24 ? 53  ASP A OD1 1 
ATOM   417 O OD2 . ASP A 1 55 ? -16.523 -2.521  1.067   1.00 38.91 ? 53  ASP A OD2 1 
ATOM   418 N N   . LEU A 1 56 ? -13.287 1.292   3.589   1.00 23.31 ? 54  LEU A N   1 
ATOM   419 C CA  . LEU A 1 56 ? -12.668 2.010   4.676   1.00 22.61 ? 54  LEU A CA  1 
ATOM   420 C C   . LEU A 1 56 ? -13.270 1.581   5.999   1.00 21.13 ? 54  LEU A C   1 
ATOM   421 O O   . LEU A 1 56 ? -14.445 1.516   6.124   1.00 22.29 ? 54  LEU A O   1 
ATOM   422 C CB  . LEU A 1 56 ? -12.845 3.500   4.472   1.00 21.99 ? 54  LEU A CB  1 
ATOM   423 C CG  . LEU A 1 56 ? -12.282 4.417   5.543   1.00 23.86 ? 54  LEU A CG  1 
ATOM   424 C CD1 . LEU A 1 56 ? -10.835 4.639   5.401   1.00 19.50 ? 54  LEU A CD1 1 
ATOM   425 C CD2 . LEU A 1 56 ? -12.998 5.666   5.644   1.00 25.39 ? 54  LEU A CD2 1 
ATOM   426 N N   . ALA A 1 57 ? -12.419 1.257   6.946   1.00 19.73 ? 55  ALA A N   1 
ATOM   427 C CA  . ALA A 1 57 ? -12.821 0.786   8.240   1.00 20.22 ? 55  ALA A CA  1 
ATOM   428 C C   . ALA A 1 57 ? -12.612 1.824   9.321   1.00 20.07 ? 55  ALA A C   1 
ATOM   429 O O   . ALA A 1 57 ? -11.696 2.550   9.281   1.00 21.12 ? 55  ALA A O   1 
ATOM   430 C CB  . ALA A 1 57 ? -12.094 -0.458  8.586   1.00 19.59 ? 55  ALA A CB  1 
ATOM   431 N N   . PHE A 1 58 ? -13.514 1.887   10.255  1.00 21.41 ? 56  PHE A N   1 
ATOM   432 C CA  . PHE A 1 58 ? -13.463 2.852   11.333  1.00 23.05 ? 56  PHE A CA  1 
ATOM   433 C C   . PHE A 1 58 ? -13.627 2.151   12.677  1.00 24.48 ? 56  PHE A C   1 
ATOM   434 O O   . PHE A 1 58 ? -14.592 1.498   12.897  1.00 23.34 ? 56  PHE A O   1 
ATOM   435 C CB  . PHE A 1 58 ? -14.543 3.884   11.110  1.00 22.46 ? 56  PHE A CB  1 
ATOM   436 C CG  . PHE A 1 58 ? -14.645 4.929   12.172  1.00 23.13 ? 56  PHE A CG  1 
ATOM   437 C CD1 . PHE A 1 58 ? -13.570 5.637   12.571  1.00 19.31 ? 56  PHE A CD1 1 
ATOM   438 C CD2 . PHE A 1 58 ? -15.841 5.228   12.727  1.00 27.03 ? 56  PHE A CD2 1 
ATOM   439 C CE1 . PHE A 1 58 ? -13.674 6.588   13.491  1.00 19.12 ? 56  PHE A CE1 1 
ATOM   440 C CE2 . PHE A 1 58 ? -15.943 6.215   13.677  1.00 25.48 ? 56  PHE A CE2 1 
ATOM   441 C CZ  . PHE A 1 58 ? -14.859 6.873   14.043  1.00 21.89 ? 56  PHE A CZ  1 
ATOM   442 N N   . GLU A 1 59 ? -12.656 2.310   13.549  1.00 25.00 ? 57  GLU A N   1 
ATOM   443 C CA  . GLU A 1 59 ? -12.619 1.627   14.814  1.00 26.60 ? 57  GLU A CA  1 
ATOM   444 C C   . GLU A 1 59 ? -12.369 2.479   16.076  1.00 25.43 ? 57  GLU A C   1 
ATOM   445 O O   . GLU A 1 59 ? -11.585 3.371   16.083  1.00 24.60 ? 57  GLU A O   1 
ATOM   446 C CB  . GLU A 1 59 ? -11.621 0.486   14.723  1.00 27.49 ? 57  GLU A CB  1 
ATOM   447 C CG  . GLU A 1 59 ? -12.252 -0.784  14.210  1.00 38.70 ? 57  GLU A CG  1 
ATOM   448 C CD  . GLU A 1 59 ? -11.328 -1.706  13.424  1.00 50.12 ? 57  GLU A CD  1 
ATOM   449 O OE1 . GLU A 1 59 ? -10.142 -1.835  13.768  1.00 54.41 ? 57  GLU A OE1 1 
ATOM   450 O OE2 . GLU A 1 59 ? -11.817 -2.347  12.479  1.00 53.04 ? 57  GLU A OE2 1 
ATOM   451 N N   . LYS A 1 60 ? -13.092 2.153   17.132  1.00 25.15 ? 58  LYS A N   1 
ATOM   452 C CA  . LYS A 1 60 ? -12.957 2.735   18.459  1.00 25.36 ? 58  LYS A CA  1 
ATOM   453 C C   . LYS A 1 60 ? -13.208 4.237   18.529  1.00 24.01 ? 58  LYS A C   1 
ATOM   454 O O   . LYS A 1 60 ? -12.607 4.895   19.290  1.00 25.10 ? 58  LYS A O   1 
ATOM   455 C CB  . LYS A 1 60 ? -11.583 2.452   19.032  1.00 25.73 ? 58  LYS A CB  1 
ATOM   456 C CG  . LYS A 1 60 ? -11.151 1.024   18.983  1.00 33.06 ? 58  LYS A CG  1 
ATOM   457 C CD  . LYS A 1 60 ? -9.651  0.864   19.184  1.00 38.70 ? 58  LYS A CD  1 
ATOM   458 C CE  . LYS A 1 60 ? -8.916  0.613   17.890  1.00 40.31 ? 58  LYS A CE  1 
ATOM   459 N NZ  . LYS A 1 60 ? -7.477  0.751   18.016  1.00 39.13 ? 58  LYS A NZ  1 
ATOM   460 N N   . GLY A 1 61 ? -14.080 4.733   17.679  1.00 30.00 ? 59  GLY A N   1 
ATOM   461 C CA  . GLY A 1 61 ? -14.322 6.134   17.479  1.00 30.00 ? 59  GLY A CA  1 
ATOM   462 C C   . GLY A 1 61 ? -13.182 7.050   17.066  1.00 30.00 ? 59  GLY A C   1 
ATOM   463 O O   . GLY A 1 61 ? -13.320 8.194   17.217  1.00 30.00 ? 59  GLY A O   1 
ATOM   464 N N   . TRP A 1 62 ? -12.090 6.540   16.535  1.00 30.00 ? 60  TRP A N   1 
ATOM   465 C CA  . TRP A 1 62 ? -10.997 7.372   16.103  1.00 30.00 ? 60  TRP A CA  1 
ATOM   466 C C   . TRP A 1 62 ? -10.179 6.830   14.924  1.00 30.00 ? 60  TRP A C   1 
ATOM   467 O O   . TRP A 1 62 ? -9.598  7.562   14.191  1.00 30.00 ? 60  TRP A O   1 
ATOM   468 C CB  . TRP A 1 62 ? -10.080 7.687   17.266  1.00 20.00 ? 60  TRP A CB  1 
ATOM   469 C CG  . TRP A 1 62 ? -9.163  6.637   17.587  1.00 20.00 ? 60  TRP A CG  1 
ATOM   470 C CD1 . TRP A 1 62 ? -9.396  5.608   18.373  1.00 20.00 ? 60  TRP A CD1 1 
ATOM   471 C CD2 . TRP A 1 62 ? -7.853  6.493   17.121  1.00 20.00 ? 60  TRP A CD2 1 
ATOM   472 N NE1 . TRP A 1 62 ? -8.330  4.815   18.445  1.00 20.00 ? 60  TRP A NE1 1 
ATOM   473 C CE2 . TRP A 1 62 ? -7.351  5.345   17.675  1.00 20.00 ? 60  TRP A CE2 1 
ATOM   474 C CE3 . TRP A 1 62 ? -7.050  7.222   16.266  1.00 20.00 ? 60  TRP A CE3 1 
ATOM   475 C CZ2 . TRP A 1 62 ? -6.100  4.897   17.409  1.00 20.00 ? 60  TRP A CZ2 1 
ATOM   476 C CZ3 . TRP A 1 62 ? -5.818  6.787   16.022  1.00 20.00 ? 60  TRP A CZ3 1 
ATOM   477 C CH2 . TRP A 1 62 ? -5.348  5.629   16.573  1.00 20.00 ? 60  TRP A CH2 1 
ATOM   478 N N   . GLN A 1 63 ? -10.096 5.531   14.794  1.00 30.00 ? 61  GLN A N   1 
ATOM   479 C CA  . GLN A 1 63 ? -9.186  4.955   13.843  1.00 30.00 ? 61  GLN A CA  1 
ATOM   480 C C   . GLN A 1 63 ? -9.741  4.498   12.501  1.00 30.00 ? 61  GLN A C   1 
ATOM   481 O O   . GLN A 1 63 ? -10.545 3.644   12.413  1.00 30.00 ? 61  GLN A O   1 
ATOM   482 C CB  . GLN A 1 63 ? -8.359  3.861   14.475  1.00 20.00 ? 61  GLN A CB  1 
ATOM   483 C CG  . GLN A 1 63 ? -7.179  3.507   13.636  1.00 20.00 ? 61  GLN A CG  1 
ATOM   484 C CD  . GLN A 1 63 ? -6.404  2.378   14.180  1.00 20.00 ? 61  GLN A CD  1 
ATOM   485 O OE1 . GLN A 1 63 ? -6.946  1.349   14.478  1.00 20.00 ? 61  GLN A OE1 1 
ATOM   486 N NE2 . GLN A 1 63 ? -5.133  2.556   14.304  1.00 20.00 ? 61  GLN A NE2 1 
ATOM   487 N N   . PHE A 1 64 ? -9.238  5.098   11.471  1.00 16.60 ? 62  PHE A N   1 
ATOM   488 C CA  . PHE A 1 64 ? -9.575  4.749   10.129  1.00 16.41 ? 62  PHE A CA  1 
ATOM   489 C C   . PHE A 1 64 ? -8.468  3.855   9.560   1.00 17.41 ? 62  PHE A C   1 
ATOM   490 O O   . PHE A 1 64 ? -7.338  4.086   9.805   1.00 15.77 ? 62  PHE A O   1 
ATOM   491 C CB  . PHE A 1 64 ? -9.736  6.021   9.295   1.00 16.39 ? 62  PHE A CB  1 
ATOM   492 C CG  . PHE A 1 64 ? -10.960 6.853   9.635   1.00 16.65 ? 62  PHE A CG  1 
ATOM   493 C CD1 . PHE A 1 64 ? -12.188 6.486   9.218   1.00 18.31 ? 62  PHE A CD1 1 
ATOM   494 C CD2 . PHE A 1 64 ? -10.850 8.025   10.308  1.00 17.66 ? 62  PHE A CD2 1 
ATOM   495 C CE1 . PHE A 1 64 ? -13.253 7.234   9.513   1.00 21.20 ? 62  PHE A CE1 1 
ATOM   496 C CE2 . PHE A 1 64 ? -11.932 8.755   10.582  1.00 17.46 ? 62  PHE A CE2 1 
ATOM   497 C CZ  . PHE A 1 64 ? -13.114 8.365   10.197  1.00 17.19 ? 62  PHE A CZ  1 
ATOM   498 N N   . HIS A 1 65 ? -8.827  2.846   8.800   1.00 16.36 ? 63  HIS A N   1 
ATOM   499 C CA  . HIS A 1 65 ? -7.862  2.067   8.077   1.00 18.83 ? 63  HIS A CA  1 
ATOM   500 C C   . HIS A 1 65 ? -8.325  1.487   6.747   1.00 18.37 ? 63  HIS A C   1 
ATOM   501 O O   . HIS A 1 65 ? -9.457  1.207   6.558   1.00 17.78 ? 63  HIS A O   1 
ATOM   502 C CB  . HIS A 1 65 ? -7.147  1.020   8.934   1.00 19.10 ? 63  HIS A CB  1 
ATOM   503 C CG  . HIS A 1 65 ? -8.029  -0.056  9.437   1.00 22.40 ? 63  HIS A CG  1 
ATOM   504 N ND1 . HIS A 1 65 ? -8.275  -1.205  8.730   1.00 30.19 ? 63  HIS A ND1 1 
ATOM   505 C CD2 . HIS A 1 65 ? -8.732  -0.159  10.573  1.00 25.19 ? 63  HIS A CD2 1 
ATOM   506 C CE1 . HIS A 1 65 ? -9.080  -1.980  9.419   1.00 29.64 ? 63  HIS A CE1 1 
ATOM   507 N NE2 . HIS A 1 65 ? -9.367  -1.369  10.547  1.00 31.82 ? 63  HIS A NE2 1 
ATOM   508 N N   . LEU A 1 66 ? -7.385  1.344   5.857   1.00 18.70 ? 64  LEU A N   1 
ATOM   509 C CA  . LEU A 1 66 ? -7.606  0.889   4.533   1.00 20.07 ? 64  LEU A CA  1 
ATOM   510 C C   . LEU A 1 66 ? -6.464  0.001   4.068   1.00 19.57 ? 64  LEU A C   1 
ATOM   511 O O   . LEU A 1 66 ? -5.352  0.274   4.343   1.00 18.56 ? 64  LEU A O   1 
ATOM   512 C CB  . LEU A 1 66 ? -7.700  2.116   3.654   1.00 20.73 ? 64  LEU A CB  1 
ATOM   513 C CG  . LEU A 1 66 ? -8.392  2.102   2.324   1.00 28.95 ? 64  LEU A CG  1 
ATOM   514 C CD1 . LEU A 1 66 ? -9.833  1.792   2.474   1.00 32.12 ? 64  LEU A CD1 1 
ATOM   515 C CD2 . LEU A 1 66 ? -8.234  3.439   1.651   1.00 31.57 ? 64  LEU A CD2 1 
ATOM   516 N N   . THR A 1 67 ? -6.779  -1.022  3.310   1.00 18.77 ? 65  THR A N   1 
ATOM   517 C CA  . THR A 1 67 ? -5.807  -1.914  2.730   1.00 20.68 ? 65  THR A CA  1 
ATOM   518 C C   . THR A 1 67 ? -5.948  -2.110  1.220   1.00 20.64 ? 65  THR A C   1 
ATOM   519 O O   . THR A 1 67 ? -6.979  -2.391  0.745   1.00 20.26 ? 65  THR A O   1 
ATOM   520 C CB  . THR A 1 67 ? -5.859  -3.273  3.428   1.00 20.48 ? 65  THR A CB  1 
ATOM   521 O OG1 . THR A 1 67 ? -5.538  -3.106  4.789   1.00 23.35 ? 65  THR A OG1 1 
ATOM   522 C CG2 . THR A 1 67 ? -4.927  -4.248  2.819   1.00 21.22 ? 65  THR A CG2 1 
ATOM   523 N N   . LYS A 1 68 ? -4.880  -1.940  0.493   1.00 20.29 ? 66  LYS A N   1 
ATOM   524 C CA  . LYS A 1 68 ? -4.848  -2.229  -0.911  1.00 20.79 ? 66  LYS A CA  1 
ATOM   525 C C   . LYS A 1 68 ? -3.888  -3.386  -1.197  1.00 20.22 ? 66  LYS A C   1 
ATOM   526 O O   . LYS A 1 68 ? -2.808  -3.394  -0.720  1.00 19.78 ? 66  LYS A O   1 
ATOM   527 C CB  . LYS A 1 68 ? -4.448  -0.986  -1.684  1.00 22.13 ? 66  LYS A CB  1 
ATOM   528 C CG  . LYS A 1 68 ? -4.338  -1.142  -3.107  1.00 24.46 ? 66  LYS A CG  1 
ATOM   529 C CD  . LYS A 1 68 ? -5.478  -0.491  -3.746  1.00 28.62 ? 66  LYS A CD  1 
ATOM   530 C CE  . LYS A 1 68 ? -5.107  0.328   -4.891  1.00 26.93 ? 66  LYS A CE  1 
ATOM   531 N NZ  . LYS A 1 68 ? -6.284  0.919   -5.416  1.00 25.98 ? 66  LYS A NZ  1 
ATOM   532 N N   . SER A 1 69 ? -4.318  -4.354  -1.973  1.00 19.25 ? 67  SER A N   1 
ATOM   533 C CA  . SER A 1 69 ? -3.521  -5.517  -2.298  1.00 19.52 ? 67  SER A CA  1 
ATOM   534 C C   . SER A 1 69 ? -3.528  -5.938  -3.764  1.00 19.75 ? 67  SER A C   1 
ATOM   535 O O   . SER A 1 69 ? -4.416  -5.614  -4.462  1.00 18.20 ? 67  SER A O   1 
ATOM   536 C CB  . SER A 1 69 ? -3.941  -6.699  -1.476  1.00 20.21 ? 67  SER A CB  1 
ATOM   537 O OG  . SER A 1 69 ? -5.285  -6.924  -1.588  1.00 22.67 ? 67  SER A OG  1 
ATOM   538 N N   . VAL A 1 70 ? -2.507  -6.644  -4.175  1.00 18.81 ? 68  VAL A N   1 
ATOM   539 C CA  . VAL A 1 70 ? -2.405  -7.191  -5.509  1.00 19.74 ? 68  VAL A CA  1 
ATOM   540 C C   . VAL A 1 70 ? -1.547  -8.454  -5.618  1.00 19.68 ? 68  VAL A C   1 
ATOM   541 O O   . VAL A 1 70 ? -0.564  -8.553  -4.995  1.00 20.02 ? 68  VAL A O   1 
ATOM   542 C CB  . VAL A 1 70 ? -1.924  -6.113  -6.488  1.00 19.82 ? 68  VAL A CB  1 
ATOM   543 C CG1 . VAL A 1 70 ? -0.508  -5.869  -6.370  1.00 20.25 ? 68  VAL A CG1 1 
ATOM   544 C CG2 . VAL A 1 70 ? -2.320  -6.416  -7.882  1.00 20.73 ? 68  VAL A CG2 1 
ATOM   545 N N   . ALA A 1 71 ? -1.926  -9.391  -6.456  1.00 21.05 ? 69  ALA A N   1 
ATOM   546 C CA  . ALA A 1 71 ? -1.067  -10.511 -6.759  1.00 22.12 ? 69  ALA A CA  1 
ATOM   547 C C   . ALA A 1 71 ? 0.137   -10.022 -7.554  1.00 23.07 ? 69  ALA A C   1 
ATOM   548 O O   . ALA A 1 71 ? -0.007  -9.205  -8.409  1.00 23.80 ? 69  ALA A O   1 
ATOM   549 C CB  . ALA A 1 71 ? -1.778  -11.525 -7.502  1.00 23.15 ? 69  ALA A CB  1 
ATOM   550 N N   . PHE A 1 72 ? 1.317   -10.519 -7.233  1.00 22.93 ? 70  PHE A N   1 
ATOM   551 C CA  . PHE A 1 72 ? 2.543   -10.168 -7.945  1.00 22.63 ? 70  PHE A CA  1 
ATOM   552 C C   . PHE A 1 72 ? 3.599   -11.255 -7.926  1.00 23.10 ? 70  PHE A C   1 
ATOM   553 O O   . PHE A 1 72 ? 3.505   -12.123 -7.145  1.00 23.87 ? 70  PHE A O   1 
ATOM   554 C CB  . PHE A 1 72 ? 3.123   -8.817  -7.507  1.00 22.52 ? 70  PHE A CB  1 
ATOM   555 C CG  . PHE A 1 72 ? 3.911   -8.837  -6.209  1.00 20.96 ? 70  PHE A CG  1 
ATOM   556 C CD1 . PHE A 1 72 ? 5.250   -8.700  -6.232  1.00 22.59 ? 70  PHE A CD1 1 
ATOM   557 C CD2 . PHE A 1 72 ? 3.306   -8.923  -4.994  1.00 20.72 ? 70  PHE A CD2 1 
ATOM   558 C CE1 . PHE A 1 72 ? 5.974   -8.707  -5.082  1.00 23.08 ? 70  PHE A CE1 1 
ATOM   559 C CE2 . PHE A 1 72 ? 4.039   -8.922  -3.851  1.00 22.91 ? 70  PHE A CE2 1 
ATOM   560 C CZ  . PHE A 1 72 ? 5.362   -8.803  -3.902  1.00 22.43 ? 70  PHE A CZ  1 
ATOM   561 N N   . THR A 1 73 ? 4.579   -11.174 -8.802  1.00 23.52 ? 71  THR A N   1 
ATOM   562 C CA  . THR A 1 73 ? 5.706   -12.067 -8.804  1.00 24.40 ? 71  THR A CA  1 
ATOM   563 C C   . THR A 1 73 ? 6.991   -11.250 -8.902  1.00 25.86 ? 71  THR A C   1 
ATOM   564 O O   . THR A 1 73 ? 7.307   -10.727 -9.918  1.00 27.17 ? 71  THR A O   1 
ATOM   565 C CB  . THR A 1 73 ? 5.606   -13.054 -9.970  1.00 24.42 ? 71  THR A CB  1 
ATOM   566 O OG1 . THR A 1 73 ? 4.454   -13.841 -9.802  1.00 23.78 ? 71  THR A OG1 1 
ATOM   567 C CG2 . THR A 1 73 ? 6.791   -13.959 -10.037 1.00 22.69 ? 71  THR A CG2 1 
ATOM   568 N N   . PRO A 1 74 ? 7.745   -11.168 -7.833  1.00 27.52 ? 72  PRO A N   1 
ATOM   569 C CA  . PRO A 1 74 ? 8.943   -10.360 -7.851  1.00 28.43 ? 72  PRO A CA  1 
ATOM   570 C C   . PRO A 1 74 ? 10.042  -10.890 -8.774  1.00 29.49 ? 72  PRO A C   1 
ATOM   571 O O   . PRO A 1 74 ? 10.181  -12.044 -8.888  1.00 30.58 ? 72  PRO A O   1 
ATOM   572 C CB  . PRO A 1 74 ? 9.378   -10.402 -6.396  1.00 28.62 ? 72  PRO A CB  1 
ATOM   573 C CG  . PRO A 1 74 ? 8.709   -11.508 -5.834  1.00 27.25 ? 72  PRO A CG  1 
ATOM   574 C CD  . PRO A 1 74 ? 7.453   -11.625 -6.477  1.00 26.59 ? 72  PRO A CD  1 
ATOM   575 N N   . GLU A 1 75 ? 10.754  -10.016 -9.446  1.00 30.52 ? 73  GLU A N   1 
ATOM   576 C CA  . GLU A 1 75 ? 11.870  -10.359 -10.276 1.00 31.62 ? 73  GLU A CA  1 
ATOM   577 C C   . GLU A 1 75 ? 12.941  -9.308  -10.080 1.00 31.89 ? 73  GLU A C   1 
ATOM   578 O O   . GLU A 1 75 ? 12.674  -8.209  -9.675  1.00 28.83 ? 73  GLU A O   1 
ATOM   579 C CB  . GLU A 1 75 ? 11.510  -10.498 -11.755 1.00 32.92 ? 73  GLU A CB  1 
ATOM   580 C CG  . GLU A 1 75 ? 10.192  -11.195 -12.118 1.00 36.04 ? 73  GLU A CG  1 
ATOM   581 C CD  . GLU A 1 75 ? 10.226  -12.699 -12.099 1.00 41.71 ? 73  GLU A CD  1 
ATOM   582 O OE1 . GLU A 1 75 ? 11.239  -13.295 -11.792 1.00 43.16 ? 73  GLU A OE1 1 
ATOM   583 O OE2 . GLU A 1 75 ? 9.209   -13.310 -12.411 1.00 45.87 ? 73  GLU A OE2 1 
ATOM   584 N N   . LYS A 1 76 ? 14.167  -9.683  -10.398 1.00 32.16 ? 74  LYS A N   1 
ATOM   585 C CA  . LYS A 1 76 ? 15.312  -8.830  -10.217 1.00 33.57 ? 74  LYS A CA  1 
ATOM   586 C C   . LYS A 1 76 ? 15.261  -7.552  -11.031 1.00 34.33 ? 74  LYS A C   1 
ATOM   587 O O   . LYS A 1 76 ? 14.934  -7.542  -12.178 1.00 34.66 ? 74  LYS A O   1 
ATOM   588 C CB  . LYS A 1 76 ? 16.587  -9.593  -10.512 1.00 33.31 ? 74  LYS A CB  1 
ATOM   589 C CG  . LYS A 1 76 ? 16.940  -10.588 -9.515  1.00 33.03 ? 74  LYS A CG  1 
ATOM   590 C CD  . LYS A 1 76 ? 17.946  -11.543 -10.041 1.00 35.23 ? 74  LYS A CD  1 
ATOM   591 C CE  . LYS A 1 76 ? 18.383  -12.443 -8.959  1.00 36.43 ? 74  LYS A CE  1 
ATOM   592 N NZ  . LYS A 1 76 ? 19.349  -13.406 -9.389  1.00 39.16 ? 74  LYS A NZ  1 
ATOM   593 N N   . GLY A 1 77 ? 15.547  -6.466  -10.340 1.00 35.41 ? 75  GLY A N   1 
ATOM   594 C CA  . GLY A 1 77 ? 15.504  -5.124  -10.845 1.00 35.21 ? 75  GLY A CA  1 
ATOM   595 C C   . GLY A 1 77 ? 14.140  -4.459  -10.829 1.00 35.62 ? 75  GLY A C   1 
ATOM   596 O O   . GLY A 1 77 ? 14.065  -3.304  -11.066 1.00 36.25 ? 75  GLY A O   1 
ATOM   597 N N   . ASP A 1 78 ? 13.066  -5.182  -10.568 1.00 34.72 ? 76  ASP A N   1 
ATOM   598 C CA  . ASP A 1 78 ? 11.739  -4.576  -10.529 1.00 34.72 ? 76  ASP A CA  1 
ATOM   599 C C   . ASP A 1 78 ? 11.599  -3.666  -9.308  1.00 34.17 ? 76  ASP A C   1 
ATOM   600 O O   . ASP A 1 78 ? 12.206  -3.913  -8.323  1.00 35.11 ? 76  ASP A O   1 
ATOM   601 C CB  . ASP A 1 78 ? 10.641  -5.620  -10.511 1.00 34.83 ? 76  ASP A CB  1 
ATOM   602 C CG  . ASP A 1 78 ? 10.417  -6.289  -11.843 1.00 37.46 ? 76  ASP A CG  1 
ATOM   603 O OD1 . ASP A 1 78 ? 10.887  -5.813  -12.860 1.00 40.20 ? 76  ASP A OD1 1 
ATOM   604 O OD2 . ASP A 1 78 ? 9.705   -7.282  -11.871 1.00 40.51 ? 76  ASP A OD2 1 
ATOM   605 N N   . GLU A 1 79 ? 10.821  -2.612  -9.399  1.00 31.46 ? 77  GLU A N   1 
ATOM   606 C CA  . GLU A 1 79 ? 10.540  -1.765  -8.274  1.00 30.09 ? 77  GLU A CA  1 
ATOM   607 C C   . GLU A 1 79 ? 9.024   -1.701  -8.003  1.00 28.00 ? 77  GLU A C   1 
ATOM   608 O O   . GLU A 1 79 ? 8.274   -1.442  -8.877  1.00 26.28 ? 77  GLU A O   1 
ATOM   609 C CB  . GLU A 1 79 ? 11.147  -0.382  -8.494  1.00 31.43 ? 77  GLU A CB  1 
ATOM   610 C CG  . GLU A 1 79 ? 10.667  0.658   -7.549  1.00 37.62 ? 77  GLU A CG  1 
ATOM   611 C CD  . GLU A 1 79 ? 11.096  2.053   -7.883  1.00 46.04 ? 77  GLU A CD  1 
ATOM   612 O OE1 . GLU A 1 79 ? 12.197  2.428   -7.525  1.00 52.38 ? 77  GLU A OE1 1 
ATOM   613 O OE2 . GLU A 1 79 ? 10.321  2.812   -8.459  1.00 50.81 ? 77  GLU A OE2 1 
ATOM   614 N N   . TYR A 1 80 ? 8.616   -1.971  -6.775  1.00 26.21 ? 78  TYR A N   1 
ATOM   615 C CA  . TYR A 1 80 ? 7.227   -1.896  -6.352  1.00 25.15 ? 78  TYR A CA  1 
ATOM   616 C C   . TYR A 1 80 ? 7.045   -0.846  -5.286  1.00 25.95 ? 78  TYR A C   1 
ATOM   617 O O   . TYR A 1 80 ? 7.746   -0.823  -4.334  1.00 25.75 ? 78  TYR A O   1 
ATOM   618 C CB  . TYR A 1 80 ? 6.706   -3.229  -5.864  1.00 24.51 ? 78  TYR A CB  1 
ATOM   619 C CG  . TYR A 1 80 ? 6.675   -4.308  -6.884  1.00 23.50 ? 78  TYR A CG  1 
ATOM   620 C CD1 . TYR A 1 80 ? 5.586   -4.508  -7.651  1.00 23.41 ? 78  TYR A CD1 1 
ATOM   621 C CD2 . TYR A 1 80 ? 7.749   -5.122  -7.082  1.00 23.66 ? 78  TYR A CD2 1 
ATOM   622 C CE1 . TYR A 1 80 ? 5.570   -5.469  -8.586  1.00 24.18 ? 78  TYR A CE1 1 
ATOM   623 C CE2 . TYR A 1 80 ? 7.735   -6.060  -8.016  1.00 20.45 ? 78  TYR A CE2 1 
ATOM   624 C CZ  . TYR A 1 80 ? 6.648   -6.245  -8.754  1.00 23.66 ? 78  TYR A CZ  1 
ATOM   625 O OH  . TYR A 1 80 ? 6.676   -7.188  -9.702  1.00 27.83 ? 78  TYR A OH  1 
ATOM   626 N N   . THR A 1 81 ? 6.091   0.031   -5.503  1.00 26.03 ? 79  THR A N   1 
ATOM   627 C CA  . THR A 1 81 ? 5.769   1.114   -4.604  1.00 26.20 ? 79  THR A CA  1 
ATOM   628 C C   . THR A 1 81 ? 4.276   1.319   -4.363  1.00 25.51 ? 79  THR A C   1 
ATOM   629 O O   . THR A 1 81 ? 3.440   1.025   -5.187  1.00 25.83 ? 79  THR A O   1 
ATOM   630 C CB  . THR A 1 81 ? 6.359   2.460   -5.055  1.00 26.48 ? 79  THR A CB  1 
ATOM   631 O OG1 . THR A 1 81 ? 5.747   2.823   -6.251  1.00 31.24 ? 79  THR A OG1 1 
ATOM   632 C CG2 . THR A 1 81 ? 7.781   2.386   -5.292  1.00 25.67 ? 79  THR A CG2 1 
ATOM   633 N N   . CYS A 1 82 ? 3.983   1.854   -3.203  1.00 24.13 ? 80  CYS A N   1 
ATOM   634 C CA  . CYS A 1 82 ? 2.639   2.218   -2.816  1.00 23.40 ? 80  CYS A CA  1 
ATOM   635 C C   . CYS A 1 82 ? 2.580   3.709   -2.770  1.00 21.86 ? 80  CYS A C   1 
ATOM   636 O O   . CYS A 1 82 ? 3.385   4.314   -2.176  1.00 22.07 ? 80  CYS A O   1 
ATOM   637 C CB  . CYS A 1 82 ? 2.260   1.643   -1.460  1.00 22.67 ? 80  CYS A CB  1 
ATOM   638 S SG  . CYS A 1 82 ? 0.712   2.090   -0.823  1.00 30.42 ? 80  CYS A SG  1 
ATOM   639 N N   . SER A 1 83 ? 1.610   4.281   -3.428  1.00 21.02 ? 81  SER A N   1 
ATOM   640 C CA  . SER A 1 83 ? 1.459   5.708   -3.485  1.00 19.98 ? 81  SER A CA  1 
ATOM   641 C C   . SER A 1 83 ? 0.239   6.147   -2.689  1.00 19.66 ? 81  SER A C   1 
ATOM   642 O O   . SER A 1 83 ? -0.807  5.686   -2.943  1.00 19.87 ? 81  SER A O   1 
ATOM   643 C CB  . SER A 1 83 ? 1.342   6.124   -4.923  1.00 20.32 ? 81  SER A CB  1 
ATOM   644 O OG  . SER A 1 83 ? 1.376   7.487   -5.126  1.00 20.36 ? 81  SER A OG  1 
ATOM   645 N N   . VAL A 1 84 ? 0.420   7.028   -1.724  1.00 18.38 ? 82  VAL A N   1 
ATOM   646 C CA  . VAL A 1 84 ? -0.653  7.507   -0.865  1.00 18.43 ? 82  VAL A CA  1 
ATOM   647 C C   . VAL A 1 84 ? -0.891  9.027   -0.893  1.00 18.78 ? 82  VAL A C   1 
ATOM   648 O O   . VAL A 1 84 ? -0.032  9.785   -0.595  1.00 18.38 ? 82  VAL A O   1 
ATOM   649 C CB  . VAL A 1 84 ? -0.428  7.061   0.584   1.00 18.17 ? 82  VAL A CB  1 
ATOM   650 C CG1 . VAL A 1 84 ? -1.521  7.465   1.455   1.00 17.82 ? 82  VAL A CG1 1 
ATOM   651 C CG2 . VAL A 1 84 ? -0.177  5.614   0.686   1.00 18.02 ? 82  VAL A CG2 1 
ATOM   652 N N   . ARG A 1 85 ? -2.092  9.438   -1.238  1.00 18.75 ? 83  ARG A N   1 
ATOM   653 C CA  . ARG A 1 85 ? -2.489  10.816  -1.216  1.00 19.50 ? 83  ARG A CA  1 
ATOM   654 C C   . ARG A 1 85 ? -3.482  11.131  -0.089  1.00 18.48 ? 83  ARG A C   1 
ATOM   655 O O   . ARG A 1 85 ? -4.507  10.539  0.021   1.00 18.19 ? 83  ARG A O   1 
ATOM   656 C CB  . ARG A 1 85 ? -3.035  11.244  -2.571  1.00 19.59 ? 83  ARG A CB  1 
ATOM   657 C CG  . ARG A 1 85 ? -3.430  12.695  -2.707  1.00 24.34 ? 83  ARG A CG  1 
ATOM   658 C CD  . ARG A 1 85 ? -3.285  13.163  -4.114  1.00 30.10 ? 83  ARG A CD  1 
ATOM   659 N NE  . ARG A 1 85 ? -3.465  14.587  -4.328  1.00 34.68 ? 83  ARG A NE  1 
ATOM   660 C CZ  . ARG A 1 85 ? -2.503  15.474  -4.518  1.00 37.52 ? 83  ARG A CZ  1 
ATOM   661 N NH1 . ARG A 1 85 ? -1.239  15.143  -4.471  1.00 34.31 ? 83  ARG A NH1 1 
ATOM   662 N NH2 . ARG A 1 85 ? -2.826  16.726  -4.731  1.00 40.31 ? 83  ARG A NH2 1 
ATOM   663 N N   . HIS A 1 86 ? -3.070  12.058  0.744   1.00 18.80 ? 84  HIS A N   1 
ATOM   664 C CA  . HIS A 1 86 ? -3.832  12.586  1.848   1.00 19.23 ? 84  HIS A CA  1 
ATOM   665 C C   . HIS A 1 86 ? -3.590  14.081  1.948   1.00 20.66 ? 84  HIS A C   1 
ATOM   666 O O   . HIS A 1 86 ? -2.490  14.500  1.874   1.00 21.16 ? 84  HIS A O   1 
ATOM   667 C CB  . HIS A 1 86 ? -3.331  11.925  3.109   1.00 18.85 ? 84  HIS A CB  1 
ATOM   668 C CG  . HIS A 1 86 ? -4.139  12.208  4.323   1.00 18.10 ? 84  HIS A CG  1 
ATOM   669 N ND1 . HIS A 1 86 ? -3.610  12.796  5.427   1.00 16.96 ? 84  HIS A ND1 1 
ATOM   670 C CD2 . HIS A 1 86 ? -5.430  11.978  4.607   1.00 15.68 ? 84  HIS A CD2 1 
ATOM   671 C CE1 . HIS A 1 86 ? -4.530  12.910  6.348   1.00 17.42 ? 84  HIS A CE1 1 
ATOM   672 N NE2 . HIS A 1 86 ? -5.648  12.426  5.872   1.00 18.97 ? 84  HIS A NE2 1 
ATOM   673 N N   . MET A 1 87 ? -4.632  14.871  2.135   1.00 22.54 ? 85  MET A N   1 
ATOM   674 C CA  . MET A 1 87 ? -4.513  16.306  2.328   1.00 23.91 ? 85  MET A CA  1 
ATOM   675 C C   . MET A 1 87 ? -3.731  16.998  1.216   1.00 24.59 ? 85  MET A C   1 
ATOM   676 O O   . MET A 1 87 ? -2.951  17.840  1.468   1.00 23.82 ? 85  MET A O   1 
ATOM   677 C CB  . MET A 1 87 ? -3.848  16.623  3.664   1.00 25.53 ? 85  MET A CB  1 
ATOM   678 C CG  . MET A 1 87 ? -4.625  16.276  4.903   1.00 27.05 ? 85  MET A CG  1 
ATOM   679 S SD  . MET A 1 87 ? -6.095  17.132  4.938   1.00 39.60 ? 85  MET A SD  1 
ATOM   680 C CE  . MET A 1 87 ? -5.550  18.574  5.746   1.00 38.67 ? 85  MET A CE  1 
ATOM   681 N N   . LYS A 1 88 ? -3.939  16.579  -0.002  1.00 24.98 ? 86  LYS A N   1 
ATOM   682 C CA  . LYS A 1 88 ? -3.274  17.130  -1.142  1.00 27.00 ? 86  LYS A CA  1 
ATOM   683 C C   . LYS A 1 88 ? -1.798  16.780  -1.292  1.00 27.91 ? 86  LYS A C   1 
ATOM   684 O O   . LYS A 1 88 ? -1.109  17.402  -2.012  1.00 29.91 ? 86  LYS A O   1 
ATOM   685 C CB  . LYS A 1 88 ? -3.494  18.629  -1.207  1.00 26.68 ? 86  LYS A CB  1 
ATOM   686 C CG  . LYS A 1 88 ? -4.928  19.021  -1.317  1.00 30.84 ? 86  LYS A CG  1 
ATOM   687 C CD  . LYS A 1 88 ? -5.128  20.518  -1.180  1.00 36.35 ? 86  LYS A CD  1 
ATOM   688 C CE  . LYS A 1 88 ? -4.815  21.018  0.194   1.00 39.40 ? 86  LYS A CE  1 
ATOM   689 N NZ  . LYS A 1 88 ? -5.222  22.426  0.475   1.00 39.59 ? 86  LYS A NZ  1 
ATOM   690 N N   . GLU A 1 89 ? -1.308  15.799  -0.584  1.00 27.07 ? 87  GLU A N   1 
ATOM   691 C CA  . GLU A 1 89 ? 0.061   15.417  -0.754  1.00 26.96 ? 87  GLU A CA  1 
ATOM   692 C C   . GLU A 1 89 ? 0.229   13.947  -1.041  1.00 25.93 ? 87  GLU A C   1 
ATOM   693 O O   . GLU A 1 89 ? -0.322  13.121  -0.390  1.00 25.22 ? 87  GLU A O   1 
ATOM   694 C CB  . GLU A 1 89 ? 0.903   15.837  0.424   1.00 28.43 ? 87  GLU A CB  1 
ATOM   695 C CG  . GLU A 1 89 ? 2.341   15.654  0.163   1.00 33.33 ? 87  GLU A CG  1 
ATOM   696 C CD  . GLU A 1 89 ? 3.178   15.457  1.395   1.00 44.33 ? 87  GLU A CD  1 
ATOM   697 O OE1 . GLU A 1 89 ? 4.407   15.466  1.283   1.00 48.78 ? 87  GLU A OE1 1 
ATOM   698 O OE2 . GLU A 1 89 ? 2.640   15.264  2.471   1.00 45.08 ? 87  GLU A OE2 1 
ATOM   699 N N   . THR A 1 90 ? 1.037   13.652  -2.030  1.00 26.05 ? 88  THR A N   1 
ATOM   700 C CA  . THR A 1 90 ? 1.285   12.298  -2.421  1.00 26.58 ? 88  THR A CA  1 
ATOM   701 C C   . THR A 1 90 ? 2.643   11.868  -1.951  1.00 26.36 ? 88  THR A C   1 
ATOM   702 O O   . THR A 1 90 ? 3.606   12.484  -2.233  1.00 27.11 ? 88  THR A O   1 
ATOM   703 C CB  . THR A 1 90 ? 1.161   12.128  -3.945  1.00 26.71 ? 88  THR A CB  1 
ATOM   704 O OG1 . THR A 1 90 ? -0.150  12.442  -4.349  1.00 26.64 ? 88  THR A OG1 1 
ATOM   705 C CG2 . THR A 1 90 ? 1.469   10.706  -4.375  1.00 26.24 ? 88  THR A CG2 1 
ATOM   706 N N   . LYS A 1 91 ? 2.673   10.793  -1.211  1.00 25.53 ? 89  LYS A N   1 
ATOM   707 C CA  . LYS A 1 91 ? 3.883   10.163  -0.726  1.00 26.43 ? 89  LYS A CA  1 
ATOM   708 C C   . LYS A 1 91 ? 4.039   8.729   -1.255  1.00 25.49 ? 89  LYS A C   1 
ATOM   709 O O   . LYS A 1 91 ? 3.106   8.025   -1.343  1.00 25.07 ? 89  LYS A O   1 
ATOM   710 C CB  . LYS A 1 91 ? 3.880   10.123  0.775   1.00 25.75 ? 89  LYS A CB  1 
ATOM   711 C CG  . LYS A 1 91 ? 4.003   11.418  1.440   1.00 30.74 ? 89  LYS A CG  1 
ATOM   712 C CD  . LYS A 1 91 ? 4.640   11.185  2.750   1.00 39.71 ? 89  LYS A CD  1 
ATOM   713 C CE  . LYS A 1 91 ? 4.573   12.363  3.631   1.00 43.65 ? 89  LYS A CE  1 
ATOM   714 N NZ  . LYS A 1 91 ? 4.451   11.847  4.994   1.00 48.69 ? 89  LYS A NZ  1 
ATOM   715 N N   . LYS A 1 92 ? 5.252   8.332   -1.564  1.00 26.00 ? 90  LYS A N   1 
ATOM   716 C CA  . LYS A 1 92 ? 5.548   7.042   -2.128  1.00 26.68 ? 90  LYS A CA  1 
ATOM   717 C C   . LYS A 1 92 ? 6.325   6.147   -1.168  1.00 26.64 ? 90  LYS A C   1 
ATOM   718 O O   . LYS A 1 92 ? 7.245   6.582   -0.540  1.00 27.20 ? 90  LYS A O   1 
ATOM   719 C CB  . LYS A 1 92 ? 6.310   7.210   -3.426  1.00 27.67 ? 90  LYS A CB  1 
ATOM   720 C CG  . LYS A 1 92 ? 5.674   8.108   -4.393  1.00 31.67 ? 90  LYS A CG  1 
ATOM   721 C CD  . LYS A 1 92 ? 4.782   7.350   -5.265  1.00 39.78 ? 90  LYS A CD  1 
ATOM   722 C CE  . LYS A 1 92 ? 4.861   7.790   -6.691  1.00 44.88 ? 90  LYS A CE  1 
ATOM   723 N NZ  . LYS A 1 92 ? 3.628   8.425   -7.178  1.00 47.82 ? 90  LYS A NZ  1 
ATOM   724 N N   . PHE A 1 93 ? 5.906   4.914   -1.034  1.00 23.98 ? 91  PHE A N   1 
ATOM   725 C CA  . PHE A 1 93 ? 6.536   3.990   -0.114  1.00 23.85 ? 91  PHE A CA  1 
ATOM   726 C C   . PHE A 1 93 ? 6.981   2.733   -0.845  1.00 23.58 ? 91  PHE A C   1 
ATOM   727 O O   . PHE A 1 93 ? 6.212   2.043   -1.408  1.00 24.46 ? 91  PHE A O   1 
ATOM   728 C CB  . PHE A 1 93 ? 5.606   3.681   1.054   1.00 21.41 ? 91  PHE A CB  1 
ATOM   729 C CG  . PHE A 1 93 ? 5.152   4.892   1.794   1.00 20.42 ? 91  PHE A CG  1 
ATOM   730 C CD1 . PHE A 1 93 ? 5.744   5.259   2.965   1.00 23.58 ? 91  PHE A CD1 1 
ATOM   731 C CD2 . PHE A 1 93 ? 4.178   5.699   1.299   1.00 20.92 ? 91  PHE A CD2 1 
ATOM   732 C CE1 . PHE A 1 93 ? 5.353   6.351   3.626   1.00 19.05 ? 91  PHE A CE1 1 
ATOM   733 C CE2 . PHE A 1 93 ? 3.795   6.787   1.974   1.00 21.57 ? 91  PHE A CE2 1 
ATOM   734 C CZ  . PHE A 1 93 ? 4.398   7.115   3.136   1.00 22.94 ? 91  PHE A CZ  1 
ATOM   735 N N   . SER A 1 94 ? 8.267   2.489   -0.837  1.00 24.43 ? 92  SER A N   1 
ATOM   736 C CA  . SER A 1 94 ? 8.855   1.358   -1.530  1.00 27.44 ? 92  SER A CA  1 
ATOM   737 C C   . SER A 1 94 ? 8.791   0.027   -0.786  1.00 26.25 ? 92  SER A C   1 
ATOM   738 O O   . SER A 1 94 ? 8.951   -0.004  0.362   1.00 26.04 ? 92  SER A O   1 
ATOM   739 C CB  . SER A 1 94 ? 10.299  1.665   -1.897  1.00 27.69 ? 92  SER A CB  1 
ATOM   740 O OG  . SER A 1 94 ? 10.398  2.712   -2.813  1.00 34.70 ? 92  SER A OG  1 
ATOM   741 N N   . TRP A 1 95 ? 8.565   -1.058  -1.478  1.00 26.94 ? 93  TRP A N   1 
ATOM   742 C CA  . TRP A 1 95 ? 8.693   -2.372  -0.900  1.00 27.99 ? 93  TRP A CA  1 
ATOM   743 C C   . TRP A 1 95 ? 10.179  -2.708  -0.943  1.00 30.25 ? 93  TRP A C   1 
ATOM   744 O O   . TRP A 1 95 ? 10.761  -2.736  -1.972  1.00 29.18 ? 93  TRP A O   1 
ATOM   745 C CB  . TRP A 1 95 ? 7.887   -3.409  -1.653  1.00 26.15 ? 93  TRP A CB  1 
ATOM   746 C CG  . TRP A 1 95 ? 8.016   -4.802  -1.124  1.00 22.87 ? 93  TRP A CG  1 
ATOM   747 C CD1 . TRP A 1 95 ? 7.785   -5.208  0.123   1.00 18.62 ? 93  TRP A CD1 1 
ATOM   748 C CD2 . TRP A 1 95 ? 8.400   -5.953  -1.846  1.00 18.89 ? 93  TRP A CD2 1 
ATOM   749 N NE1 . TRP A 1 95 ? 7.990   -6.517  0.240   1.00 15.08 ? 93  TRP A NE1 1 
ATOM   750 C CE2 . TRP A 1 95 ? 8.379   -7.013  -0.959  1.00 18.63 ? 93  TRP A CE2 1 
ATOM   751 C CE3 . TRP A 1 95 ? 8.771   -6.193  -3.167  1.00 18.23 ? 93  TRP A CE3 1 
ATOM   752 C CZ2 . TRP A 1 95 ? 8.709   -8.293  -1.340  1.00 18.37 ? 93  TRP A CZ2 1 
ATOM   753 C CZ3 . TRP A 1 95 ? 9.086   -7.453  -3.527  1.00 20.50 ? 93  TRP A CZ3 1 
ATOM   754 C CH2 . TRP A 1 95 ? 9.051   -8.490  -2.620  1.00 19.71 ? 93  TRP A CH2 1 
ATOM   755 N N   . GLU A 1 96 ? 10.730  -2.952  0.224   1.00 33.64 ? 94  GLU A N   1 
ATOM   756 C CA  . GLU A 1 96 ? 12.138  -3.145  0.450   1.00 39.66 ? 94  GLU A CA  1 
ATOM   757 C C   . GLU A 1 96 ? 12.382  -4.478  1.135   1.00 41.16 ? 94  GLU A C   1 
ATOM   758 O O   . GLU A 1 96 ? 12.537  -4.512  2.317   1.00 41.96 ? 94  GLU A O   1 
ATOM   759 C CB  . GLU A 1 96 ? 12.659  -2.044  1.379   1.00 40.24 ? 94  GLU A CB  1 
ATOM   760 C CG  . GLU A 1 96 ? 12.800  -0.661  0.774   1.00 47.84 ? 94  GLU A CG  1 
ATOM   761 C CD  . GLU A 1 96 ? 13.184  0.449   1.771   1.00 57.58 ? 94  GLU A CD  1 
ATOM   762 O OE1 . GLU A 1 96 ? 13.331  0.181   2.973   1.00 61.15 ? 94  GLU A OE1 1 
ATOM   763 O OE2 . GLU A 1 96 ? 13.343  1.612   1.348   1.00 60.30 ? 94  GLU A OE2 1 
ATOM   764 N N   . PRO A 1 97 ? 12.380  -5.577  0.400   1.00 42.86 ? 95  PRO A N   1 
ATOM   765 C CA  . PRO A 1 97 ? 12.704  -6.848  1.014   1.00 45.26 ? 95  PRO A CA  1 
ATOM   766 C C   . PRO A 1 97 ? 14.202  -6.975  1.018   1.00 48.01 ? 95  PRO A C   1 
ATOM   767 O O   . PRO A 1 97 ? 14.885  -6.141  0.497   1.00 48.50 ? 95  PRO A O   1 
ATOM   768 C CB  . PRO A 1 97 ? 12.118  -7.836  0.043   1.00 44.28 ? 95  PRO A CB  1 
ATOM   769 C CG  . PRO A 1 97 ? 12.268  -7.194  -1.200  1.00 43.84 ? 95  PRO A CG  1 
ATOM   770 C CD  . PRO A 1 97 ? 11.957  -5.791  -0.980  1.00 42.02 ? 95  PRO A CD  1 
ATOM   771 N N   . ASN A 1 98 ? 14.690  -8.030  1.578   1.00 51.86 ? 96  ASN A N   1 
ATOM   772 C CA  . ASN A 1 98 ? 16.066  -8.333  1.386   1.00 56.49 ? 96  ASN A CA  1 
ATOM   773 C C   . ASN A 1 98 ? 16.053  -9.716  0.838   1.00 57.80 ? 96  ASN A C   1 
ATOM   774 O O   . ASN A 1 98 ? 15.829  -10.669 1.533   1.00 58.45 ? 96  ASN A O   1 
ATOM   775 C CB  . ASN A 1 98 ? 16.857  -8.242  2.656   1.00 57.65 ? 96  ASN A CB  1 
ATOM   776 C CG  . ASN A 1 98 ? 18.327  -8.124  2.392   1.00 62.33 ? 96  ASN A CG  1 
ATOM   777 O OD1 . ASN A 1 98 ? 18.925  -9.026  1.841   1.00 66.79 ? 96  ASN A OD1 1 
ATOM   778 N ND2 . ASN A 1 98 ? 18.913  -6.999  2.755   1.00 65.20 ? 96  ASN A ND2 1 
ATOM   779 N N   . MET A 1 99 ? 16.227  -9.826  -0.453  1.00 59.50 ? 97  MET A N   1 
ATOM   780 C CA  . MET A 1 99 ? 16.116  -11.124 -1.030  1.00 60.52 ? 97  MET A CA  1 
ATOM   781 C C   . MET A 1 99 ? 17.426  -11.834 -1.252  1.00 61.83 ? 97  MET A C   1 
ATOM   782 O O   . MET A 1 99 ? 17.425  -12.871 -1.872  1.00 61.94 ? 97  MET A O   1 
ATOM   783 C CB  . MET A 1 99 ? 15.288  -11.054 -2.289  1.00 60.19 ? 97  MET A CB  1 
ATOM   784 C CG  . MET A 1 99 ? 13.876  -11.194 -1.965  1.00 58.76 ? 97  MET A CG  1 
ATOM   785 S SD  . MET A 1 99 ? 12.832  -10.424 -3.108  1.00 58.30 ? 97  MET A SD  1 
ATOM   786 C CE  . MET A 1 99 ? 11.756  -11.727 -3.449  1.00 54.93 ? 97  MET A CE  1 
HETATM 787 O O   . HOH B 2 .  ? -3.196  0.585   -7.885  1.00 24.90 ? 201 HOH A O   1 
HETATM 788 O O   . HOH B 2 .  ? -7.702  4.518   -3.376  1.00 21.35 ? 202 HOH A O   1 
HETATM 789 O O   . HOH B 2 .  ? -2.338  7.956   -5.012  1.00 29.82 ? 203 HOH A O   1 
HETATM 790 O O   . HOH B 2 .  ? 7.982   -3.138  -16.063 1.00 30.79 ? 204 HOH A O   1 
HETATM 791 O O   . HOH B 2 .  ? -7.687  -2.552  6.257   1.00 25.53 ? 205 HOH A O   1 
HETATM 792 O O   . HOH B 2 .  ? -2.672  -6.928  5.888   1.00 29.57 ? 206 HOH A O   1 
HETATM 793 O O   . HOH B 2 .  ? -5.565  -5.798  6.141   1.00 21.10 ? 207 HOH A O   1 
HETATM 794 O O   . HOH B 2 .  ? -7.571  7.467   11.949  1.00 18.78 ? 208 HOH A O   1 
HETATM 795 O O   . HOH B 2 .  ? 4.671   -8.784  -10.664 1.00 23.99 ? 209 HOH A O   1 
HETATM 796 O O   . HOH B 2 .  ? -7.352  14.104  2.594   1.00 23.39 ? 210 HOH A O   1 
HETATM 797 O O   . HOH B 2 .  ? -11.446 7.933   1.280   1.00 41.05 ? 211 HOH A O   1 
HETATM 798 O O   . HOH B 2 .  ? -11.786 5.392   0.331   1.00 36.68 ? 212 HOH A O   1 
HETATM 799 O O   . HOH B 2 .  ? 10.415  -2.929  -4.587  1.00 26.17 ? 213 HOH A O   1 
HETATM 800 O O   . HOH B 2 .  ? -1.139  13.689  5.302   1.00 28.90 ? 214 HOH A O   1 
HETATM 801 O O   . HOH B 2 .  ? 4.361   5.828   7.604   1.00 30.90 ? 215 HOH A O   1 
HETATM 802 O O   . HOH B 2 .  ? 8.712   -2.737  2.592   1.00 30.05 ? 216 HOH A O   1 
HETATM 803 O O   . HOH B 2 .  ? 0.219   13.398  12.262  1.00 21.68 ? 217 HOH A O   1 
HETATM 804 O O   . HOH B 2 .  ? -1.194  9.366   12.835  1.00 31.94 ? 218 HOH A O   1 
HETATM 805 O O   . HOH B 2 .  ? 7.310   1.518   -9.048  1.00 31.56 ? 219 HOH A O   1 
HETATM 806 O O   . HOH B 2 .  ? 1.851   -12.794 -10.225 1.00 43.37 ? 220 HOH A O   1 
HETATM 807 O O   . HOH B 2 .  ? 0.481   4.584   -14.623 1.00 27.61 ? 221 HOH A O   1 
HETATM 808 O O   . HOH B 2 .  ? -7.170  -5.272  -0.282  1.00 30.87 ? 222 HOH A O   1 
HETATM 809 O O   . HOH B 2 .  ? 11.327  -7.390  -7.091  1.00 36.08 ? 223 HOH A O   1 
HETATM 810 O O   . HOH B 2 .  ? -12.369 1.573   -0.455  1.00 36.27 ? 224 HOH A O   1 
HETATM 811 O O   . HOH B 2 .  ? 7.517   -14.197 -3.595  1.00 18.03 ? 225 HOH A O   1 
HETATM 812 O O   . HOH B 2 .  ? 14.959  -15.043 -4.153  1.00 32.13 ? 226 HOH A O   1 
HETATM 813 O O   . HOH B 2 .  ? 4.526   -2.286  -14.882 1.00 31.84 ? 227 HOH A O   1 
HETATM 814 O O   . HOH B 2 .  ? 16.598  -6.169  -7.391  1.00 28.45 ? 228 HOH A O   1 
HETATM 815 O O   . HOH B 2 .  ? 2.581   9.678   5.975   1.00 33.03 ? 229 HOH A O   1 
HETATM 816 O O   . HOH B 2 .  ? -15.934 0.073   10.465  1.00 39.16 ? 230 HOH A O   1 
HETATM 817 O O   . HOH B 2 .  ? 7.144   0.194   4.190   1.00 37.77 ? 231 HOH A O   1 
HETATM 818 O O   . HOH B 2 .  ? -1.628  -6.812  -11.592 1.00 31.78 ? 232 HOH A O   1 
HETATM 819 O O   . HOH B 2 .  ? 14.418  -12.311 -11.502 1.00 22.70 ? 233 HOH A O   1 
HETATM 820 O O   . HOH B 2 .  ? 7.308   0.036   -16.422 1.00 42.07 ? 234 HOH A O   1 
HETATM 821 O O   . HOH B 2 .  ? -10.634 -1.471  5.688   1.00 34.83 ? 235 HOH A O   1 
HETATM 822 O O   . HOH B 2 .  ? -16.620 3.179   7.684   1.00 38.95 ? 236 HOH A O   1 
HETATM 823 O O   . HOH B 2 .  ? 12.320  -5.388  -5.218  1.00 37.55 ? 237 HOH A O   1 
HETATM 824 O O   . HOH B 2 .  ? -14.503 2.875   1.163   1.00 40.24 ? 238 HOH A O   1 
HETATM 825 O O   . HOH B 2 .  ? -4.677  -9.295  -7.896  1.00 38.29 ? 239 HOH A O   1 
HETATM 826 O O   . HOH B 2 .  ? -1.696  4.285   15.452  1.00 40.65 ? 240 HOH A O   1 
HETATM 827 O O   . HOH B 2 .  ? -2.741  9.008   14.445  1.00 46.06 ? 241 HOH A O   1 
HETATM 828 O O   . HOH B 2 .  ? 9.359   -10.280 1.386   1.00 20.60 ? 242 HOH A O   1 
HETATM 829 O O   . HOH B 2 .  ? -10.536 5.721   -1.547  1.00 42.76 ? 243 HOH A O   1 
HETATM 830 O O   . HOH B 2 .  ? 19.286  -15.137 -6.964  1.00 45.91 ? 244 HOH A O   1 
HETATM 831 O O   . HOH B 2 .  ? 0.436   10.869  2.302   1.00 30.47 ? 245 HOH A O   1 
HETATM 832 O O   . HOH B 2 .  ? -15.919 3.044   15.607  1.00 39.05 ? 246 HOH A O   1 
HETATM 833 O O   . HOH B 2 .  ? -10.298 -4.923  11.300  1.00 43.53 ? 247 HOH A O   1 
HETATM 834 O O   . HOH B 2 .  ? -5.500  -9.597  -2.795  1.00 43.81 ? 248 HOH A O   1 
HETATM 835 O O   . HOH B 2 .  ? 15.619  -14.747 -10.663 1.00 35.90 ? 249 HOH A O   1 
HETATM 836 O O   . HOH B 2 .  ? -16.635 2.411   4.299   1.00 41.94 ? 250 HOH A O   1 
HETATM 837 O O   . HOH B 2 .  ? 12.835  -12.292 1.600   1.00 47.73 ? 251 HOH A O   1 
# 
